data_2KP6
#
_entry.id   2KP6
#
_cell.length_a   1.000
_cell.length_b   1.000
_cell.length_c   1.000
_cell.angle_alpha   90.00
_cell.angle_beta   90.00
_cell.angle_gamma   90.00
#
_symmetry.space_group_name_H-M   'P 1'
#
_entity_poly.entity_id   1
_entity_poly.type   'polypeptide(L)'
_entity_poly.pdbx_seq_one_letter_code
;QGHMDTSNHLLPGLFRQLGLEDEPAAIRAFIDSHPLPPRVPLPEAPFWTPAQAAFLRQALECDAEWSEAADGLAVLLQQG
EA
;
_entity_poly.pdbx_strand_id   A
#
# COMPACT_ATOMS: atom_id res chain seq x y z
N MET A 4 -6.02 -7.65 5.84
CA MET A 4 -5.54 -7.81 4.44
C MET A 4 -6.59 -7.23 3.48
N ASP A 5 -6.90 -5.94 3.70
CA ASP A 5 -8.09 -5.28 3.14
C ASP A 5 -8.02 -3.76 3.29
N THR A 6 -9.01 -3.06 2.69
CA THR A 6 -9.14 -1.59 2.73
C THR A 6 -9.56 -1.09 4.13
N SER A 7 -10.25 -1.96 4.89
CA SER A 7 -10.82 -1.62 6.20
C SER A 7 -9.75 -1.62 7.32
N ASN A 8 -8.49 -2.04 6.96
CA ASN A 8 -7.32 -1.91 7.85
C ASN A 8 -7.13 -0.45 8.24
N HIS A 9 -7.26 -0.16 9.56
CA HIS A 9 -7.03 1.19 10.13
C HIS A 9 -5.54 1.60 10.05
N LEU A 10 -4.67 0.66 9.64
CA LEU A 10 -3.26 0.92 9.36
C LEU A 10 -3.10 1.70 8.03
N LEU A 11 -4.01 1.44 7.05
CA LEU A 11 -3.98 2.14 5.73
C LEU A 11 -4.08 3.70 5.88
N PRO A 12 -5.06 4.28 6.67
CA PRO A 12 -5.08 5.73 7.00
C PRO A 12 -3.69 6.30 7.39
N GLY A 13 -3.03 5.65 8.36
CA GLY A 13 -1.71 6.09 8.84
C GLY A 13 -0.58 5.86 7.82
N LEU A 14 -0.72 4.78 7.03
CA LEU A 14 0.28 4.38 6.03
C LEU A 14 0.27 5.35 4.84
N PHE A 15 -0.92 5.83 4.47
CA PHE A 15 -1.10 6.76 3.35
C PHE A 15 -0.59 8.15 3.72
N ARG A 16 -0.89 8.61 4.95
CA ARG A 16 -0.35 9.88 5.50
C ARG A 16 1.20 9.85 5.53
N GLN A 17 1.74 8.66 5.84
CA GLN A 17 3.20 8.38 5.79
C GLN A 17 3.76 8.56 4.35
N LEU A 18 2.98 8.08 3.37
CA LEU A 18 3.37 8.13 1.93
C LEU A 18 2.96 9.47 1.26
N GLY A 19 2.16 10.31 1.98
CA GLY A 19 1.74 11.63 1.50
C GLY A 19 0.41 11.62 0.74
N LEU A 20 -0.55 10.83 1.23
CA LEU A 20 -1.92 10.67 0.67
C LEU A 20 -2.96 10.87 1.80
N GLU A 21 -4.27 10.78 1.44
CA GLU A 21 -5.38 10.95 2.40
C GLU A 21 -5.55 9.73 3.30
N ASP A 22 -6.07 9.98 4.52
CA ASP A 22 -6.41 8.92 5.51
C ASP A 22 -7.88 8.52 5.40
N GLU A 23 -8.63 9.18 4.50
CA GLU A 23 -10.04 8.90 4.25
C GLU A 23 -10.16 7.55 3.51
N PRO A 24 -10.72 6.46 4.15
CA PRO A 24 -10.81 5.10 3.54
C PRO A 24 -11.56 5.07 2.19
N ALA A 25 -12.47 6.04 2.00
CA ALA A 25 -13.20 6.24 0.73
C ALA A 25 -12.23 6.72 -0.37
N ALA A 26 -11.34 7.66 0.00
CA ALA A 26 -10.31 8.22 -0.91
C ALA A 26 -9.19 7.20 -1.15
N ILE A 27 -8.86 6.42 -0.09
CA ILE A 27 -7.80 5.40 -0.09
C ILE A 27 -8.09 4.30 -1.11
N ARG A 28 -9.32 3.76 -1.04
CA ARG A 28 -9.78 2.70 -1.95
C ARG A 28 -9.88 3.23 -3.39
N ALA A 29 -10.13 4.55 -3.52
CA ALA A 29 -10.22 5.24 -4.81
C ALA A 29 -8.82 5.42 -5.45
N PHE A 30 -7.80 5.67 -4.62
CA PHE A 30 -6.39 5.85 -5.09
C PHE A 30 -5.84 4.54 -5.67
N ILE A 31 -6.00 3.45 -4.90
CA ILE A 31 -5.47 2.11 -5.25
C ILE A 31 -6.25 1.49 -6.43
N ASP A 32 -7.54 1.85 -6.56
CA ASP A 32 -8.38 1.45 -7.69
C ASP A 32 -7.94 2.18 -8.97
N SER A 33 -7.73 3.50 -8.84
CA SER A 33 -7.33 4.37 -9.98
C SER A 33 -5.90 4.05 -10.44
N HIS A 34 -5.07 3.53 -9.51
CA HIS A 34 -3.65 3.20 -9.76
C HIS A 34 -3.33 1.81 -9.15
N PRO A 35 -3.74 0.68 -9.82
CA PRO A 35 -3.43 -0.69 -9.35
C PRO A 35 -2.00 -1.12 -9.73
N LEU A 36 -1.64 -2.35 -9.34
CA LEU A 36 -0.33 -2.98 -9.67
C LEU A 36 -0.56 -4.35 -10.33
N PRO A 37 0.38 -4.83 -11.21
CA PRO A 37 0.35 -6.20 -11.74
C PRO A 37 0.66 -7.22 -10.61
N PRO A 38 0.10 -8.47 -10.65
CA PRO A 38 0.35 -9.51 -9.62
C PRO A 38 1.82 -10.03 -9.60
N ARG A 39 2.65 -9.55 -10.54
CA ARG A 39 4.12 -9.83 -10.56
C ARG A 39 4.87 -8.74 -9.76
N VAL A 40 4.34 -7.50 -9.77
CA VAL A 40 4.99 -6.33 -9.15
C VAL A 40 4.36 -6.02 -7.76
N PRO A 41 5.09 -6.31 -6.63
CA PRO A 41 4.61 -5.98 -5.27
C PRO A 41 4.69 -4.48 -4.93
N LEU A 42 4.29 -4.16 -3.69
CA LEU A 42 4.14 -2.78 -3.18
C LEU A 42 5.49 -1.97 -3.19
N PRO A 43 6.65 -2.51 -2.64
CA PRO A 43 7.94 -1.75 -2.62
C PRO A 43 8.64 -1.70 -4.00
N GLU A 44 8.17 -2.53 -4.95
CA GLU A 44 8.70 -2.59 -6.32
C GLU A 44 7.83 -1.76 -7.28
N ALA A 45 6.79 -1.11 -6.72
CA ALA A 45 5.90 -0.23 -7.48
C ALA A 45 6.62 1.09 -7.83
N PRO A 46 6.66 1.50 -9.15
CA PRO A 46 7.22 2.81 -9.56
C PRO A 46 6.25 3.98 -9.25
N PHE A 47 5.07 3.64 -8.72
CA PHE A 47 4.06 4.61 -8.27
C PHE A 47 4.55 5.36 -7.01
N TRP A 48 5.26 4.63 -6.11
CA TRP A 48 5.84 5.21 -4.89
C TRP A 48 7.24 5.78 -5.20
N THR A 49 7.62 6.83 -4.45
CA THR A 49 8.94 7.46 -4.56
C THR A 49 10.03 6.52 -3.97
N PRO A 50 11.31 6.55 -4.49
CA PRO A 50 12.35 5.52 -4.17
C PRO A 50 12.65 5.37 -2.66
N ALA A 51 12.62 6.49 -1.91
CA ALA A 51 12.85 6.50 -0.45
C ALA A 51 11.65 5.87 0.30
N GLN A 52 10.43 6.24 -0.12
CA GLN A 52 9.16 5.72 0.46
C GLN A 52 8.96 4.22 0.10
N ALA A 53 9.49 3.81 -1.07
CA ALA A 53 9.39 2.43 -1.58
C ALA A 53 10.37 1.52 -0.83
N ALA A 54 11.57 2.06 -0.55
CA ALA A 54 12.60 1.38 0.27
C ALA A 54 12.16 1.33 1.75
N PHE A 55 11.36 2.33 2.17
CA PHE A 55 10.82 2.41 3.53
C PHE A 55 9.73 1.33 3.73
N LEU A 56 8.84 1.20 2.71
CA LEU A 56 7.82 0.13 2.65
C LEU A 56 8.50 -1.24 2.65
N ARG A 57 9.62 -1.33 1.89
CA ARG A 57 10.37 -2.57 1.69
C ARG A 57 10.81 -3.21 3.02
N GLN A 58 11.18 -2.36 4.01
CA GLN A 58 11.64 -2.80 5.34
C GLN A 58 10.61 -3.72 6.04
N ALA A 59 9.31 -3.38 5.87
CA ALA A 59 8.18 -4.16 6.42
C ALA A 59 7.98 -5.48 5.65
N LEU A 60 8.46 -5.53 4.38
CA LEU A 60 8.43 -6.75 3.54
C LEU A 60 9.74 -7.59 3.68
N GLU A 61 10.83 -6.97 4.18
CA GLU A 61 12.13 -7.66 4.41
C GLU A 61 12.06 -8.44 5.73
N CYS A 62 11.54 -7.75 6.75
CA CYS A 62 11.33 -8.31 8.09
C CYS A 62 9.96 -7.85 8.60
N ASP A 63 9.28 -8.74 9.33
CA ASP A 63 7.96 -8.46 9.92
C ASP A 63 8.04 -7.26 10.89
N ALA A 64 7.50 -6.11 10.45
CA ALA A 64 7.52 -4.85 11.22
C ALA A 64 6.16 -4.57 11.87
N GLU A 65 6.02 -3.37 12.47
CA GLU A 65 4.72 -2.87 12.99
C GLU A 65 3.80 -2.46 11.82
N TRP A 66 4.41 -2.10 10.68
CA TRP A 66 3.70 -1.78 9.42
C TRP A 66 3.56 -3.04 8.53
N SER A 67 3.63 -4.24 9.15
CA SER A 67 3.54 -5.51 8.41
C SER A 67 2.14 -5.67 7.79
N GLU A 68 1.08 -5.50 8.61
CA GLU A 68 -0.32 -5.59 8.13
C GLU A 68 -0.70 -4.36 7.27
N ALA A 69 0.01 -3.24 7.45
CA ALA A 69 -0.19 -2.04 6.63
C ALA A 69 0.28 -2.31 5.18
N ALA A 70 1.50 -2.82 5.06
CA ALA A 70 2.17 -3.05 3.77
C ALA A 70 1.62 -4.28 3.04
N ASP A 71 1.39 -5.37 3.80
CA ASP A 71 0.80 -6.63 3.28
C ASP A 71 -0.67 -6.42 2.91
N GLY A 72 -1.39 -5.78 3.84
CA GLY A 72 -2.82 -5.50 3.68
C GLY A 72 -3.12 -4.52 2.57
N LEU A 73 -2.12 -3.70 2.20
CA LEU A 73 -2.21 -2.80 1.04
C LEU A 73 -1.81 -3.55 -0.25
N ALA A 74 -0.69 -4.30 -0.20
CA ALA A 74 -0.06 -4.94 -1.39
C ALA A 74 -1.01 -5.93 -2.08
N VAL A 75 -1.85 -6.61 -1.27
CA VAL A 75 -2.88 -7.54 -1.77
C VAL A 75 -3.93 -6.79 -2.63
N LEU A 76 -4.30 -5.58 -2.20
CA LEU A 76 -5.35 -4.75 -2.86
C LEU A 76 -4.91 -4.27 -4.24
N LEU A 77 -3.63 -3.89 -4.33
CA LEU A 77 -3.02 -3.37 -5.56
C LEU A 77 -2.87 -4.48 -6.62
N GLN A 78 -2.26 -5.61 -6.21
CA GLN A 78 -1.95 -6.74 -7.11
C GLN A 78 -3.20 -7.57 -7.44
N GLN A 79 -4.19 -7.53 -6.53
CA GLN A 79 -5.51 -8.19 -6.73
C GLN A 79 -6.58 -7.09 -6.87
N GLY A 80 -6.30 -6.11 -7.75
CA GLY A 80 -7.21 -4.96 -7.96
C GLY A 80 -8.38 -5.28 -8.88
N GLU A 81 -8.55 -4.46 -9.93
CA GLU A 81 -9.63 -4.63 -10.93
C GLU A 81 -9.06 -5.21 -12.23
N ALA A 82 -9.78 -5.03 -13.36
CA ALA A 82 -9.30 -5.38 -14.70
C ALA A 82 -8.01 -4.57 -15.05
N MET A 4 -9.82 -8.54 4.98
CA MET A 4 -10.01 -7.32 4.18
C MET A 4 -9.49 -6.12 4.97
N ASP A 5 -8.41 -5.48 4.47
CA ASP A 5 -7.73 -4.36 5.17
C ASP A 5 -8.30 -2.97 4.77
N THR A 6 -9.20 -2.95 3.78
CA THR A 6 -9.85 -1.70 3.31
C THR A 6 -10.70 -1.08 4.44
N SER A 7 -10.60 0.26 4.59
CA SER A 7 -11.31 1.06 5.63
C SER A 7 -10.66 0.94 7.03
N ASN A 8 -9.96 -0.18 7.31
CA ASN A 8 -9.25 -0.41 8.58
C ASN A 8 -8.04 0.52 8.68
N HIS A 9 -7.71 0.96 9.92
CA HIS A 9 -6.73 2.06 10.16
C HIS A 9 -5.28 1.72 9.73
N LEU A 10 -5.07 0.50 9.24
CA LEU A 10 -3.80 0.08 8.62
C LEU A 10 -3.53 0.90 7.34
N LEU A 11 -4.59 1.11 6.52
CA LEU A 11 -4.52 1.94 5.30
C LEU A 11 -4.41 3.46 5.65
N PRO A 12 -5.39 4.13 6.39
CA PRO A 12 -5.21 5.54 6.87
C PRO A 12 -3.82 5.82 7.46
N GLY A 13 -3.34 4.89 8.30
CA GLY A 13 -2.05 5.01 8.96
C GLY A 13 -0.86 5.02 7.99
N LEU A 14 -0.82 4.01 7.11
CA LEU A 14 0.31 3.81 6.17
C LEU A 14 0.32 4.92 5.09
N PHE A 15 -0.87 5.38 4.67
CA PHE A 15 -1.02 6.46 3.66
C PHE A 15 -0.50 7.81 4.21
N ARG A 16 -0.64 8.03 5.53
CA ARG A 16 -0.07 9.22 6.21
C ARG A 16 1.48 9.15 6.21
N GLN A 17 2.02 7.92 6.21
CA GLN A 17 3.48 7.68 6.16
C GLN A 17 4.01 7.84 4.71
N LEU A 18 3.13 7.60 3.73
CA LEU A 18 3.45 7.69 2.29
C LEU A 18 3.06 9.06 1.70
N GLY A 19 2.46 9.92 2.55
CA GLY A 19 2.09 11.30 2.18
C GLY A 19 0.76 11.40 1.43
N LEU A 20 0.06 10.27 1.25
CA LEU A 20 -1.26 10.20 0.60
C LEU A 20 -2.38 10.57 1.59
N GLU A 21 -3.63 10.52 1.11
CA GLU A 21 -4.82 10.85 1.91
C GLU A 21 -5.17 9.68 2.84
N ASP A 22 -5.58 9.99 4.07
CA ASP A 22 -5.98 8.98 5.08
C ASP A 22 -7.50 8.77 5.10
N GLU A 23 -8.22 9.49 4.23
CA GLU A 23 -9.68 9.39 4.08
C GLU A 23 -10.03 8.06 3.37
N PRO A 24 -10.90 7.18 3.98
CA PRO A 24 -11.21 5.83 3.41
C PRO A 24 -11.81 5.90 1.98
N ALA A 25 -12.56 6.98 1.70
CA ALA A 25 -13.17 7.22 0.38
C ALA A 25 -12.10 7.52 -0.68
N ALA A 26 -11.09 8.32 -0.29
CA ALA A 26 -9.97 8.72 -1.16
C ALA A 26 -9.03 7.51 -1.41
N ILE A 27 -8.70 6.82 -0.31
CA ILE A 27 -7.81 5.63 -0.29
C ILE A 27 -8.29 4.55 -1.28
N ARG A 28 -9.57 4.16 -1.13
CA ARG A 28 -10.18 3.09 -1.92
C ARG A 28 -10.22 3.50 -3.40
N ALA A 29 -10.38 4.82 -3.64
CA ALA A 29 -10.46 5.40 -4.99
C ALA A 29 -9.10 5.33 -5.70
N PHE A 30 -7.99 5.54 -4.95
CA PHE A 30 -6.63 5.54 -5.53
C PHE A 30 -6.16 4.12 -5.88
N ILE A 31 -6.37 3.18 -4.94
CA ILE A 31 -5.93 1.77 -5.11
C ILE A 31 -6.75 1.05 -6.20
N ASP A 32 -8.01 1.50 -6.39
CA ASP A 32 -8.92 0.98 -7.43
C ASP A 32 -8.59 1.59 -8.82
N SER A 33 -8.34 2.92 -8.84
CA SER A 33 -8.05 3.67 -10.09
C SER A 33 -6.64 3.37 -10.61
N HIS A 34 -5.77 2.96 -9.68
CA HIS A 34 -4.40 2.55 -9.98
C HIS A 34 -4.03 1.34 -9.11
N PRO A 35 -4.40 0.09 -9.55
CA PRO A 35 -3.88 -1.16 -8.95
C PRO A 35 -2.43 -1.42 -9.39
N LEU A 36 -1.92 -2.63 -9.08
CA LEU A 36 -0.55 -3.06 -9.44
C LEU A 36 -0.58 -4.43 -10.13
N PRO A 37 0.44 -4.74 -11.00
CA PRO A 37 0.62 -6.10 -11.56
C PRO A 37 0.95 -7.11 -10.43
N PRO A 38 0.51 -8.40 -10.54
CA PRO A 38 0.86 -9.45 -9.55
C PRO A 38 2.38 -9.76 -9.54
N ARG A 39 3.08 -9.33 -10.61
CA ARG A 39 4.55 -9.45 -10.72
C ARG A 39 5.25 -8.29 -9.96
N VAL A 40 4.64 -7.08 -10.00
CA VAL A 40 5.20 -5.88 -9.35
C VAL A 40 4.49 -5.62 -8.00
N PRO A 41 5.14 -5.99 -6.84
CA PRO A 41 4.55 -5.76 -5.50
C PRO A 41 4.55 -4.28 -5.08
N LEU A 42 4.00 -4.04 -3.87
CA LEU A 42 3.82 -2.68 -3.31
C LEU A 42 5.13 -1.83 -3.30
N PRO A 43 6.29 -2.32 -2.70
CA PRO A 43 7.53 -1.51 -2.63
C PRO A 43 8.21 -1.29 -4.00
N GLU A 44 7.89 -2.17 -4.97
CA GLU A 44 8.50 -2.15 -6.31
C GLU A 44 7.66 -1.33 -7.29
N ALA A 45 6.55 -0.73 -6.81
CA ALA A 45 5.71 0.16 -7.62
C ALA A 45 6.45 1.49 -7.88
N PRO A 46 6.71 1.88 -9.18
CA PRO A 46 7.35 3.17 -9.54
C PRO A 46 6.51 4.42 -9.14
N PHE A 47 5.25 4.18 -8.73
CA PHE A 47 4.35 5.23 -8.18
C PHE A 47 4.96 5.88 -6.92
N TRP A 48 5.65 5.06 -6.09
CA TRP A 48 6.27 5.54 -4.84
C TRP A 48 7.61 6.20 -5.13
N THR A 49 8.02 7.08 -4.21
CA THR A 49 9.35 7.71 -4.22
C THR A 49 10.38 6.70 -3.66
N PRO A 50 11.69 6.73 -4.10
CA PRO A 50 12.68 5.65 -3.77
C PRO A 50 12.89 5.42 -2.25
N ALA A 51 12.71 6.49 -1.45
CA ALA A 51 12.82 6.41 0.03
C ALA A 51 11.62 5.66 0.63
N GLN A 52 10.41 6.13 0.28
CA GLN A 52 9.12 5.58 0.78
C GLN A 52 8.94 4.10 0.36
N ALA A 53 9.39 3.81 -0.87
CA ALA A 53 9.37 2.45 -1.45
C ALA A 53 10.36 1.52 -0.71
N ALA A 54 11.49 2.10 -0.27
CA ALA A 54 12.52 1.37 0.50
C ALA A 54 12.00 0.98 1.90
N PHE A 55 11.27 1.91 2.54
CA PHE A 55 10.65 1.69 3.87
C PHE A 55 9.52 0.64 3.77
N LEU A 56 8.78 0.67 2.63
CA LEU A 56 7.75 -0.35 2.32
C LEU A 56 8.42 -1.72 2.16
N ARG A 57 9.61 -1.77 1.53
CA ARG A 57 10.33 -3.03 1.27
C ARG A 57 10.74 -3.68 2.60
N GLN A 58 11.17 -2.84 3.56
CA GLN A 58 11.54 -3.29 4.92
C GLN A 58 10.32 -3.78 5.72
N ALA A 59 9.14 -3.20 5.42
CA ALA A 59 7.86 -3.61 6.01
C ALA A 59 7.41 -4.99 5.45
N LEU A 60 7.67 -5.23 4.15
CA LEU A 60 7.39 -6.54 3.50
C LEU A 60 8.47 -7.58 3.85
N GLU A 61 9.71 -7.11 4.12
CA GLU A 61 10.89 -7.96 4.37
C GLU A 61 10.79 -8.62 5.76
N CYS A 62 10.59 -7.78 6.78
CA CYS A 62 10.57 -8.18 8.20
C CYS A 62 9.41 -7.47 8.92
N ASP A 63 9.14 -7.87 10.17
CA ASP A 63 8.06 -7.28 10.99
C ASP A 63 8.45 -5.88 11.46
N ALA A 64 8.15 -4.90 10.59
CA ALA A 64 8.26 -3.47 10.89
C ALA A 64 6.90 -2.97 11.45
N GLU A 65 6.81 -1.64 11.68
CA GLU A 65 5.59 -0.99 12.22
C GLU A 65 4.38 -1.17 11.29
N TRP A 66 4.64 -1.36 9.99
CA TRP A 66 3.59 -1.51 8.95
C TRP A 66 3.78 -2.82 8.17
N SER A 67 4.26 -3.88 8.84
CA SER A 67 4.46 -5.19 8.19
C SER A 67 3.12 -5.80 7.76
N GLU A 68 2.12 -5.72 8.66
CA GLU A 68 0.76 -6.22 8.41
C GLU A 68 0.02 -5.31 7.41
N ALA A 69 0.21 -3.98 7.57
CA ALA A 69 -0.48 -2.94 6.78
C ALA A 69 -0.02 -2.93 5.32
N ALA A 70 1.29 -3.08 5.12
CA ALA A 70 1.93 -3.04 3.78
C ALA A 70 1.77 -4.38 3.04
N ASP A 71 1.62 -5.48 3.81
CA ASP A 71 1.31 -6.82 3.24
C ASP A 71 -0.13 -6.82 2.69
N GLY A 72 -1.05 -6.35 3.54
CA GLY A 72 -2.46 -6.23 3.18
C GLY A 72 -2.68 -5.24 2.06
N LEU A 73 -1.95 -4.11 2.08
CA LEU A 73 -2.04 -3.09 1.03
C LEU A 73 -1.47 -3.63 -0.28
N ALA A 74 -0.38 -4.42 -0.19
CA ALA A 74 0.28 -5.06 -1.38
C ALA A 74 -0.73 -5.90 -2.16
N VAL A 75 -1.49 -6.75 -1.43
CA VAL A 75 -2.46 -7.66 -2.03
C VAL A 75 -3.75 -6.91 -2.49
N LEU A 76 -4.08 -5.76 -1.84
CA LEU A 76 -5.22 -4.91 -2.24
C LEU A 76 -4.94 -4.20 -3.58
N LEU A 77 -3.66 -3.90 -3.83
CA LEU A 77 -3.20 -3.31 -5.10
C LEU A 77 -3.11 -4.38 -6.20
N GLN A 78 -2.42 -5.49 -5.90
CA GLN A 78 -2.14 -6.56 -6.89
C GLN A 78 -3.39 -7.41 -7.20
N GLN A 79 -4.43 -7.33 -6.33
CA GLN A 79 -5.74 -7.97 -6.57
C GLN A 79 -6.85 -6.90 -6.59
N GLY A 80 -6.47 -5.67 -6.97
CA GLY A 80 -7.38 -4.53 -7.04
C GLY A 80 -8.50 -4.73 -8.07
N GLU A 81 -9.66 -5.20 -7.58
CA GLU A 81 -10.85 -5.47 -8.38
C GLU A 81 -12.09 -5.30 -7.48
N ALA A 82 -12.80 -4.18 -7.66
CA ALA A 82 -14.01 -3.84 -6.88
C ALA A 82 -15.24 -3.80 -7.81
N MET A 4 -5.11 -6.56 5.77
CA MET A 4 -5.53 -7.58 4.77
C MET A 4 -6.69 -7.06 3.90
N ASP A 5 -7.28 -5.93 4.33
CA ASP A 5 -8.36 -5.25 3.62
C ASP A 5 -8.12 -3.73 3.66
N THR A 6 -9.05 -2.94 3.09
CA THR A 6 -8.91 -1.48 2.98
C THR A 6 -9.42 -0.74 4.24
N SER A 7 -10.36 -1.39 4.98
CA SER A 7 -11.03 -0.79 6.15
C SER A 7 -10.13 -0.79 7.41
N ASN A 8 -8.94 -1.42 7.28
CA ASN A 8 -7.91 -1.40 8.33
C ASN A 8 -7.42 0.04 8.61
N HIS A 9 -7.42 0.45 9.89
CA HIS A 9 -6.92 1.76 10.36
C HIS A 9 -5.39 1.93 10.08
N LEU A 10 -4.73 0.82 9.76
CA LEU A 10 -3.32 0.77 9.35
C LEU A 10 -3.08 1.52 8.03
N LEU A 11 -4.04 1.47 7.09
CA LEU A 11 -3.92 2.19 5.81
C LEU A 11 -3.96 3.73 6.06
N PRO A 12 -5.00 4.34 6.76
CA PRO A 12 -4.96 5.77 7.17
C PRO A 12 -3.60 6.22 7.77
N GLY A 13 -3.05 5.39 8.68
CA GLY A 13 -1.76 5.67 9.32
C GLY A 13 -0.57 5.60 8.36
N LEU A 14 -0.60 4.61 7.45
CA LEU A 14 0.49 4.36 6.46
C LEU A 14 0.51 5.47 5.39
N PHE A 15 -0.68 5.92 4.97
CA PHE A 15 -0.83 6.94 3.92
C PHE A 15 -0.40 8.32 4.43
N ARG A 16 -0.75 8.65 5.68
CA ARG A 16 -0.38 9.94 6.34
C ARG A 16 1.14 10.22 6.23
N GLN A 17 1.94 9.21 6.62
CA GLN A 17 3.42 9.30 6.62
C GLN A 17 4.01 9.16 5.20
N LEU A 18 3.23 8.59 4.25
CA LEU A 18 3.61 8.49 2.82
C LEU A 18 3.15 9.73 2.01
N GLY A 19 2.45 10.67 2.69
CA GLY A 19 2.00 11.93 2.08
C GLY A 19 0.78 11.78 1.17
N LEU A 20 -0.15 10.91 1.61
CA LEU A 20 -1.39 10.56 0.89
C LEU A 20 -2.59 10.70 1.85
N GLU A 21 -3.81 10.66 1.31
CA GLU A 21 -5.06 10.87 2.07
C GLU A 21 -5.37 9.67 2.98
N ASP A 22 -5.78 9.97 4.22
CA ASP A 22 -6.03 8.97 5.28
C ASP A 22 -7.50 8.48 5.26
N GLU A 23 -8.33 9.11 4.41
CA GLU A 23 -9.77 8.82 4.33
C GLU A 23 -10.00 7.54 3.52
N PRO A 24 -10.66 6.48 4.12
CA PRO A 24 -10.90 5.16 3.47
C PRO A 24 -11.57 5.28 2.09
N ALA A 25 -12.44 6.31 1.92
CA ALA A 25 -13.12 6.61 0.64
C ALA A 25 -12.10 6.93 -0.47
N ALA A 26 -11.10 7.74 -0.11
CA ALA A 26 -10.01 8.16 -1.02
C ALA A 26 -9.01 7.01 -1.24
N ILE A 27 -8.74 6.25 -0.16
CA ILE A 27 -7.76 5.15 -0.14
C ILE A 27 -8.19 4.01 -1.10
N ARG A 28 -9.46 3.57 -0.96
CA ARG A 28 -10.04 2.51 -1.81
C ARG A 28 -10.13 2.97 -3.27
N ALA A 29 -10.20 4.28 -3.46
CA ALA A 29 -10.26 4.91 -4.79
C ALA A 29 -8.88 4.93 -5.47
N PHE A 30 -7.80 5.15 -4.67
CA PHE A 30 -6.40 5.18 -5.19
C PHE A 30 -6.00 3.82 -5.75
N ILE A 31 -6.20 2.78 -4.92
CA ILE A 31 -5.84 1.39 -5.23
C ILE A 31 -6.69 0.83 -6.41
N ASP A 32 -7.91 1.36 -6.55
CA ASP A 32 -8.87 0.95 -7.59
C ASP A 32 -8.53 1.63 -8.93
N SER A 33 -8.14 2.93 -8.88
CA SER A 33 -7.85 3.76 -10.07
C SER A 33 -6.52 3.34 -10.73
N HIS A 34 -5.55 2.93 -9.90
CA HIS A 34 -4.25 2.42 -10.35
C HIS A 34 -3.86 1.19 -9.52
N PRO A 35 -4.13 -0.05 -10.04
CA PRO A 35 -3.62 -1.29 -9.43
C PRO A 35 -2.16 -1.59 -9.83
N LEU A 36 -1.68 -2.78 -9.45
CA LEU A 36 -0.34 -3.30 -9.78
C LEU A 36 -0.48 -4.73 -10.34
N PRO A 37 0.53 -5.23 -11.14
CA PRO A 37 0.60 -6.65 -11.53
C PRO A 37 0.95 -7.54 -10.31
N PRO A 38 0.46 -8.83 -10.24
CA PRO A 38 0.74 -9.73 -9.09
C PRO A 38 2.22 -10.15 -8.99
N ARG A 39 3.01 -9.90 -10.06
CA ARG A 39 4.47 -10.16 -10.07
C ARG A 39 5.28 -8.93 -9.61
N VAL A 40 4.63 -7.73 -9.61
CA VAL A 40 5.24 -6.51 -9.06
C VAL A 40 4.64 -6.21 -7.66
N PRO A 41 5.39 -6.50 -6.54
CA PRO A 41 4.94 -6.17 -5.17
C PRO A 41 4.79 -4.66 -4.90
N LEU A 42 4.22 -4.33 -3.73
CA LEU A 42 3.88 -2.95 -3.33
C LEU A 42 5.09 -1.97 -3.43
N PRO A 43 6.30 -2.25 -2.78
CA PRO A 43 7.45 -1.28 -2.79
C PRO A 43 8.08 -1.11 -4.18
N GLU A 44 7.81 -2.08 -5.08
CA GLU A 44 8.35 -2.11 -6.44
C GLU A 44 7.48 -1.33 -7.43
N ALA A 45 6.37 -0.73 -6.93
CA ALA A 45 5.56 0.19 -7.71
C ALA A 45 6.39 1.46 -8.04
N PRO A 46 6.53 1.84 -9.37
CA PRO A 46 7.26 3.07 -9.78
C PRO A 46 6.55 4.37 -9.29
N PHE A 47 5.31 4.21 -8.80
CA PHE A 47 4.51 5.28 -8.18
C PHE A 47 5.17 5.83 -6.90
N TRP A 48 5.90 4.97 -6.15
CA TRP A 48 6.56 5.37 -4.90
C TRP A 48 7.91 6.04 -5.20
N THR A 49 8.23 7.07 -4.42
CA THR A 49 9.55 7.69 -4.37
C THR A 49 10.55 6.69 -3.73
N PRO A 50 11.86 6.67 -4.15
CA PRO A 50 12.83 5.61 -3.73
C PRO A 50 12.99 5.48 -2.20
N ALA A 51 12.79 6.59 -1.45
CA ALA A 51 12.85 6.61 0.03
C ALA A 51 11.61 5.91 0.64
N GLN A 52 10.42 6.28 0.14
CA GLN A 52 9.12 5.72 0.57
C GLN A 52 8.96 4.25 0.12
N ALA A 53 9.64 3.90 -0.98
CA ALA A 53 9.68 2.53 -1.53
C ALA A 53 10.62 1.66 -0.69
N ALA A 54 11.74 2.27 -0.23
CA ALA A 54 12.72 1.62 0.66
C ALA A 54 12.10 1.33 2.04
N PHE A 55 11.23 2.26 2.48
CA PHE A 55 10.46 2.16 3.72
C PHE A 55 9.52 0.93 3.70
N LEU A 56 8.77 0.80 2.59
CA LEU A 56 7.84 -0.34 2.37
C LEU A 56 8.60 -1.65 2.14
N ARG A 57 9.80 -1.54 1.52
CA ARG A 57 10.67 -2.69 1.18
C ARG A 57 11.08 -3.44 2.47
N GLN A 58 11.46 -2.65 3.50
CA GLN A 58 11.82 -3.16 4.84
C GLN A 58 10.62 -3.85 5.52
N ALA A 59 9.41 -3.27 5.31
CA ALA A 59 8.15 -3.78 5.88
C ALA A 59 7.70 -5.10 5.19
N LEU A 60 8.17 -5.33 3.93
CA LEU A 60 7.86 -6.56 3.15
C LEU A 60 8.82 -7.72 3.50
N GLU A 61 10.10 -7.43 3.78
CA GLU A 61 11.07 -8.46 4.19
C GLU A 61 10.93 -8.77 5.69
N CYS A 62 11.19 -7.75 6.51
CA CYS A 62 11.07 -7.84 7.97
C CYS A 62 9.65 -7.42 8.38
N ASP A 63 8.94 -8.28 9.12
CA ASP A 63 7.58 -8.00 9.58
C ASP A 63 7.58 -6.80 10.56
N ALA A 64 7.44 -5.60 9.99
CA ALA A 64 7.50 -4.34 10.73
C ALA A 64 6.18 -4.05 11.47
N GLU A 65 6.11 -2.84 12.05
CA GLU A 65 4.84 -2.30 12.61
C GLU A 65 3.80 -2.11 11.48
N TRP A 66 4.30 -1.86 10.26
CA TRP A 66 3.47 -1.71 9.05
C TRP A 66 3.53 -2.98 8.19
N SER A 67 3.67 -4.15 8.83
CA SER A 67 3.70 -5.45 8.13
C SER A 67 2.32 -5.75 7.51
N GLU A 68 1.26 -5.66 8.35
CA GLU A 68 -0.14 -5.87 7.94
C GLU A 68 -0.67 -4.67 7.11
N ALA A 69 -0.06 -3.49 7.30
CA ALA A 69 -0.41 -2.29 6.53
C ALA A 69 0.07 -2.42 5.09
N ALA A 70 1.34 -2.83 4.92
CA ALA A 70 2.00 -2.94 3.60
C ALA A 70 1.51 -4.18 2.84
N ASP A 71 1.27 -5.28 3.57
CA ASP A 71 0.69 -6.53 3.01
C ASP A 71 -0.78 -6.31 2.64
N GLY A 72 -1.53 -5.73 3.60
CA GLY A 72 -2.95 -5.42 3.43
C GLY A 72 -3.23 -4.34 2.41
N LEU A 73 -2.21 -3.54 2.09
CA LEU A 73 -2.26 -2.58 0.98
C LEU A 73 -1.89 -3.31 -0.33
N ALA A 74 -0.84 -4.15 -0.27
CA ALA A 74 -0.28 -4.87 -1.45
C ALA A 74 -1.34 -5.71 -2.17
N VAL A 75 -2.19 -6.40 -1.38
CA VAL A 75 -3.27 -7.26 -1.89
C VAL A 75 -4.33 -6.45 -2.69
N LEU A 76 -4.51 -5.17 -2.34
CA LEU A 76 -5.49 -4.29 -3.02
C LEU A 76 -5.02 -3.96 -4.44
N LEU A 77 -3.70 -3.76 -4.58
CA LEU A 77 -3.08 -3.38 -5.86
C LEU A 77 -2.91 -4.62 -6.77
N GLN A 78 -2.24 -5.66 -6.25
CA GLN A 78 -1.77 -6.82 -7.04
C GLN A 78 -2.93 -7.72 -7.49
N GLN A 79 -4.03 -7.76 -6.70
CA GLN A 79 -5.25 -8.53 -7.06
C GLN A 79 -6.20 -7.68 -7.92
N GLY A 80 -5.85 -6.40 -8.12
CA GLY A 80 -6.58 -5.50 -9.00
C GLY A 80 -6.40 -5.89 -10.47
N GLU A 81 -7.32 -6.75 -10.95
CA GLU A 81 -7.34 -7.24 -12.36
C GLU A 81 -7.99 -6.20 -13.32
N ALA A 82 -8.39 -5.04 -12.74
CA ALA A 82 -9.06 -3.93 -13.44
C ALA A 82 -10.49 -4.37 -13.87
N MET A 4 -11.46 -9.64 7.21
CA MET A 4 -10.60 -8.45 7.37
C MET A 4 -10.88 -7.46 6.21
N ASP A 5 -11.54 -6.33 6.53
CA ASP A 5 -11.90 -5.29 5.54
C ASP A 5 -10.68 -4.46 5.11
N THR A 6 -10.90 -3.63 4.09
CA THR A 6 -9.89 -2.69 3.57
C THR A 6 -9.64 -1.58 4.61
N SER A 7 -10.71 -0.79 4.88
CA SER A 7 -10.63 0.40 5.73
C SER A 7 -10.57 0.01 7.22
N ASN A 8 -9.34 -0.28 7.65
CA ASN A 8 -8.95 -0.48 9.05
C ASN A 8 -7.73 0.41 9.29
N HIS A 9 -7.51 0.83 10.57
CA HIS A 9 -6.44 1.81 10.99
C HIS A 9 -5.04 1.56 10.36
N LEU A 10 -4.80 0.30 9.94
CA LEU A 10 -3.62 -0.09 9.13
C LEU A 10 -3.41 0.83 7.90
N LEU A 11 -4.43 0.93 7.02
CA LEU A 11 -4.33 1.71 5.77
C LEU A 11 -4.25 3.25 6.03
N PRO A 12 -5.20 3.93 6.80
CA PRO A 12 -5.06 5.36 7.18
C PRO A 12 -3.67 5.71 7.75
N GLY A 13 -3.21 4.91 8.74
CA GLY A 13 -1.93 5.13 9.43
C GLY A 13 -0.71 4.99 8.49
N LEU A 14 -0.82 4.07 7.52
CA LEU A 14 0.21 3.86 6.49
C LEU A 14 0.22 5.03 5.48
N PHE A 15 -0.98 5.42 4.99
CA PHE A 15 -1.18 6.47 3.97
C PHE A 15 -0.70 7.84 4.49
N ARG A 16 -0.76 8.07 5.82
CA ARG A 16 -0.20 9.29 6.46
C ARG A 16 1.32 9.41 6.20
N GLN A 17 2.02 8.28 6.37
CA GLN A 17 3.48 8.17 6.17
C GLN A 17 3.82 8.11 4.67
N LEU A 18 2.89 7.56 3.88
CA LEU A 18 3.04 7.33 2.44
C LEU A 18 2.74 8.63 1.64
N GLY A 19 2.25 9.66 2.36
CA GLY A 19 1.99 10.99 1.78
C GLY A 19 0.62 11.09 1.09
N LEU A 20 -0.18 10.03 1.22
CA LEU A 20 -1.52 9.93 0.60
C LEU A 20 -2.61 10.26 1.66
N GLU A 21 -3.88 10.14 1.22
CA GLU A 21 -5.04 10.48 2.05
C GLU A 21 -5.40 9.31 2.97
N ASP A 22 -5.56 9.59 4.28
CA ASP A 22 -5.98 8.59 5.30
C ASP A 22 -7.51 8.36 5.27
N GLU A 23 -8.19 9.09 4.37
CA GLU A 23 -9.63 9.05 4.16
C GLU A 23 -10.02 7.70 3.55
N PRO A 24 -10.82 6.82 4.27
CA PRO A 24 -11.23 5.48 3.77
C PRO A 24 -11.89 5.52 2.36
N ALA A 25 -12.62 6.62 2.10
CA ALA A 25 -13.26 6.88 0.80
C ALA A 25 -12.20 7.06 -0.31
N ALA A 26 -11.14 7.80 0.02
CA ALA A 26 -10.04 8.12 -0.92
C ALA A 26 -9.06 6.95 -1.05
N ILE A 27 -8.96 6.11 0.00
CA ILE A 27 -8.08 4.93 0.03
C ILE A 27 -8.57 3.87 -0.96
N ARG A 28 -9.86 3.48 -0.81
CA ARG A 28 -10.50 2.47 -1.67
C ARG A 28 -10.60 2.97 -3.13
N ALA A 29 -10.70 4.31 -3.29
CA ALA A 29 -10.74 4.96 -4.61
C ALA A 29 -9.35 5.03 -5.26
N PHE A 30 -8.30 5.22 -4.43
CA PHE A 30 -6.89 5.31 -4.91
C PHE A 30 -6.43 3.96 -5.48
N ILE A 31 -6.61 2.91 -4.67
CA ILE A 31 -6.15 1.54 -5.00
C ILE A 31 -6.92 0.96 -6.21
N ASP A 32 -8.18 1.42 -6.38
CA ASP A 32 -9.03 1.12 -7.53
C ASP A 32 -8.52 1.83 -8.80
N SER A 33 -8.16 3.12 -8.64
CA SER A 33 -7.71 3.98 -9.77
C SER A 33 -6.34 3.50 -10.30
N HIS A 34 -5.40 3.29 -9.38
CA HIS A 34 -4.03 2.88 -9.67
C HIS A 34 -3.74 1.54 -8.96
N PRO A 35 -3.83 0.39 -9.70
CA PRO A 35 -3.42 -0.93 -9.17
C PRO A 35 -1.93 -1.20 -9.48
N LEU A 36 -1.50 -2.44 -9.18
CA LEU A 36 -0.15 -2.96 -9.50
C LEU A 36 -0.28 -4.35 -10.14
N PRO A 37 0.73 -4.78 -10.97
CA PRO A 37 0.79 -6.16 -11.50
C PRO A 37 0.89 -7.19 -10.36
N PRO A 38 0.33 -8.44 -10.51
CA PRO A 38 0.46 -9.51 -9.47
C PRO A 38 1.93 -9.95 -9.25
N ARG A 39 2.85 -9.49 -10.14
CA ARG A 39 4.29 -9.75 -10.04
C ARG A 39 4.99 -8.63 -9.26
N VAL A 40 4.46 -7.39 -9.37
CA VAL A 40 5.08 -6.17 -8.78
C VAL A 40 4.33 -5.75 -7.49
N PRO A 41 4.93 -5.99 -6.28
CA PRO A 41 4.34 -5.54 -5.00
C PRO A 41 4.52 -4.02 -4.74
N LEU A 42 3.99 -3.57 -3.58
CA LEU A 42 3.99 -2.17 -3.12
C LEU A 42 5.42 -1.51 -3.14
N PRO A 43 6.49 -2.15 -2.52
CA PRO A 43 7.85 -1.53 -2.46
C PRO A 43 8.57 -1.54 -3.81
N GLU A 44 8.13 -2.40 -4.74
CA GLU A 44 8.75 -2.57 -6.06
C GLU A 44 8.00 -1.77 -7.13
N ALA A 45 6.99 -0.97 -6.70
CA ALA A 45 6.22 -0.10 -7.59
C ALA A 45 7.05 1.15 -7.96
N PRO A 46 7.32 1.41 -9.29
CA PRO A 46 8.07 2.62 -9.76
C PRO A 46 7.25 3.93 -9.56
N PHE A 47 5.98 3.77 -9.17
CA PHE A 47 5.07 4.88 -8.84
C PHE A 47 5.57 5.67 -7.59
N TRP A 48 6.33 4.99 -6.70
CA TRP A 48 6.92 5.61 -5.50
C TRP A 48 8.36 6.04 -5.79
N THR A 49 8.88 6.96 -4.97
CA THR A 49 10.29 7.38 -5.00
C THR A 49 11.17 6.26 -4.40
N PRO A 50 12.45 6.08 -4.85
CA PRO A 50 13.34 4.99 -4.35
C PRO A 50 13.61 5.07 -2.82
N ALA A 51 13.43 6.27 -2.24
CA ALA A 51 13.53 6.48 -0.78
C ALA A 51 12.29 5.90 -0.06
N GLN A 52 11.10 6.27 -0.57
CA GLN A 52 9.81 5.84 0.01
C GLN A 52 9.62 4.32 -0.15
N ALA A 53 9.95 3.83 -1.34
CA ALA A 53 9.81 2.41 -1.73
C ALA A 53 10.78 1.53 -0.92
N ALA A 54 11.93 2.11 -0.52
CA ALA A 54 12.91 1.44 0.37
C ALA A 54 12.33 1.28 1.80
N PHE A 55 11.62 2.33 2.28
CA PHE A 55 10.95 2.32 3.61
C PHE A 55 9.85 1.23 3.64
N LEU A 56 9.05 1.19 2.55
CA LEU A 56 7.99 0.19 2.34
C LEU A 56 8.62 -1.22 2.31
N ARG A 57 9.80 -1.33 1.66
CA ARG A 57 10.51 -2.62 1.48
C ARG A 57 10.94 -3.18 2.84
N GLN A 58 11.28 -2.29 3.78
CA GLN A 58 11.60 -2.68 5.17
C GLN A 58 10.36 -3.31 5.85
N ALA A 59 9.20 -2.65 5.69
CA ALA A 59 7.92 -3.07 6.30
C ALA A 59 7.38 -4.39 5.69
N LEU A 60 7.62 -4.61 4.38
CA LEU A 60 7.20 -5.85 3.68
C LEU A 60 8.16 -7.02 4.01
N GLU A 61 9.48 -6.76 3.96
CA GLU A 61 10.52 -7.79 4.10
C GLU A 61 10.59 -8.28 5.56
N CYS A 62 10.88 -7.33 6.45
CA CYS A 62 10.86 -7.53 7.90
C CYS A 62 9.49 -7.10 8.43
N ASP A 63 8.81 -8.00 9.17
CA ASP A 63 7.45 -7.73 9.67
C ASP A 63 7.47 -6.60 10.73
N ALA A 64 7.32 -5.35 10.25
CA ALA A 64 7.33 -4.13 11.08
C ALA A 64 5.93 -3.83 11.66
N GLU A 65 5.77 -2.62 12.25
CA GLU A 65 4.47 -2.13 12.75
C GLU A 65 3.43 -2.04 11.61
N TRP A 66 3.91 -1.66 10.42
CA TRP A 66 3.07 -1.42 9.23
C TRP A 66 3.28 -2.52 8.19
N SER A 67 3.65 -3.73 8.67
CA SER A 67 3.83 -4.90 7.78
C SER A 67 2.47 -5.36 7.24
N GLU A 68 1.52 -5.54 8.17
CA GLU A 68 0.13 -5.96 7.86
C GLU A 68 -0.61 -4.89 7.04
N ALA A 69 -0.25 -3.62 7.33
CA ALA A 69 -0.80 -2.45 6.63
C ALA A 69 -0.35 -2.40 5.16
N ALA A 70 0.96 -2.56 4.96
CA ALA A 70 1.61 -2.45 3.65
C ALA A 70 1.43 -3.74 2.83
N ASP A 71 1.19 -4.86 3.54
CA ASP A 71 0.86 -6.16 2.93
C ASP A 71 -0.57 -6.10 2.37
N GLY A 72 -1.48 -5.61 3.23
CA GLY A 72 -2.87 -5.39 2.88
C GLY A 72 -3.03 -4.44 1.69
N LEU A 73 -2.23 -3.36 1.69
CA LEU A 73 -2.22 -2.39 0.59
C LEU A 73 -1.71 -3.04 -0.71
N ALA A 74 -0.56 -3.74 -0.61
CA ALA A 74 0.10 -4.39 -1.76
C ALA A 74 -0.82 -5.40 -2.46
N VAL A 75 -1.51 -6.24 -1.66
CA VAL A 75 -2.40 -7.28 -2.19
C VAL A 75 -3.68 -6.67 -2.80
N LEU A 76 -4.15 -5.53 -2.25
CA LEU A 76 -5.34 -4.82 -2.82
C LEU A 76 -5.03 -4.25 -4.22
N LEU A 77 -3.77 -3.84 -4.41
CA LEU A 77 -3.26 -3.32 -5.69
C LEU A 77 -3.08 -4.47 -6.71
N GLN A 78 -2.50 -5.57 -6.25
CA GLN A 78 -2.15 -6.74 -7.10
C GLN A 78 -3.37 -7.66 -7.34
N GLN A 79 -4.43 -7.47 -6.52
CA GLN A 79 -5.72 -8.18 -6.66
C GLN A 79 -6.81 -7.16 -7.07
N GLY A 80 -6.41 -6.22 -7.96
CA GLY A 80 -7.35 -5.30 -8.61
C GLY A 80 -8.42 -6.02 -9.42
N GLU A 81 -8.06 -7.22 -9.92
CA GLU A 81 -9.00 -8.16 -10.55
C GLU A 81 -9.02 -9.42 -9.64
N ALA A 82 -10.01 -9.49 -8.73
CA ALA A 82 -10.19 -10.62 -7.80
C ALA A 82 -11.61 -10.55 -7.18
N MET A 4 -4.93 -8.03 3.77
CA MET A 4 -5.93 -7.21 4.50
C MET A 4 -6.72 -6.38 3.49
N ASP A 5 -8.03 -6.23 3.74
CA ASP A 5 -8.94 -5.42 2.91
C ASP A 5 -8.73 -3.91 3.18
N THR A 6 -9.51 -3.06 2.51
CA THR A 6 -9.33 -1.60 2.56
C THR A 6 -9.90 -1.00 3.86
N SER A 7 -11.07 -1.51 4.27
CA SER A 7 -11.82 -1.00 5.42
C SER A 7 -11.13 -1.41 6.73
N ASN A 8 -10.33 -0.47 7.30
CA ASN A 8 -9.61 -0.63 8.57
C ASN A 8 -8.90 0.69 8.92
N HIS A 9 -8.14 0.70 10.04
CA HIS A 9 -7.37 1.89 10.50
C HIS A 9 -5.86 1.76 10.17
N LEU A 10 -5.44 0.58 9.68
CA LEU A 10 -4.03 0.30 9.31
C LEU A 10 -3.63 1.09 8.06
N LEU A 11 -4.53 1.08 7.04
CA LEU A 11 -4.33 1.81 5.77
C LEU A 11 -4.26 3.36 5.99
N PRO A 12 -5.25 4.04 6.69
CA PRO A 12 -5.17 5.49 7.04
C PRO A 12 -3.77 5.98 7.46
N GLY A 13 -3.19 5.35 8.50
CA GLY A 13 -1.86 5.73 9.01
C GLY A 13 -0.73 5.52 8.01
N LEU A 14 -0.87 4.48 7.17
CA LEU A 14 0.13 4.11 6.16
C LEU A 14 0.13 5.13 5.00
N PHE A 15 -1.06 5.52 4.56
CA PHE A 15 -1.27 6.47 3.45
C PHE A 15 -0.75 7.87 3.83
N ARG A 16 -0.92 8.27 5.10
CA ARG A 16 -0.48 9.59 5.61
C ARG A 16 1.04 9.82 5.42
N GLN A 17 1.84 8.80 5.81
CA GLN A 17 3.32 8.85 5.66
C GLN A 17 3.74 8.70 4.18
N LEU A 18 2.86 8.11 3.34
CA LEU A 18 3.06 8.00 1.86
C LEU A 18 2.52 9.25 1.12
N GLY A 19 2.10 10.28 1.90
CA GLY A 19 1.66 11.57 1.34
C GLY A 19 0.29 11.51 0.69
N LEU A 20 -0.59 10.68 1.26
CA LEU A 20 -1.92 10.37 0.72
C LEU A 20 -3.01 10.59 1.77
N GLU A 21 -4.25 10.77 1.29
CA GLU A 21 -5.43 10.96 2.13
C GLU A 21 -5.73 9.69 2.94
N ASP A 22 -5.99 9.86 4.25
CA ASP A 22 -6.28 8.75 5.19
C ASP A 22 -7.78 8.40 5.22
N GLU A 23 -8.56 9.10 4.39
CA GLU A 23 -9.99 8.90 4.24
C GLU A 23 -10.25 7.63 3.41
N PRO A 24 -10.92 6.56 3.99
CA PRO A 24 -11.19 5.26 3.32
C PRO A 24 -11.81 5.42 1.91
N ALA A 25 -12.63 6.47 1.73
CA ALA A 25 -13.27 6.80 0.44
C ALA A 25 -12.20 7.15 -0.63
N ALA A 26 -11.20 7.93 -0.21
CA ALA A 26 -10.08 8.36 -1.08
C ALA A 26 -9.05 7.24 -1.24
N ILE A 27 -8.87 6.45 -0.17
CA ILE A 27 -7.91 5.33 -0.11
C ILE A 27 -8.28 4.24 -1.15
N ARG A 28 -9.56 3.83 -1.15
CA ARG A 28 -10.08 2.80 -2.07
C ARG A 28 -10.04 3.32 -3.51
N ALA A 29 -10.15 4.65 -3.65
CA ALA A 29 -10.07 5.33 -4.96
C ALA A 29 -8.63 5.31 -5.50
N PHE A 30 -7.63 5.48 -4.60
CA PHE A 30 -6.20 5.47 -4.99
C PHE A 30 -5.80 4.10 -5.56
N ILE A 31 -5.96 3.07 -4.72
CA ILE A 31 -5.51 1.69 -5.01
C ILE A 31 -6.22 1.08 -6.23
N ASP A 32 -7.48 1.49 -6.47
CA ASP A 32 -8.28 1.01 -7.62
C ASP A 32 -7.90 1.74 -8.92
N SER A 33 -7.78 3.09 -8.82
CA SER A 33 -7.55 3.96 -10.00
C SER A 33 -6.15 3.72 -10.60
N HIS A 34 -5.17 3.47 -9.72
CA HIS A 34 -3.77 3.18 -10.12
C HIS A 34 -3.25 1.97 -9.32
N PRO A 35 -3.65 0.73 -9.72
CA PRO A 35 -3.23 -0.51 -9.04
C PRO A 35 -1.90 -1.04 -9.58
N LEU A 36 -1.51 -2.23 -9.12
CA LEU A 36 -0.30 -2.94 -9.55
C LEU A 36 -0.65 -4.22 -10.31
N PRO A 37 0.31 -4.73 -11.15
CA PRO A 37 0.25 -6.11 -11.69
C PRO A 37 0.29 -7.15 -10.56
N PRO A 38 -0.31 -8.37 -10.75
CA PRO A 38 -0.34 -9.43 -9.70
C PRO A 38 1.06 -10.00 -9.36
N ARG A 39 2.11 -9.54 -10.07
CA ARG A 39 3.50 -9.93 -9.80
C ARG A 39 4.20 -8.86 -8.93
N VAL A 40 3.82 -7.57 -9.13
CA VAL A 40 4.49 -6.43 -8.47
C VAL A 40 3.93 -6.20 -7.05
N PRO A 41 4.77 -6.35 -5.97
CA PRO A 41 4.37 -6.02 -4.58
C PRO A 41 4.47 -4.51 -4.29
N LEU A 42 4.04 -4.11 -3.07
CA LEU A 42 3.95 -2.69 -2.65
C LEU A 42 5.29 -1.90 -2.78
N PRO A 43 6.48 -2.39 -2.23
CA PRO A 43 7.76 -1.64 -2.30
C PRO A 43 8.28 -1.46 -3.73
N GLU A 44 7.90 -2.42 -4.59
CA GLU A 44 8.40 -2.50 -5.97
C GLU A 44 7.50 -1.77 -6.96
N ALA A 45 6.56 -0.97 -6.44
CA ALA A 45 5.71 -0.10 -7.25
C ALA A 45 6.52 1.14 -7.71
N PRO A 46 6.65 1.38 -9.06
CA PRO A 46 7.34 2.59 -9.60
C PRO A 46 6.57 3.90 -9.29
N PHE A 47 5.32 3.74 -8.82
CA PHE A 47 4.43 4.84 -8.42
C PHE A 47 5.03 5.63 -7.23
N TRP A 48 5.59 4.89 -6.25
CA TRP A 48 6.20 5.51 -5.04
C TRP A 48 7.58 6.09 -5.36
N THR A 49 8.04 7.02 -4.53
CA THR A 49 9.39 7.58 -4.59
C THR A 49 10.40 6.58 -3.98
N PRO A 50 11.70 6.54 -4.45
CA PRO A 50 12.69 5.51 -4.03
C PRO A 50 12.98 5.50 -2.51
N ALA A 51 12.89 6.68 -1.88
CA ALA A 51 13.06 6.83 -0.43
C ALA A 51 11.95 6.09 0.33
N GLN A 52 10.70 6.33 -0.11
CA GLN A 52 9.50 5.73 0.51
C GLN A 52 9.41 4.23 0.18
N ALA A 53 9.89 3.86 -1.03
CA ALA A 53 9.91 2.47 -1.50
C ALA A 53 10.90 1.61 -0.68
N ALA A 54 11.93 2.27 -0.11
CA ALA A 54 12.92 1.64 0.79
C ALA A 54 12.31 1.33 2.17
N PHE A 55 11.41 2.23 2.64
CA PHE A 55 10.67 2.07 3.90
C PHE A 55 9.67 0.90 3.80
N LEU A 56 9.02 0.80 2.64
CA LEU A 56 8.10 -0.30 2.33
C LEU A 56 8.87 -1.61 2.11
N ARG A 57 10.10 -1.48 1.57
CA ARG A 57 10.99 -2.63 1.27
C ARG A 57 11.37 -3.37 2.56
N GLN A 58 11.83 -2.59 3.57
CA GLN A 58 12.25 -3.15 4.87
C GLN A 58 11.04 -3.71 5.66
N ALA A 59 9.84 -3.15 5.42
CA ALA A 59 8.60 -3.58 6.08
C ALA A 59 8.19 -5.01 5.64
N LEU A 60 8.44 -5.34 4.35
CA LEU A 60 8.15 -6.70 3.81
C LEU A 60 9.38 -7.62 3.92
N GLU A 61 10.58 -7.02 4.04
CA GLU A 61 11.86 -7.77 4.18
C GLU A 61 11.99 -8.33 5.60
N CYS A 62 11.57 -7.52 6.58
CA CYS A 62 11.68 -7.83 8.00
C CYS A 62 10.37 -7.46 8.71
N ASP A 63 9.93 -8.33 9.63
CA ASP A 63 8.72 -8.14 10.44
C ASP A 63 8.75 -6.80 11.21
N ALA A 64 7.67 -6.02 11.07
CA ALA A 64 7.57 -4.66 11.64
C ALA A 64 6.11 -4.30 11.91
N GLU A 65 5.88 -3.18 12.61
CA GLU A 65 4.50 -2.70 12.91
C GLU A 65 3.69 -2.38 11.63
N TRP A 66 4.39 -2.16 10.50
CA TRP A 66 3.76 -1.87 9.18
C TRP A 66 3.63 -3.10 8.28
N SER A 67 4.24 -4.26 8.66
CA SER A 67 4.33 -5.45 7.77
C SER A 67 2.94 -6.00 7.35
N GLU A 68 1.98 -6.00 8.30
CA GLU A 68 0.57 -6.39 8.05
C GLU A 68 -0.11 -5.41 7.08
N ALA A 69 -0.07 -4.12 7.46
CA ALA A 69 -0.73 -3.03 6.71
C ALA A 69 -0.18 -2.90 5.29
N ALA A 70 1.13 -3.14 5.14
CA ALA A 70 1.86 -2.99 3.87
C ALA A 70 1.56 -4.14 2.91
N ASP A 71 1.43 -5.35 3.49
CA ASP A 71 1.00 -6.55 2.77
C ASP A 71 -0.47 -6.42 2.33
N GLY A 72 -1.26 -5.76 3.20
CA GLY A 72 -2.66 -5.47 2.91
C GLY A 72 -2.83 -4.46 1.78
N LEU A 73 -1.96 -3.43 1.79
CA LEU A 73 -1.93 -2.40 0.73
C LEU A 73 -1.53 -3.07 -0.61
N ALA A 74 -0.55 -3.99 -0.52
CA ALA A 74 -0.01 -4.74 -1.66
C ALA A 74 -1.09 -5.55 -2.38
N VAL A 75 -1.86 -6.36 -1.62
CA VAL A 75 -2.88 -7.26 -2.20
C VAL A 75 -4.04 -6.46 -2.85
N LEU A 76 -4.33 -5.28 -2.27
CA LEU A 76 -5.38 -4.37 -2.78
C LEU A 76 -4.96 -3.70 -4.09
N LEU A 77 -3.66 -3.44 -4.23
CA LEU A 77 -3.06 -2.95 -5.48
C LEU A 77 -3.07 -4.08 -6.54
N GLN A 78 -2.77 -5.31 -6.11
CA GLN A 78 -2.67 -6.47 -7.02
C GLN A 78 -4.08 -7.02 -7.40
N GLN A 79 -5.15 -6.34 -6.92
CA GLN A 79 -6.56 -6.61 -7.31
C GLN A 79 -7.26 -5.28 -7.68
N GLY A 80 -8.56 -5.36 -8.01
CA GLY A 80 -9.43 -4.19 -8.13
C GLY A 80 -10.27 -4.02 -6.88
N GLU A 81 -10.73 -2.79 -6.60
CA GLU A 81 -11.52 -2.49 -5.39
C GLU A 81 -12.94 -2.04 -5.79
N ALA A 82 -13.94 -2.38 -4.95
CA ALA A 82 -15.35 -2.00 -5.17
C ALA A 82 -15.62 -0.59 -4.56
N MET A 4 -10.98 -9.44 -1.21
CA MET A 4 -10.08 -8.39 -0.69
C MET A 4 -10.91 -7.11 -0.39
N ASP A 5 -10.83 -6.65 0.87
CA ASP A 5 -11.58 -5.46 1.38
C ASP A 5 -10.60 -4.39 1.86
N THR A 6 -10.98 -3.10 1.73
CA THR A 6 -10.16 -1.95 2.14
C THR A 6 -9.92 -1.98 3.67
N SER A 7 -8.69 -2.35 4.05
CA SER A 7 -8.27 -2.44 5.44
C SER A 7 -8.09 -1.03 6.03
N ASN A 8 -9.19 -0.49 6.59
CA ASN A 8 -9.29 0.94 7.02
C ASN A 8 -8.80 1.15 8.46
N HIS A 9 -8.07 0.16 9.02
CA HIS A 9 -7.24 0.34 10.23
C HIS A 9 -5.75 0.44 9.85
N LEU A 10 -5.39 -0.19 8.71
CA LEU A 10 -4.00 -0.31 8.24
C LEU A 10 -3.61 0.84 7.30
N LEU A 11 -4.40 0.95 6.20
CA LEU A 11 -4.12 1.87 5.08
C LEU A 11 -4.13 3.38 5.49
N PRO A 12 -5.17 3.93 6.22
CA PRO A 12 -5.27 5.40 6.55
C PRO A 12 -3.98 5.97 7.18
N GLY A 13 -3.50 5.31 8.26
CA GLY A 13 -2.28 5.72 8.95
C GLY A 13 -1.05 5.60 8.05
N LEU A 14 -0.93 4.46 7.34
CA LEU A 14 0.20 4.15 6.44
C LEU A 14 0.31 5.19 5.31
N PHE A 15 -0.84 5.58 4.73
CA PHE A 15 -0.95 6.54 3.61
C PHE A 15 -0.41 7.90 4.02
N ARG A 16 -0.66 8.30 5.28
CA ARG A 16 -0.16 9.58 5.83
C ARG A 16 1.38 9.56 5.97
N GLN A 17 1.95 8.36 6.20
CA GLN A 17 3.41 8.15 6.30
C GLN A 17 4.04 8.17 4.87
N LEU A 18 3.20 7.90 3.86
CA LEU A 18 3.59 7.88 2.43
C LEU A 18 3.31 9.26 1.78
N GLY A 19 2.47 10.08 2.46
CA GLY A 19 2.11 11.43 1.98
C GLY A 19 0.67 11.51 1.41
N LEU A 20 0.02 10.35 1.22
CA LEU A 20 -1.36 10.25 0.68
C LEU A 20 -2.44 10.54 1.75
N GLU A 21 -3.71 10.34 1.36
CA GLU A 21 -4.90 10.66 2.18
C GLU A 21 -5.30 9.47 3.05
N ASP A 22 -5.81 9.78 4.26
CA ASP A 22 -6.29 8.77 5.24
C ASP A 22 -7.80 8.51 5.08
N GLU A 23 -8.45 9.29 4.21
CA GLU A 23 -9.91 9.20 3.98
C GLU A 23 -10.23 7.97 3.13
N PRO A 24 -11.11 7.02 3.63
CA PRO A 24 -11.43 5.74 2.96
C PRO A 24 -11.91 5.91 1.50
N ALA A 25 -12.66 7.01 1.22
CA ALA A 25 -13.16 7.34 -0.13
C ALA A 25 -12.01 7.66 -1.09
N ALA A 26 -10.97 8.31 -0.55
CA ALA A 26 -9.75 8.68 -1.30
C ALA A 26 -8.78 7.48 -1.42
N ILE A 27 -8.73 6.65 -0.37
CA ILE A 27 -7.86 5.45 -0.29
C ILE A 27 -8.27 4.42 -1.35
N ARG A 28 -9.58 4.09 -1.37
CA ARG A 28 -10.15 3.13 -2.33
C ARG A 28 -9.97 3.65 -3.76
N ALA A 29 -9.97 4.99 -3.90
CA ALA A 29 -9.79 5.67 -5.20
C ALA A 29 -8.37 5.47 -5.74
N PHE A 30 -7.36 5.64 -4.85
CA PHE A 30 -5.93 5.46 -5.19
C PHE A 30 -5.66 4.02 -5.64
N ILE A 31 -6.16 3.05 -4.86
CA ILE A 31 -5.85 1.62 -5.05
C ILE A 31 -6.67 0.98 -6.20
N ASP A 32 -7.87 1.50 -6.46
CA ASP A 32 -8.76 0.99 -7.54
C ASP A 32 -8.32 1.55 -8.91
N SER A 33 -7.97 2.86 -8.94
CA SER A 33 -7.52 3.55 -10.17
C SER A 33 -6.07 3.16 -10.50
N HIS A 34 -5.27 2.92 -9.44
CA HIS A 34 -3.85 2.51 -9.56
C HIS A 34 -3.62 1.24 -8.70
N PRO A 35 -4.01 0.02 -9.21
CA PRO A 35 -3.61 -1.27 -8.61
C PRO A 35 -2.14 -1.58 -8.95
N LEU A 36 -1.78 -2.87 -8.90
CA LEU A 36 -0.44 -3.37 -9.29
C LEU A 36 -0.60 -4.69 -10.07
N PRO A 37 0.35 -4.98 -11.02
CA PRO A 37 0.46 -6.30 -11.66
C PRO A 37 0.82 -7.38 -10.62
N PRO A 38 0.47 -8.68 -10.87
CA PRO A 38 0.72 -9.79 -9.89
C PRO A 38 2.23 -10.08 -9.66
N ARG A 39 3.11 -9.48 -10.48
CA ARG A 39 4.58 -9.67 -10.34
C ARG A 39 5.29 -8.39 -9.84
N VAL A 40 4.55 -7.25 -9.70
CA VAL A 40 5.08 -6.03 -9.06
C VAL A 40 4.54 -5.95 -7.62
N PRO A 41 5.41 -6.17 -6.57
CA PRO A 41 5.01 -5.98 -5.16
C PRO A 41 4.87 -4.49 -4.79
N LEU A 42 4.29 -4.25 -3.60
CA LEU A 42 3.99 -2.89 -3.08
C LEU A 42 5.22 -1.91 -3.15
N PRO A 43 6.44 -2.25 -2.57
CA PRO A 43 7.60 -1.31 -2.56
C PRO A 43 8.14 -1.00 -3.96
N GLU A 44 7.95 -1.95 -4.89
CA GLU A 44 8.48 -1.86 -6.27
C GLU A 44 7.52 -1.12 -7.20
N ALA A 45 6.42 -0.59 -6.64
CA ALA A 45 5.49 0.26 -7.39
C ALA A 45 6.15 1.63 -7.70
N PRO A 46 6.17 2.07 -9.00
CA PRO A 46 6.71 3.40 -9.39
C PRO A 46 5.77 4.58 -8.98
N PHE A 47 4.70 4.24 -8.24
CA PHE A 47 3.79 5.22 -7.61
C PHE A 47 4.44 5.85 -6.36
N TRP A 48 5.34 5.09 -5.70
CA TRP A 48 6.05 5.55 -4.48
C TRP A 48 7.40 6.18 -4.84
N THR A 49 7.89 7.06 -3.96
CA THR A 49 9.23 7.63 -4.05
C THR A 49 10.27 6.57 -3.62
N PRO A 50 11.59 6.69 -3.99
CA PRO A 50 12.63 5.69 -3.63
C PRO A 50 12.79 5.53 -2.08
N ALA A 51 12.51 6.61 -1.34
CA ALA A 51 12.53 6.61 0.14
C ALA A 51 11.36 5.76 0.70
N GLN A 52 10.13 6.05 0.20
CA GLN A 52 8.91 5.31 0.58
C GLN A 52 8.94 3.86 0.05
N ALA A 53 9.72 3.63 -1.03
CA ALA A 53 9.91 2.29 -1.62
C ALA A 53 10.72 1.40 -0.68
N ALA A 54 11.83 1.95 -0.15
CA ALA A 54 12.71 1.26 0.84
C ALA A 54 11.96 1.05 2.18
N PHE A 55 11.14 2.05 2.54
CA PHE A 55 10.28 2.05 3.75
C PHE A 55 9.30 0.85 3.74
N LEU A 56 8.58 0.71 2.61
CA LEU A 56 7.60 -0.38 2.40
C LEU A 56 8.30 -1.72 2.15
N ARG A 57 9.53 -1.67 1.60
CA ARG A 57 10.31 -2.88 1.26
C ARG A 57 10.65 -3.68 2.52
N GLN A 58 11.08 -2.94 3.56
CA GLN A 58 11.40 -3.52 4.89
C GLN A 58 10.14 -4.14 5.54
N ALA A 59 8.97 -3.57 5.20
CA ALA A 59 7.65 -4.00 5.73
C ALA A 59 7.12 -5.26 4.98
N LEU A 60 7.46 -5.40 3.68
CA LEU A 60 7.03 -6.58 2.85
C LEU A 60 8.09 -7.70 2.89
N GLU A 61 9.32 -7.38 3.26
CA GLU A 61 10.44 -8.36 3.30
C GLU A 61 10.50 -9.01 4.70
N CYS A 62 10.27 -8.20 5.75
CA CYS A 62 10.36 -8.65 7.16
C CYS A 62 9.29 -7.95 8.02
N ASP A 63 9.28 -8.29 9.32
CA ASP A 63 8.41 -7.65 10.33
C ASP A 63 8.95 -6.26 10.70
N ALA A 64 8.51 -5.24 9.95
CA ALA A 64 8.74 -3.82 10.31
C ALA A 64 7.54 -3.30 11.13
N GLU A 65 7.55 -1.98 11.42
CA GLU A 65 6.52 -1.33 12.25
C GLU A 65 5.16 -1.30 11.51
N TRP A 66 5.24 -1.23 10.17
CA TRP A 66 4.07 -1.15 9.28
C TRP A 66 3.97 -2.41 8.42
N SER A 67 4.50 -3.53 8.93
CA SER A 67 4.58 -4.81 8.21
C SER A 67 3.18 -5.31 7.81
N GLU A 68 2.26 -5.34 8.80
CA GLU A 68 0.87 -5.77 8.60
C GLU A 68 0.10 -4.78 7.69
N ALA A 69 0.37 -3.48 7.88
CA ALA A 69 -0.34 -2.40 7.16
C ALA A 69 0.01 -2.38 5.67
N ALA A 70 1.30 -2.61 5.38
CA ALA A 70 1.86 -2.60 4.03
C ALA A 70 1.53 -3.92 3.31
N ASP A 71 1.47 -5.02 4.08
CA ASP A 71 1.01 -6.34 3.59
C ASP A 71 -0.47 -6.27 3.18
N GLY A 72 -1.27 -5.57 4.01
CA GLY A 72 -2.70 -5.38 3.78
C GLY A 72 -3.00 -4.42 2.64
N LEU A 73 -2.06 -3.51 2.35
CA LEU A 73 -2.14 -2.60 1.18
C LEU A 73 -1.72 -3.37 -0.10
N ALA A 74 -0.69 -4.22 0.04
CA ALA A 74 -0.11 -4.98 -1.08
C ALA A 74 -1.15 -5.92 -1.72
N VAL A 75 -1.92 -6.64 -0.86
CA VAL A 75 -2.96 -7.59 -1.33
C VAL A 75 -4.11 -6.88 -2.07
N LEU A 76 -4.35 -5.60 -1.73
CA LEU A 76 -5.42 -4.79 -2.36
C LEU A 76 -5.00 -4.24 -3.73
N LEU A 77 -3.69 -4.00 -3.91
CA LEU A 77 -3.14 -3.48 -5.18
C LEU A 77 -2.87 -4.61 -6.17
N GLN A 78 -2.07 -5.59 -5.72
CA GLN A 78 -1.56 -6.67 -6.57
C GLN A 78 -2.68 -7.62 -7.00
N GLN A 79 -3.71 -7.76 -6.13
CA GLN A 79 -4.89 -8.59 -6.39
C GLN A 79 -6.14 -7.67 -6.59
N GLY A 80 -5.88 -6.45 -7.10
CA GLY A 80 -6.95 -5.45 -7.33
C GLY A 80 -7.99 -5.92 -8.34
N GLU A 81 -9.25 -5.49 -8.13
CA GLU A 81 -10.41 -5.94 -8.92
C GLU A 81 -10.27 -5.54 -10.41
N ALA A 82 -10.40 -6.54 -11.30
CA ALA A 82 -10.22 -6.37 -12.75
C ALA A 82 -11.45 -6.96 -13.48
N MET A 4 -6.16 -9.91 3.63
CA MET A 4 -6.55 -8.72 4.43
C MET A 4 -7.09 -7.63 3.50
N ASP A 5 -8.33 -7.19 3.79
CA ASP A 5 -9.06 -6.17 3.00
C ASP A 5 -8.58 -4.73 3.37
N THR A 6 -9.16 -3.68 2.76
CA THR A 6 -8.85 -2.27 3.07
C THR A 6 -9.08 -1.95 4.57
N SER A 7 -8.00 -2.10 5.34
CA SER A 7 -7.99 -1.88 6.78
C SER A 7 -8.07 -0.38 7.10
N ASN A 8 -9.28 0.08 7.44
CA ASN A 8 -9.55 1.50 7.76
C ASN A 8 -8.94 1.92 9.13
N HIS A 9 -8.17 1.03 9.77
CA HIS A 9 -7.39 1.35 10.99
C HIS A 9 -5.91 1.55 10.62
N LEU A 10 -5.36 0.64 9.81
CA LEU A 10 -3.92 0.57 9.51
C LEU A 10 -3.54 1.53 8.35
N LEU A 11 -4.33 1.48 7.28
CA LEU A 11 -4.05 2.23 6.02
C LEU A 11 -4.11 3.78 6.19
N PRO A 12 -5.09 4.41 6.98
CA PRO A 12 -5.05 5.86 7.31
C PRO A 12 -3.68 6.35 7.83
N GLY A 13 -3.05 5.51 8.65
CA GLY A 13 -1.71 5.79 9.16
C GLY A 13 -0.65 5.75 8.05
N LEU A 14 -0.68 4.67 7.26
CA LEU A 14 0.36 4.38 6.24
C LEU A 14 0.30 5.40 5.07
N PHE A 15 -0.90 5.58 4.49
CA PHE A 15 -1.17 6.54 3.39
C PHE A 15 -0.78 7.97 3.76
N ARG A 16 -1.03 8.37 5.02
CA ARG A 16 -0.67 9.71 5.52
C ARG A 16 0.87 9.90 5.50
N GLN A 17 1.61 8.82 5.82
CA GLN A 17 3.09 8.82 5.79
C GLN A 17 3.61 8.80 4.33
N LEU A 18 2.79 8.28 3.41
CA LEU A 18 3.08 8.29 1.95
C LEU A 18 2.72 9.65 1.31
N GLY A 19 2.07 10.53 2.10
CA GLY A 19 1.64 11.86 1.63
C GLY A 19 0.27 11.86 0.96
N LEU A 20 -0.35 10.66 0.88
CA LEU A 20 -1.69 10.48 0.31
C LEU A 20 -2.77 10.79 1.36
N GLU A 21 -4.01 10.96 0.90
CA GLU A 21 -5.17 11.23 1.76
C GLU A 21 -5.44 10.01 2.66
N ASP A 22 -5.49 10.27 3.97
CA ASP A 22 -5.63 9.24 5.03
C ASP A 22 -7.09 8.71 5.15
N GLU A 23 -8.00 9.27 4.35
CA GLU A 23 -9.43 8.98 4.42
C GLU A 23 -9.74 7.68 3.65
N PRO A 24 -10.38 6.66 4.32
CA PRO A 24 -10.79 5.35 3.68
C PRO A 24 -11.45 5.50 2.29
N ALA A 25 -12.25 6.57 2.11
CA ALA A 25 -12.92 6.90 0.83
C ALA A 25 -11.91 7.18 -0.28
N ALA A 26 -10.85 7.92 0.07
CA ALA A 26 -9.76 8.27 -0.87
C ALA A 26 -8.76 7.11 -1.02
N ILE A 27 -8.57 6.34 0.06
CA ILE A 27 -7.65 5.18 0.11
C ILE A 27 -8.09 4.09 -0.86
N ARG A 28 -9.40 3.77 -0.83
CA ARG A 28 -10.00 2.78 -1.74
C ARG A 28 -9.94 3.29 -3.19
N ALA A 29 -9.91 4.62 -3.35
CA ALA A 29 -9.81 5.28 -4.66
C ALA A 29 -8.37 5.26 -5.19
N PHE A 30 -7.36 5.29 -4.28
CA PHE A 30 -5.91 5.26 -4.67
C PHE A 30 -5.49 3.86 -5.16
N ILE A 31 -5.94 2.83 -4.44
CA ILE A 31 -5.64 1.42 -4.81
C ILE A 31 -6.40 1.02 -6.10
N ASP A 32 -7.57 1.65 -6.30
CA ASP A 32 -8.40 1.48 -7.52
C ASP A 32 -7.78 2.28 -8.68
N SER A 33 -7.15 3.42 -8.35
CA SER A 33 -6.55 4.34 -9.34
C SER A 33 -5.38 3.67 -10.09
N HIS A 34 -4.50 2.99 -9.33
CA HIS A 34 -3.32 2.30 -9.89
C HIS A 34 -3.12 0.93 -9.21
N PRO A 35 -3.85 -0.14 -9.67
CA PRO A 35 -3.61 -1.53 -9.22
C PRO A 35 -2.31 -2.09 -9.85
N LEU A 36 -1.61 -2.94 -9.09
CA LEU A 36 -0.31 -3.52 -9.52
C LEU A 36 -0.52 -4.93 -10.13
N PRO A 37 0.45 -5.40 -10.98
CA PRO A 37 0.59 -6.82 -11.35
C PRO A 37 1.02 -7.68 -10.13
N PRO A 38 0.72 -9.03 -10.11
CA PRO A 38 1.21 -9.96 -9.05
C PRO A 38 2.76 -10.06 -9.01
N ARG A 39 3.39 -9.72 -10.13
CA ARG A 39 4.86 -9.74 -10.30
C ARG A 39 5.53 -8.44 -9.79
N VAL A 40 4.75 -7.35 -9.70
CA VAL A 40 5.22 -6.06 -9.16
C VAL A 40 4.59 -5.85 -7.76
N PRO A 41 5.36 -6.09 -6.65
CA PRO A 41 4.86 -5.89 -5.28
C PRO A 41 4.81 -4.40 -4.87
N LEU A 42 4.30 -4.16 -3.64
CA LEU A 42 4.06 -2.80 -3.10
C LEU A 42 5.31 -1.87 -3.17
N PRO A 43 6.54 -2.26 -2.63
CA PRO A 43 7.72 -1.36 -2.61
C PRO A 43 8.40 -1.22 -3.99
N GLU A 44 7.92 -1.99 -4.99
CA GLU A 44 8.48 -1.99 -6.35
C GLU A 44 7.54 -1.30 -7.34
N ALA A 45 6.46 -0.67 -6.82
CA ALA A 45 5.58 0.18 -7.61
C ALA A 45 6.30 1.50 -7.93
N PRO A 46 6.55 1.82 -9.25
CA PRO A 46 7.11 3.13 -9.69
C PRO A 46 6.27 4.35 -9.22
N PHE A 47 5.01 4.08 -8.81
CA PHE A 47 4.08 5.10 -8.27
C PHE A 47 4.64 5.75 -6.98
N TRP A 48 5.39 4.95 -6.18
CA TRP A 48 6.03 5.45 -4.93
C TRP A 48 7.41 6.02 -5.25
N THR A 49 7.84 6.98 -4.42
CA THR A 49 9.19 7.56 -4.49
C THR A 49 10.23 6.54 -3.98
N PRO A 50 11.53 6.59 -4.43
CA PRO A 50 12.56 5.60 -4.01
C PRO A 50 12.83 5.62 -2.48
N ALA A 51 12.45 6.72 -1.80
CA ALA A 51 12.52 6.83 -0.33
C ALA A 51 11.40 6.01 0.34
N GLN A 52 10.14 6.28 -0.06
CA GLN A 52 8.94 5.61 0.49
C GLN A 52 8.96 4.11 0.16
N ALA A 53 9.46 3.79 -1.05
CA ALA A 53 9.55 2.41 -1.57
C ALA A 53 10.54 1.58 -0.74
N ALA A 54 11.71 2.18 -0.43
CA ALA A 54 12.75 1.54 0.41
C ALA A 54 12.27 1.35 1.87
N PHE A 55 11.37 2.26 2.32
CA PHE A 55 10.75 2.18 3.66
C PHE A 55 9.71 1.03 3.70
N LEU A 56 8.93 0.90 2.61
CA LEU A 56 7.92 -0.17 2.47
C LEU A 56 8.60 -1.54 2.33
N ARG A 57 9.81 -1.55 1.73
CA ARG A 57 10.63 -2.77 1.58
C ARG A 57 10.97 -3.38 2.96
N GLN A 58 11.08 -2.52 4.00
CA GLN A 58 11.34 -2.95 5.39
C GLN A 58 10.10 -3.69 5.98
N ALA A 59 8.91 -3.28 5.52
CA ALA A 59 7.62 -3.85 5.97
C ALA A 59 7.23 -5.15 5.21
N LEU A 60 7.63 -5.25 3.93
CA LEU A 60 7.31 -6.44 3.07
C LEU A 60 8.40 -7.52 3.17
N GLU A 61 9.67 -7.14 2.98
CA GLU A 61 10.80 -8.11 2.93
C GLU A 61 11.27 -8.50 4.36
N CYS A 62 10.79 -7.76 5.38
CA CYS A 62 11.08 -8.03 6.80
C CYS A 62 9.82 -7.78 7.66
N ASP A 63 9.93 -8.06 8.96
CA ASP A 63 8.85 -7.85 9.93
C ASP A 63 8.86 -6.40 10.43
N ALA A 64 7.65 -5.83 10.66
CA ALA A 64 7.49 -4.42 11.08
C ALA A 64 6.13 -4.21 11.77
N GLU A 65 5.92 -2.98 12.31
CA GLU A 65 4.62 -2.54 12.85
C GLU A 65 3.62 -2.34 11.70
N TRP A 66 4.16 -2.12 10.49
CA TRP A 66 3.37 -1.94 9.26
C TRP A 66 3.39 -3.22 8.42
N SER A 67 3.58 -4.39 9.06
CA SER A 67 3.68 -5.70 8.36
C SER A 67 2.33 -6.07 7.70
N GLU A 68 1.23 -6.03 8.49
CA GLU A 68 -0.13 -6.35 8.01
C GLU A 68 -0.71 -5.16 7.21
N ALA A 69 -0.28 -3.95 7.58
CA ALA A 69 -0.69 -2.71 6.90
C ALA A 69 -0.23 -2.71 5.44
N ALA A 70 1.04 -3.07 5.25
CA ALA A 70 1.68 -3.13 3.93
C ALA A 70 1.28 -4.39 3.16
N ASP A 71 0.95 -5.47 3.90
CA ASP A 71 0.42 -6.73 3.33
C ASP A 71 -0.94 -6.47 2.67
N GLY A 72 -1.83 -5.83 3.45
CA GLY A 72 -3.16 -5.45 2.96
C GLY A 72 -3.09 -4.51 1.79
N LEU A 73 -2.26 -3.46 1.90
CA LEU A 73 -2.03 -2.47 0.83
C LEU A 73 -1.56 -3.18 -0.47
N ALA A 74 -0.63 -4.14 -0.30
CA ALA A 74 -0.03 -4.89 -1.41
C ALA A 74 -1.06 -5.74 -2.15
N VAL A 75 -1.87 -6.52 -1.40
CA VAL A 75 -2.84 -7.46 -2.01
C VAL A 75 -4.00 -6.71 -2.71
N LEU A 76 -4.40 -5.55 -2.15
CA LEU A 76 -5.46 -4.69 -2.74
C LEU A 76 -5.02 -4.13 -4.12
N LEU A 77 -3.71 -3.97 -4.29
CA LEU A 77 -3.11 -3.52 -5.55
C LEU A 77 -2.91 -4.69 -6.53
N GLN A 78 -2.23 -5.76 -6.06
CA GLN A 78 -1.72 -6.84 -6.91
C GLN A 78 -2.85 -7.76 -7.41
N GLN A 79 -4.01 -7.71 -6.76
CA GLN A 79 -5.22 -8.39 -7.22
C GLN A 79 -5.96 -7.51 -8.23
N GLY A 80 -5.99 -7.97 -9.50
CA GLY A 80 -6.66 -7.28 -10.58
C GLY A 80 -8.05 -7.80 -10.85
N GLU A 81 -8.53 -8.72 -9.99
CA GLU A 81 -9.88 -9.31 -10.09
C GLU A 81 -10.93 -8.25 -9.73
N ALA A 82 -11.94 -8.08 -10.60
CA ALA A 82 -13.05 -7.15 -10.36
C ALA A 82 -14.14 -7.85 -9.53
N MET A 4 -9.32 -7.83 -1.29
CA MET A 4 -10.80 -7.81 -1.37
C MET A 4 -11.33 -6.46 -0.83
N ASP A 5 -11.39 -6.33 0.50
CA ASP A 5 -12.01 -5.17 1.18
C ASP A 5 -10.94 -4.19 1.67
N THR A 6 -11.08 -2.92 1.27
CA THR A 6 -10.20 -1.83 1.71
C THR A 6 -10.64 -1.34 3.11
N SER A 7 -10.31 -2.14 4.12
CA SER A 7 -10.73 -1.91 5.51
C SER A 7 -9.67 -2.44 6.47
N ASN A 8 -8.81 -1.52 6.96
CA ASN A 8 -7.78 -1.80 7.96
C ASN A 8 -7.27 -0.46 8.50
N HIS A 9 -7.23 -0.29 9.84
CA HIS A 9 -6.82 0.98 10.50
C HIS A 9 -5.33 1.31 10.26
N LEU A 10 -4.57 0.28 9.88
CA LEU A 10 -3.16 0.43 9.48
C LEU A 10 -3.03 1.26 8.17
N LEU A 11 -4.07 1.18 7.29
CA LEU A 11 -4.10 1.94 6.00
C LEU A 11 -4.12 3.49 6.22
N PRO A 12 -5.10 4.13 7.01
CA PRO A 12 -5.08 5.58 7.29
C PRO A 12 -3.71 6.09 7.83
N GLY A 13 -3.16 5.36 8.81
CA GLY A 13 -1.86 5.71 9.40
C GLY A 13 -0.70 5.65 8.40
N LEU A 14 -0.74 4.65 7.49
CA LEU A 14 0.34 4.42 6.51
C LEU A 14 0.27 5.43 5.34
N PHE A 15 -0.90 5.49 4.65
CA PHE A 15 -1.13 6.43 3.52
C PHE A 15 -0.81 7.88 3.91
N ARG A 16 -1.18 8.27 5.14
CA ARG A 16 -0.93 9.62 5.68
C ARG A 16 0.58 9.96 5.66
N GLN A 17 1.41 9.02 6.19
CA GLN A 17 2.88 9.21 6.27
C GLN A 17 3.57 8.96 4.91
N LEU A 18 2.84 8.35 3.94
CA LEU A 18 3.35 8.15 2.56
C LEU A 18 3.03 9.37 1.67
N GLY A 19 2.47 10.45 2.28
CA GLY A 19 2.19 11.71 1.58
C GLY A 19 0.80 11.74 0.94
N LEU A 20 0.03 10.65 1.13
CA LEU A 20 -1.34 10.51 0.60
C LEU A 20 -2.36 10.80 1.71
N GLU A 21 -3.65 10.73 1.35
CA GLU A 21 -4.77 11.02 2.28
C GLU A 21 -5.09 9.79 3.12
N ASP A 22 -5.48 10.01 4.39
CA ASP A 22 -5.83 8.95 5.35
C ASP A 22 -7.34 8.64 5.33
N GLU A 23 -8.03 9.25 4.37
CA GLU A 23 -9.48 9.10 4.18
C GLU A 23 -9.77 7.77 3.49
N PRO A 24 -10.62 6.87 4.09
CA PRO A 24 -10.88 5.48 3.59
C PRO A 24 -11.24 5.42 2.07
N ALA A 25 -12.02 6.42 1.61
CA ALA A 25 -12.43 6.52 0.20
C ALA A 25 -11.25 6.94 -0.70
N ALA A 26 -10.42 7.87 -0.21
CA ALA A 26 -9.23 8.34 -0.95
C ALA A 26 -8.18 7.22 -1.06
N ILE A 27 -8.00 6.50 0.05
CA ILE A 27 -7.12 5.32 0.17
C ILE A 27 -7.45 4.29 -0.91
N ARG A 28 -8.76 3.95 -1.02
CA ARG A 28 -9.24 2.97 -1.99
C ARG A 28 -9.16 3.55 -3.40
N ALA A 29 -9.30 4.89 -3.52
CA ALA A 29 -9.31 5.59 -4.82
C ALA A 29 -7.93 5.56 -5.50
N PHE A 30 -6.85 5.76 -4.71
CA PHE A 30 -5.46 5.77 -5.23
C PHE A 30 -5.11 4.41 -5.86
N ILE A 31 -5.43 3.36 -5.11
CA ILE A 31 -5.10 1.97 -5.47
C ILE A 31 -6.07 1.40 -6.54
N ASP A 32 -7.31 1.93 -6.58
CA ASP A 32 -8.32 1.58 -7.60
C ASP A 32 -7.93 2.18 -8.96
N SER A 33 -7.52 3.47 -8.93
CA SER A 33 -7.19 4.26 -10.13
C SER A 33 -5.89 3.76 -10.78
N HIS A 34 -5.03 3.15 -9.96
CA HIS A 34 -3.81 2.48 -10.42
C HIS A 34 -3.59 1.17 -9.64
N PRO A 35 -4.10 0.00 -10.17
CA PRO A 35 -3.77 -1.32 -9.60
C PRO A 35 -2.36 -1.78 -10.01
N LEU A 36 -1.84 -2.84 -9.35
CA LEU A 36 -0.51 -3.42 -9.64
C LEU A 36 -0.66 -4.81 -10.25
N PRO A 37 0.27 -5.21 -11.18
CA PRO A 37 0.33 -6.60 -11.69
C PRO A 37 0.66 -7.60 -10.58
N PRO A 38 0.22 -8.90 -10.69
CA PRO A 38 0.49 -9.94 -9.67
C PRO A 38 1.95 -10.46 -9.68
N ARG A 39 2.85 -9.73 -10.36
CA ARG A 39 4.31 -10.00 -10.33
C ARG A 39 5.08 -8.74 -9.85
N VAL A 40 4.41 -7.56 -9.83
CA VAL A 40 5.00 -6.33 -9.26
C VAL A 40 4.53 -6.15 -7.81
N PRO A 41 5.43 -6.36 -6.80
CA PRO A 41 5.10 -6.10 -5.38
C PRO A 41 5.07 -4.58 -5.06
N LEU A 42 4.64 -4.27 -3.83
CA LEU A 42 4.41 -2.89 -3.36
C LEU A 42 5.67 -1.97 -3.39
N PRO A 43 6.90 -2.42 -2.86
CA PRO A 43 8.11 -1.55 -2.88
C PRO A 43 8.68 -1.33 -4.30
N GLU A 44 8.21 -2.14 -5.26
CA GLU A 44 8.69 -2.12 -6.66
C GLU A 44 7.73 -1.32 -7.56
N ALA A 45 6.64 -0.83 -6.96
CA ALA A 45 5.66 0.01 -7.65
C ALA A 45 6.21 1.46 -7.76
N PRO A 46 6.40 1.99 -9.02
CA PRO A 46 6.86 3.39 -9.22
C PRO A 46 5.74 4.43 -8.95
N PHE A 47 4.55 3.92 -8.54
CA PHE A 47 3.44 4.72 -7.98
C PHE A 47 3.91 5.45 -6.70
N TRP A 48 4.72 4.74 -5.90
CA TRP A 48 5.29 5.27 -4.64
C TRP A 48 6.63 5.94 -4.92
N THR A 49 6.92 7.01 -4.18
CA THR A 49 8.21 7.70 -4.22
C THR A 49 9.32 6.77 -3.68
N PRO A 50 10.55 6.74 -4.32
CA PRO A 50 11.59 5.70 -4.06
C PRO A 50 11.97 5.52 -2.55
N ALA A 51 12.02 6.63 -1.80
CA ALA A 51 12.34 6.60 -0.35
C ALA A 51 11.22 5.91 0.46
N GLN A 52 9.97 6.25 0.11
CA GLN A 52 8.76 5.68 0.72
C GLN A 52 8.55 4.22 0.28
N ALA A 53 9.06 3.87 -0.91
CA ALA A 53 9.01 2.49 -1.43
C ALA A 53 10.04 1.60 -0.70
N ALA A 54 11.20 2.20 -0.37
CA ALA A 54 12.26 1.54 0.44
C ALA A 54 11.80 1.36 1.90
N PHE A 55 10.95 2.30 2.35
CA PHE A 55 10.31 2.27 3.67
C PHE A 55 9.29 1.11 3.74
N LEU A 56 8.51 0.93 2.67
CA LEU A 56 7.54 -0.17 2.54
C LEU A 56 8.27 -1.51 2.49
N ARG A 57 9.43 -1.53 1.80
CA ARG A 57 10.33 -2.71 1.69
C ARG A 57 10.73 -3.25 3.09
N GLN A 58 10.97 -2.32 4.03
CA GLN A 58 11.30 -2.65 5.44
C GLN A 58 10.15 -3.45 6.10
N ALA A 59 8.92 -3.10 5.71
CA ALA A 59 7.70 -3.72 6.22
C ALA A 59 7.37 -5.06 5.51
N LEU A 60 7.74 -5.19 4.21
CA LEU A 60 7.47 -6.42 3.43
C LEU A 60 8.46 -7.55 3.80
N GLU A 61 9.76 -7.23 3.87
CA GLU A 61 10.82 -8.23 4.10
C GLU A 61 10.92 -8.59 5.60
N CYS A 62 10.91 -7.56 6.47
CA CYS A 62 11.06 -7.74 7.92
C CYS A 62 9.71 -7.59 8.64
N ASP A 63 9.59 -8.25 9.81
CA ASP A 63 8.41 -8.15 10.69
C ASP A 63 8.39 -6.77 11.36
N ALA A 64 7.76 -5.82 10.67
CA ALA A 64 7.62 -4.43 11.15
C ALA A 64 6.22 -4.18 11.70
N GLU A 65 6.02 -2.97 12.26
CA GLU A 65 4.71 -2.50 12.73
C GLU A 65 3.81 -2.10 11.54
N TRP A 66 4.45 -1.82 10.39
CA TRP A 66 3.75 -1.50 9.12
C TRP A 66 3.68 -2.76 8.24
N SER A 67 4.01 -3.94 8.79
CA SER A 67 4.15 -5.19 7.98
C SER A 67 2.81 -5.59 7.34
N GLU A 68 1.75 -5.63 8.16
CA GLU A 68 0.38 -5.94 7.69
C GLU A 68 -0.24 -4.73 6.96
N ALA A 69 0.26 -3.52 7.28
CA ALA A 69 -0.16 -2.29 6.61
C ALA A 69 0.25 -2.31 5.13
N ALA A 70 1.51 -2.69 4.90
CA ALA A 70 2.16 -2.69 3.58
C ALA A 70 1.76 -3.93 2.75
N ASP A 71 1.75 -5.10 3.39
CA ASP A 71 1.36 -6.36 2.73
C ASP A 71 -0.17 -6.38 2.49
N GLY A 72 -0.92 -5.90 3.48
CA GLY A 72 -2.37 -5.74 3.39
C GLY A 72 -2.77 -4.66 2.37
N LEU A 73 -1.85 -3.71 2.11
CA LEU A 73 -1.99 -2.73 1.02
C LEU A 73 -1.78 -3.47 -0.32
N ALA A 74 -0.64 -4.19 -0.40
CA ALA A 74 -0.14 -4.84 -1.63
C ALA A 74 -1.16 -5.82 -2.24
N VAL A 75 -1.84 -6.59 -1.37
CA VAL A 75 -2.83 -7.60 -1.81
C VAL A 75 -4.03 -6.95 -2.54
N LEU A 76 -4.43 -5.74 -2.11
CA LEU A 76 -5.57 -4.99 -2.70
C LEU A 76 -5.29 -4.59 -4.16
N LEU A 77 -4.00 -4.30 -4.42
CA LEU A 77 -3.49 -3.90 -5.74
C LEU A 77 -3.44 -5.10 -6.71
N GLN A 78 -2.97 -6.23 -6.15
CA GLN A 78 -2.81 -7.49 -6.91
C GLN A 78 -4.17 -8.18 -7.13
N GLN A 79 -5.15 -7.87 -6.24
CA GLN A 79 -6.55 -8.35 -6.35
C GLN A 79 -7.43 -7.29 -7.04
N GLY A 80 -6.80 -6.26 -7.65
CA GLY A 80 -7.50 -5.19 -8.33
C GLY A 80 -8.46 -5.70 -9.40
N GLU A 81 -9.75 -5.32 -9.29
CA GLU A 81 -10.83 -5.78 -10.20
C GLU A 81 -10.56 -5.40 -11.67
N ALA A 82 -9.73 -4.36 -11.87
CA ALA A 82 -9.32 -3.89 -13.19
C ALA A 82 -8.39 -4.93 -13.88
N MET A 4 -13.36 -5.81 -1.13
CA MET A 4 -14.29 -4.91 -0.39
C MET A 4 -13.61 -4.40 0.89
N ASP A 5 -12.96 -5.32 1.63
CA ASP A 5 -12.21 -5.01 2.86
C ASP A 5 -10.91 -4.28 2.48
N THR A 6 -10.97 -2.94 2.37
CA THR A 6 -9.86 -2.12 1.89
C THR A 6 -9.21 -1.32 3.04
N SER A 7 -9.83 -0.19 3.41
CA SER A 7 -9.25 0.79 4.33
C SER A 7 -9.43 0.35 5.79
N ASN A 8 -8.45 -0.41 6.29
CA ASN A 8 -8.28 -0.73 7.73
C ASN A 8 -7.66 0.50 8.44
N HIS A 9 -7.61 0.52 9.79
CA HIS A 9 -6.93 1.59 10.59
C HIS A 9 -5.49 1.87 10.08
N LEU A 10 -4.85 0.81 9.59
CA LEU A 10 -3.45 0.82 9.11
C LEU A 10 -3.21 1.81 7.95
N LEU A 11 -4.11 1.79 6.95
CA LEU A 11 -3.91 2.52 5.68
C LEU A 11 -3.97 4.08 5.82
N PRO A 12 -4.95 4.71 6.57
CA PRO A 12 -4.91 6.17 6.88
C PRO A 12 -3.55 6.65 7.41
N GLY A 13 -2.93 5.84 8.27
CA GLY A 13 -1.60 6.13 8.80
C GLY A 13 -0.49 5.95 7.77
N LEU A 14 -0.56 4.83 7.03
CA LEU A 14 0.45 4.43 6.03
C LEU A 14 0.53 5.45 4.87
N PHE A 15 -0.62 5.73 4.25
CA PHE A 15 -0.75 6.72 3.16
C PHE A 15 -0.33 8.13 3.62
N ARG A 16 -0.60 8.45 4.90
CA ARG A 16 -0.21 9.74 5.50
C ARG A 16 1.34 9.89 5.55
N GLN A 17 2.04 8.75 5.79
CA GLN A 17 3.53 8.71 5.78
C GLN A 17 4.06 8.84 4.34
N LEU A 18 3.29 8.26 3.39
CA LEU A 18 3.59 8.33 1.94
C LEU A 18 3.14 9.70 1.34
N GLY A 19 2.64 10.61 2.21
CA GLY A 19 2.27 11.98 1.83
C GLY A 19 0.96 12.07 1.03
N LEU A 20 0.27 10.92 0.91
CA LEU A 20 -1.00 10.79 0.18
C LEU A 20 -2.19 11.13 1.09
N GLU A 21 -3.40 11.07 0.51
CA GLU A 21 -4.64 11.33 1.24
C GLU A 21 -4.94 10.18 2.21
N ASP A 22 -5.06 10.53 3.49
CA ASP A 22 -5.28 9.58 4.59
C ASP A 22 -6.76 9.16 4.70
N GLU A 23 -7.63 9.80 3.90
CA GLU A 23 -9.08 9.60 3.97
C GLU A 23 -9.48 8.21 3.41
N PRO A 24 -10.30 7.42 4.16
CA PRO A 24 -10.66 6.02 3.79
C PRO A 24 -11.28 5.90 2.38
N ALA A 25 -12.11 6.89 2.03
CA ALA A 25 -12.80 6.96 0.72
C ALA A 25 -11.81 7.21 -0.42
N ALA A 26 -10.78 8.02 -0.13
CA ALA A 26 -9.71 8.36 -1.10
C ALA A 26 -8.77 7.16 -1.31
N ILE A 27 -8.40 6.51 -0.20
CA ILE A 27 -7.46 5.37 -0.16
C ILE A 27 -7.99 4.18 -0.98
N ARG A 28 -9.25 3.79 -0.69
CA ARG A 28 -9.93 2.67 -1.34
C ARG A 28 -10.09 2.96 -2.86
N ALA A 29 -10.22 4.26 -3.19
CA ALA A 29 -10.36 4.72 -4.58
C ALA A 29 -9.02 4.73 -5.33
N PHE A 30 -7.91 5.05 -4.62
CA PHE A 30 -6.54 5.07 -5.22
C PHE A 30 -6.15 3.68 -5.71
N ILE A 31 -6.31 2.71 -4.81
CA ILE A 31 -5.88 1.32 -5.02
C ILE A 31 -6.79 0.57 -6.02
N ASP A 32 -8.06 1.00 -6.09
CA ASP A 32 -9.06 0.42 -7.01
C ASP A 32 -8.85 0.97 -8.44
N SER A 33 -8.67 2.30 -8.53
CA SER A 33 -8.57 3.03 -9.81
C SER A 33 -7.18 2.81 -10.46
N HIS A 34 -6.15 2.66 -9.62
CA HIS A 34 -4.77 2.42 -10.06
C HIS A 34 -4.19 1.23 -9.26
N PRO A 35 -4.41 -0.03 -9.74
CA PRO A 35 -3.85 -1.23 -9.10
C PRO A 35 -2.36 -1.46 -9.45
N LEU A 36 -1.86 -2.66 -9.14
CA LEU A 36 -0.48 -3.09 -9.47
C LEU A 36 -0.52 -4.41 -10.27
N PRO A 37 0.52 -4.68 -11.11
CA PRO A 37 0.69 -5.99 -11.78
C PRO A 37 1.23 -7.06 -10.79
N PRO A 38 0.88 -8.36 -10.97
CA PRO A 38 1.46 -9.49 -10.17
C PRO A 38 3.01 -9.55 -10.22
N ARG A 39 3.58 -9.06 -11.33
CA ARG A 39 5.04 -9.07 -11.58
C ARG A 39 5.77 -7.93 -10.83
N VAL A 40 5.06 -6.83 -10.53
CA VAL A 40 5.62 -5.67 -9.79
C VAL A 40 4.90 -5.59 -8.42
N PRO A 41 5.56 -6.06 -7.32
CA PRO A 41 4.96 -6.03 -5.97
C PRO A 41 4.88 -4.60 -5.39
N LEU A 42 4.23 -4.50 -4.22
CA LEU A 42 3.93 -3.24 -3.53
C LEU A 42 5.20 -2.35 -3.26
N PRO A 43 6.31 -2.88 -2.63
CA PRO A 43 7.51 -2.04 -2.31
C PRO A 43 8.24 -1.55 -3.59
N GLU A 44 8.04 -2.29 -4.68
CA GLU A 44 8.71 -2.05 -5.98
C GLU A 44 7.86 -1.18 -6.90
N ALA A 45 6.66 -0.79 -6.43
CA ALA A 45 5.74 0.07 -7.21
C ALA A 45 6.33 1.49 -7.37
N PRO A 46 6.53 1.99 -8.66
CA PRO A 46 7.11 3.35 -8.92
C PRO A 46 6.13 4.49 -8.55
N PHE A 47 4.90 4.09 -8.17
CA PHE A 47 3.85 4.99 -7.68
C PHE A 47 4.23 5.63 -6.33
N TRP A 48 5.18 5.01 -5.60
CA TRP A 48 5.69 5.52 -4.32
C TRP A 48 7.04 6.24 -4.53
N THR A 49 7.39 7.12 -3.59
CA THR A 49 8.69 7.80 -3.53
C THR A 49 9.72 6.88 -2.84
N PRO A 50 11.05 6.96 -3.19
CA PRO A 50 12.08 5.94 -2.83
C PRO A 50 12.16 5.58 -1.32
N ALA A 51 12.15 6.62 -0.45
CA ALA A 51 12.24 6.42 1.03
C ALA A 51 10.96 5.77 1.60
N GLN A 52 9.82 6.12 0.98
CA GLN A 52 8.49 5.66 1.38
C GLN A 52 8.27 4.22 0.89
N ALA A 53 8.89 3.89 -0.26
CA ALA A 53 8.91 2.53 -0.82
C ALA A 53 9.92 1.66 -0.05
N ALA A 54 10.91 2.32 0.59
CA ALA A 54 11.93 1.66 1.44
C ALA A 54 11.32 1.17 2.77
N PHE A 55 10.32 1.91 3.29
CA PHE A 55 9.56 1.50 4.49
C PHE A 55 8.74 0.22 4.15
N LEU A 56 8.11 0.25 2.96
CA LEU A 56 7.35 -0.89 2.41
C LEU A 56 8.29 -2.06 2.05
N ARG A 57 9.55 -1.74 1.68
CA ARG A 57 10.58 -2.74 1.34
C ARG A 57 10.88 -3.62 2.57
N GLN A 58 11.17 -2.96 3.70
CA GLN A 58 11.50 -3.63 4.97
C GLN A 58 10.24 -4.29 5.59
N ALA A 59 9.06 -3.78 5.20
CA ALA A 59 7.76 -4.30 5.63
C ALA A 59 7.44 -5.66 4.97
N LEU A 60 7.91 -5.87 3.73
CA LEU A 60 7.75 -7.14 3.00
C LEU A 60 8.95 -8.10 3.22
N GLU A 61 10.04 -7.60 3.84
CA GLU A 61 11.23 -8.43 4.18
C GLU A 61 11.11 -9.01 5.60
N CYS A 62 10.59 -8.21 6.52
CA CYS A 62 10.50 -8.55 7.95
C CYS A 62 9.25 -7.92 8.58
N ASP A 63 8.99 -8.21 9.87
CA ASP A 63 7.92 -7.56 10.64
C ASP A 63 8.39 -6.15 11.03
N ALA A 64 8.15 -5.20 10.10
CA ALA A 64 8.33 -3.76 10.32
C ALA A 64 7.03 -3.17 10.89
N GLU A 65 7.05 -1.86 11.20
CA GLU A 65 5.87 -1.15 11.74
C GLU A 65 4.71 -1.10 10.71
N TRP A 66 5.05 -1.33 9.43
CA TRP A 66 4.09 -1.35 8.32
C TRP A 66 3.99 -2.73 7.67
N SER A 67 4.41 -3.79 8.38
CA SER A 67 4.44 -5.17 7.81
C SER A 67 3.01 -5.65 7.46
N GLU A 68 2.10 -5.54 8.44
CA GLU A 68 0.69 -5.93 8.28
C GLU A 68 -0.04 -4.93 7.35
N ALA A 69 0.30 -3.64 7.48
CA ALA A 69 -0.28 -2.54 6.68
C ALA A 69 -0.01 -2.75 5.19
N ALA A 70 1.24 -3.10 4.89
CA ALA A 70 1.73 -3.31 3.52
C ALA A 70 1.34 -4.70 3.00
N ASP A 71 1.11 -5.65 3.90
CA ASP A 71 0.66 -7.02 3.55
C ASP A 71 -0.75 -6.95 2.93
N GLY A 72 -1.64 -6.21 3.62
CA GLY A 72 -2.99 -5.96 3.15
C GLY A 72 -3.02 -5.09 1.91
N LEU A 73 -2.22 -4.01 1.91
CA LEU A 73 -2.15 -3.06 0.78
C LEU A 73 -1.64 -3.76 -0.50
N ALA A 74 -0.73 -4.74 -0.32
CA ALA A 74 -0.17 -5.54 -1.43
C ALA A 74 -1.26 -6.37 -2.11
N VAL A 75 -2.07 -7.08 -1.31
CA VAL A 75 -3.14 -7.97 -1.85
C VAL A 75 -4.30 -7.15 -2.46
N LEU A 76 -4.48 -5.89 -2.01
CA LEU A 76 -5.50 -4.98 -2.57
C LEU A 76 -5.11 -4.51 -4.00
N LEU A 77 -3.82 -4.21 -4.18
CA LEU A 77 -3.29 -3.63 -5.42
C LEU A 77 -2.96 -4.70 -6.48
N GLN A 78 -2.14 -5.69 -6.09
CA GLN A 78 -1.56 -6.70 -7.01
C GLN A 78 -2.62 -7.66 -7.58
N GLN A 79 -3.78 -7.73 -6.91
CA GLN A 79 -4.93 -8.58 -7.33
C GLN A 79 -5.97 -7.75 -8.12
N GLY A 80 -5.54 -6.57 -8.63
CA GLY A 80 -6.41 -5.61 -9.34
C GLY A 80 -7.09 -6.19 -10.58
N GLU A 81 -6.28 -6.74 -11.49
CA GLU A 81 -6.77 -7.48 -12.67
C GLU A 81 -5.88 -8.71 -12.91
N ALA A 82 -6.46 -9.90 -12.70
CA ALA A 82 -5.78 -11.19 -12.85
C ALA A 82 -6.40 -11.97 -14.04
N MET A 4 -18.30 -4.14 1.15
CA MET A 4 -17.07 -4.20 0.36
C MET A 4 -16.29 -2.88 0.51
N ASP A 5 -15.28 -2.89 1.41
CA ASP A 5 -14.45 -1.70 1.74
C ASP A 5 -12.96 -2.09 1.68
N THR A 6 -12.09 -1.18 2.14
CA THR A 6 -10.65 -1.43 2.30
C THR A 6 -10.35 -1.96 3.72
N SER A 7 -9.04 -2.03 4.07
CA SER A 7 -8.59 -2.47 5.40
C SER A 7 -8.90 -1.39 6.47
N ASN A 8 -8.62 -1.73 7.73
CA ASN A 8 -8.89 -0.90 8.93
C ASN A 8 -7.88 0.28 9.04
N HIS A 9 -7.71 0.85 10.26
CA HIS A 9 -6.87 2.05 10.56
C HIS A 9 -5.42 1.98 10.00
N LEU A 10 -4.96 0.75 9.66
CA LEU A 10 -3.66 0.50 9.00
C LEU A 10 -3.44 1.41 7.77
N LEU A 11 -4.40 1.36 6.84
CA LEU A 11 -4.32 2.11 5.55
C LEU A 11 -4.43 3.66 5.75
N PRO A 12 -5.45 4.23 6.49
CA PRO A 12 -5.49 5.68 6.84
C PRO A 12 -4.13 6.25 7.32
N GLY A 13 -3.44 5.49 8.19
CA GLY A 13 -2.12 5.88 8.69
C GLY A 13 -1.03 5.80 7.63
N LEU A 14 -0.97 4.63 6.94
CA LEU A 14 0.09 4.31 5.95
C LEU A 14 0.06 5.29 4.76
N PHE A 15 -1.16 5.69 4.36
CA PHE A 15 -1.39 6.63 3.26
C PHE A 15 -0.79 8.00 3.60
N ARG A 16 -1.04 8.51 4.83
CA ARG A 16 -0.52 9.83 5.27
C ARG A 16 1.03 9.80 5.44
N GLN A 17 1.60 8.59 5.66
CA GLN A 17 3.07 8.38 5.67
C GLN A 17 3.64 8.58 4.24
N LEU A 18 2.85 8.15 3.24
CA LEU A 18 3.22 8.23 1.81
C LEU A 18 2.78 9.57 1.18
N GLY A 19 1.94 10.36 1.90
CA GLY A 19 1.46 11.68 1.44
C GLY A 19 0.11 11.63 0.71
N LEU A 20 -0.61 10.52 0.88
CA LEU A 20 -1.98 10.31 0.33
C LEU A 20 -3.05 10.63 1.40
N GLU A 21 -4.33 10.59 0.99
CA GLU A 21 -5.49 10.88 1.87
C GLU A 21 -5.85 9.66 2.74
N ASP A 22 -6.34 9.92 3.97
CA ASP A 22 -6.65 8.86 4.97
C ASP A 22 -8.13 8.45 4.94
N GLU A 23 -8.94 9.16 4.16
CA GLU A 23 -10.39 8.94 4.09
C GLU A 23 -10.71 7.67 3.29
N PRO A 24 -11.58 6.73 3.84
CA PRO A 24 -11.93 5.45 3.17
C PRO A 24 -12.34 5.61 1.68
N ALA A 25 -13.12 6.67 1.40
CA ALA A 25 -13.59 6.99 0.03
C ALA A 25 -12.42 7.32 -0.91
N ALA A 26 -11.40 7.99 -0.36
CA ALA A 26 -10.20 8.40 -1.10
C ALA A 26 -9.21 7.23 -1.26
N ILE A 27 -9.10 6.42 -0.19
CA ILE A 27 -8.18 5.26 -0.12
C ILE A 27 -8.54 4.21 -1.19
N ARG A 28 -9.84 3.85 -1.23
CA ARG A 28 -10.36 2.90 -2.20
C ARG A 28 -10.23 3.47 -3.63
N ALA A 29 -10.36 4.81 -3.74
CA ALA A 29 -10.29 5.51 -5.02
C ALA A 29 -8.87 5.50 -5.61
N PHE A 30 -7.83 5.59 -4.74
CA PHE A 30 -6.41 5.56 -5.17
C PHE A 30 -6.04 4.18 -5.72
N ILE A 31 -6.37 3.13 -4.95
CA ILE A 31 -6.02 1.74 -5.29
C ILE A 31 -6.87 1.23 -6.49
N ASP A 32 -8.08 1.78 -6.64
CA ASP A 32 -8.96 1.49 -7.78
C ASP A 32 -8.48 2.23 -9.05
N SER A 33 -7.98 3.47 -8.86
CA SER A 33 -7.51 4.35 -9.95
C SER A 33 -6.32 3.70 -10.69
N HIS A 34 -5.43 3.06 -9.92
CA HIS A 34 -4.35 2.25 -10.48
C HIS A 34 -3.92 1.19 -9.45
N PRO A 35 -4.42 -0.07 -9.58
CA PRO A 35 -3.90 -1.21 -8.81
C PRO A 35 -2.52 -1.67 -9.34
N LEU A 36 -1.88 -2.57 -8.59
CA LEU A 36 -0.56 -3.11 -8.95
C LEU A 36 -0.68 -4.51 -9.58
N PRO A 37 0.35 -4.95 -10.35
CA PRO A 37 0.43 -6.32 -10.85
C PRO A 37 1.01 -7.31 -9.79
N PRO A 38 0.64 -8.63 -9.86
CA PRO A 38 1.14 -9.67 -8.92
C PRO A 38 2.69 -9.82 -8.91
N ARG A 39 3.36 -9.39 -10.00
CA ARG A 39 4.84 -9.46 -10.08
C ARG A 39 5.53 -8.21 -9.47
N VAL A 40 4.80 -7.07 -9.40
CA VAL A 40 5.33 -5.82 -8.82
C VAL A 40 4.56 -5.48 -7.53
N PRO A 41 5.12 -5.83 -6.32
CA PRO A 41 4.49 -5.52 -5.01
C PRO A 41 4.50 -4.03 -4.64
N LEU A 42 3.88 -3.72 -3.48
CA LEU A 42 3.75 -2.34 -2.94
C LEU A 42 5.12 -1.58 -2.85
N PRO A 43 6.22 -2.18 -2.24
CA PRO A 43 7.55 -1.51 -2.17
C PRO A 43 8.15 -1.22 -3.56
N GLU A 44 7.89 -2.13 -4.50
CA GLU A 44 8.46 -2.09 -5.85
C GLU A 44 7.58 -1.24 -6.80
N ALA A 45 6.48 -0.67 -6.28
CA ALA A 45 5.61 0.23 -7.04
C ALA A 45 6.36 1.54 -7.39
N PRO A 46 6.42 1.94 -8.71
CA PRO A 46 7.21 3.13 -9.15
C PRO A 46 6.61 4.48 -8.68
N PHE A 47 5.39 4.40 -8.15
CA PHE A 47 4.64 5.57 -7.63
C PHE A 47 5.32 6.17 -6.39
N TRP A 48 6.11 5.35 -5.67
CA TRP A 48 6.82 5.79 -4.47
C TRP A 48 8.24 6.22 -4.84
N THR A 49 8.74 7.22 -4.11
CA THR A 49 10.13 7.68 -4.22
C THR A 49 11.09 6.58 -3.70
N PRO A 50 12.38 6.51 -4.17
CA PRO A 50 13.31 5.40 -3.81
C PRO A 50 13.49 5.21 -2.27
N ALA A 51 13.35 6.31 -1.50
CA ALA A 51 13.41 6.27 -0.03
C ALA A 51 12.18 5.55 0.57
N GLN A 52 10.99 5.96 0.11
CA GLN A 52 9.68 5.42 0.56
C GLN A 52 9.47 3.98 0.05
N ALA A 53 10.10 3.68 -1.08
CA ALA A 53 10.11 2.34 -1.69
C ALA A 53 10.95 1.39 -0.83
N ALA A 54 12.10 1.91 -0.35
CA ALA A 54 13.03 1.18 0.54
C ALA A 54 12.42 0.98 1.94
N PHE A 55 11.58 1.95 2.38
CA PHE A 55 10.88 1.90 3.68
C PHE A 55 9.85 0.75 3.67
N LEU A 56 9.01 0.74 2.61
CA LEU A 56 7.98 -0.31 2.40
C LEU A 56 8.66 -1.67 2.11
N ARG A 57 9.87 -1.61 1.51
CA ARG A 57 10.66 -2.83 1.20
C ARG A 57 11.00 -3.58 2.47
N GLN A 58 11.58 -2.87 3.44
CA GLN A 58 12.00 -3.45 4.73
C GLN A 58 10.79 -3.89 5.58
N ALA A 59 9.60 -3.33 5.26
CA ALA A 59 8.34 -3.73 5.90
C ALA A 59 7.81 -5.07 5.33
N LEU A 60 8.09 -5.36 4.03
CA LEU A 60 7.62 -6.61 3.38
C LEU A 60 8.66 -7.75 3.50
N GLU A 61 9.93 -7.47 3.17
CA GLU A 61 11.01 -8.50 3.17
C GLU A 61 11.33 -8.99 4.59
N CYS A 62 11.04 -8.16 5.60
CA CYS A 62 11.27 -8.48 7.01
C CYS A 62 9.98 -8.32 7.82
N ASP A 63 9.88 -9.07 8.92
CA ASP A 63 8.73 -9.00 9.85
C ASP A 63 8.82 -7.71 10.68
N ALA A 64 8.20 -6.65 10.16
CA ALA A 64 8.21 -5.31 10.74
C ALA A 64 6.87 -4.97 11.41
N GLU A 65 6.86 -3.83 12.11
CA GLU A 65 5.63 -3.24 12.72
C GLU A 65 4.76 -2.57 11.64
N TRP A 66 5.37 -2.27 10.48
CA TRP A 66 4.66 -1.67 9.31
C TRP A 66 4.18 -2.78 8.36
N SER A 67 4.59 -4.03 8.65
CA SER A 67 4.43 -5.19 7.74
C SER A 67 2.95 -5.49 7.45
N GLU A 68 2.12 -5.47 8.51
CA GLU A 68 0.67 -5.77 8.41
C GLU A 68 -0.07 -4.72 7.57
N ALA A 69 0.25 -3.43 7.79
CA ALA A 69 -0.37 -2.31 7.06
C ALA A 69 0.01 -2.33 5.57
N ALA A 70 1.30 -2.61 5.33
CA ALA A 70 1.88 -2.61 3.98
C ALA A 70 1.46 -3.86 3.17
N ASP A 71 1.25 -4.98 3.88
CA ASP A 71 0.74 -6.23 3.27
C ASP A 71 -0.74 -6.09 2.93
N GLY A 72 -1.50 -5.49 3.85
CA GLY A 72 -2.93 -5.24 3.67
C GLY A 72 -3.23 -4.32 2.50
N LEU A 73 -2.30 -3.40 2.21
CA LEU A 73 -2.38 -2.53 1.03
C LEU A 73 -1.93 -3.29 -0.23
N ALA A 74 -0.85 -4.08 -0.09
CA ALA A 74 -0.25 -4.85 -1.21
C ALA A 74 -1.24 -5.87 -1.81
N VAL A 75 -2.01 -6.54 -0.94
CA VAL A 75 -2.99 -7.58 -1.37
C VAL A 75 -4.16 -6.95 -2.15
N LEU A 76 -4.59 -5.74 -1.75
CA LEU A 76 -5.68 -4.99 -2.42
C LEU A 76 -5.25 -4.53 -3.82
N LEU A 77 -3.97 -4.18 -3.94
CA LEU A 77 -3.37 -3.66 -5.17
C LEU A 77 -3.10 -4.79 -6.20
N GLN A 78 -2.40 -5.85 -5.76
CA GLN A 78 -1.87 -6.90 -6.65
C GLN A 78 -2.97 -7.86 -7.15
N GLN A 79 -4.20 -7.71 -6.63
CA GLN A 79 -5.41 -8.39 -7.16
C GLN A 79 -6.08 -7.55 -8.26
N GLY A 80 -5.33 -6.58 -8.82
CA GLY A 80 -5.82 -5.72 -9.89
C GLY A 80 -5.77 -6.35 -11.27
N GLU A 81 -6.16 -5.58 -12.28
CA GLU A 81 -6.20 -6.03 -13.69
C GLU A 81 -4.87 -5.72 -14.43
N ALA A 82 -3.84 -5.34 -13.66
CA ALA A 82 -2.49 -5.11 -14.18
C ALA A 82 -1.75 -6.46 -14.36
N MET A 4 -15.25 -3.68 2.65
CA MET A 4 -14.21 -3.98 3.65
C MET A 4 -12.82 -4.02 2.95
N ASP A 5 -11.84 -4.75 3.56
CA ASP A 5 -10.47 -5.02 2.99
C ASP A 5 -9.52 -3.85 3.25
N THR A 6 -9.96 -2.62 2.90
CA THR A 6 -9.27 -1.39 3.28
C THR A 6 -9.33 -1.21 4.82
N SER A 7 -8.25 -1.66 5.48
CA SER A 7 -8.14 -1.74 6.95
C SER A 7 -8.24 -0.33 7.59
N ASN A 8 -9.19 -0.17 8.54
CA ASN A 8 -9.60 1.16 9.08
C ASN A 8 -8.58 1.75 10.09
N HIS A 9 -7.61 0.92 10.55
CA HIS A 9 -6.48 1.39 11.39
C HIS A 9 -5.18 1.45 10.57
N LEU A 10 -4.94 0.39 9.78
CA LEU A 10 -3.66 0.16 9.08
C LEU A 10 -3.46 1.10 7.87
N LEU A 11 -4.42 1.08 6.92
CA LEU A 11 -4.31 1.85 5.66
C LEU A 11 -4.31 3.39 5.88
N PRO A 12 -5.25 4.03 6.68
CA PRO A 12 -5.20 5.49 6.97
C PRO A 12 -3.82 5.95 7.49
N GLY A 13 -3.21 5.10 8.34
CA GLY A 13 -1.87 5.36 8.87
C GLY A 13 -0.79 5.32 7.81
N LEU A 14 -0.79 4.24 7.02
CA LEU A 14 0.26 3.97 6.02
C LEU A 14 0.20 4.99 4.85
N PHE A 15 -1.02 5.38 4.46
CA PHE A 15 -1.27 6.38 3.40
C PHE A 15 -0.72 7.75 3.83
N ARG A 16 -0.90 8.10 5.11
CA ARG A 16 -0.33 9.33 5.69
C ARG A 16 1.22 9.30 5.65
N GLN A 17 1.80 8.09 5.77
CA GLN A 17 3.27 7.89 5.65
C GLN A 17 3.73 8.00 4.18
N LEU A 18 2.80 7.69 3.23
CA LEU A 18 3.05 7.78 1.78
C LEU A 18 2.63 9.16 1.21
N GLY A 19 2.10 10.04 2.10
CA GLY A 19 1.66 11.40 1.73
C GLY A 19 0.23 11.47 1.18
N LEU A 20 -0.42 10.30 1.07
CA LEU A 20 -1.82 10.15 0.60
C LEU A 20 -2.83 10.42 1.75
N GLU A 21 -4.12 10.48 1.38
CA GLU A 21 -5.21 10.78 2.32
C GLU A 21 -5.55 9.54 3.17
N ASP A 22 -5.92 9.79 4.44
CA ASP A 22 -6.32 8.73 5.40
C ASP A 22 -7.84 8.44 5.32
N GLU A 23 -8.53 9.14 4.41
CA GLU A 23 -9.98 9.00 4.18
C GLU A 23 -10.21 7.73 3.34
N PRO A 24 -11.01 6.72 3.83
CA PRO A 24 -11.24 5.43 3.09
C PRO A 24 -11.84 5.65 1.69
N ALA A 25 -12.63 6.72 1.55
CA ALA A 25 -13.22 7.13 0.27
C ALA A 25 -12.13 7.47 -0.77
N ALA A 26 -11.05 8.13 -0.29
CA ALA A 26 -9.87 8.48 -1.10
C ALA A 26 -8.90 7.29 -1.24
N ILE A 27 -8.81 6.48 -0.18
CA ILE A 27 -7.90 5.31 -0.08
C ILE A 27 -8.23 4.27 -1.16
N ARG A 28 -9.53 3.92 -1.24
CA ARG A 28 -10.04 2.99 -2.27
C ARG A 28 -9.82 3.58 -3.67
N ALA A 29 -9.90 4.92 -3.77
CA ALA A 29 -9.76 5.65 -5.03
C ALA A 29 -8.32 5.61 -5.56
N PHE A 30 -7.32 5.65 -4.65
CA PHE A 30 -5.87 5.64 -5.02
C PHE A 30 -5.46 4.27 -5.57
N ILE A 31 -5.89 3.20 -4.88
CA ILE A 31 -5.55 1.81 -5.26
C ILE A 31 -6.34 1.38 -6.51
N ASP A 32 -7.54 1.96 -6.70
CA ASP A 32 -8.40 1.75 -7.89
C ASP A 32 -7.87 2.56 -9.09
N SER A 33 -7.30 3.75 -8.80
CA SER A 33 -6.76 4.67 -9.84
C SER A 33 -5.58 4.03 -10.57
N HIS A 34 -4.75 3.31 -9.81
CA HIS A 34 -3.58 2.60 -10.32
C HIS A 34 -3.34 1.32 -9.51
N PRO A 35 -4.07 0.20 -9.83
CA PRO A 35 -3.77 -1.14 -9.28
C PRO A 35 -2.41 -1.65 -9.79
N LEU A 36 -1.86 -2.64 -9.10
CA LEU A 36 -0.63 -3.34 -9.51
C LEU A 36 -0.97 -4.75 -10.03
N PRO A 37 -0.11 -5.36 -10.88
CA PRO A 37 -0.22 -6.77 -11.24
C PRO A 37 0.42 -7.66 -10.13
N PRO A 38 0.03 -8.97 -10.02
CA PRO A 38 0.61 -9.91 -9.00
C PRO A 38 2.10 -10.27 -9.25
N ARG A 39 2.71 -9.65 -10.28
CA ARG A 39 4.14 -9.84 -10.62
C ARG A 39 4.96 -8.67 -10.04
N VAL A 40 4.30 -7.50 -9.87
CA VAL A 40 4.92 -6.27 -9.33
C VAL A 40 4.22 -5.89 -8.00
N PRO A 41 4.81 -6.24 -6.82
CA PRO A 41 4.24 -5.90 -5.50
C PRO A 41 4.40 -4.41 -5.12
N LEU A 42 3.88 -4.07 -3.91
CA LEU A 42 3.75 -2.68 -3.41
C LEU A 42 5.09 -1.88 -3.41
N PRO A 43 6.23 -2.39 -2.77
CA PRO A 43 7.50 -1.60 -2.70
C PRO A 43 8.22 -1.50 -4.06
N GLU A 44 7.82 -2.37 -5.01
CA GLU A 44 8.44 -2.50 -6.32
C GLU A 44 7.75 -1.63 -7.38
N ALA A 45 6.64 -0.96 -6.97
CA ALA A 45 5.92 0.00 -7.82
C ALA A 45 6.74 1.31 -7.94
N PRO A 46 7.15 1.74 -9.18
CA PRO A 46 7.92 2.99 -9.39
C PRO A 46 7.08 4.28 -9.24
N PHE A 47 5.82 4.14 -8.78
CA PHE A 47 4.97 5.29 -8.38
C PHE A 47 5.47 5.90 -7.07
N TRP A 48 5.83 5.03 -6.12
CA TRP A 48 6.25 5.45 -4.77
C TRP A 48 7.63 6.10 -4.82
N THR A 49 7.77 7.24 -4.13
CA THR A 49 9.03 7.98 -4.01
C THR A 49 10.11 7.06 -3.37
N PRO A 50 11.41 7.14 -3.85
CA PRO A 50 12.43 6.06 -3.61
C PRO A 50 12.63 5.68 -2.12
N ALA A 51 12.55 6.69 -1.23
CA ALA A 51 12.67 6.48 0.23
C ALA A 51 11.45 5.72 0.79
N GLN A 52 10.25 6.10 0.29
CA GLN A 52 8.97 5.51 0.72
C GLN A 52 8.76 4.09 0.15
N ALA A 53 9.31 3.83 -1.04
CA ALA A 53 9.28 2.48 -1.66
C ALA A 53 10.15 1.50 -0.85
N ALA A 54 11.34 1.99 -0.46
CA ALA A 54 12.28 1.24 0.40
C ALA A 54 11.73 1.05 1.83
N PHE A 55 10.93 2.05 2.28
CA PHE A 55 10.28 2.03 3.61
C PHE A 55 9.20 0.94 3.65
N LEU A 56 8.42 0.84 2.56
CA LEU A 56 7.42 -0.24 2.36
C LEU A 56 8.13 -1.60 2.31
N ARG A 57 9.32 -1.64 1.68
CA ARG A 57 10.11 -2.88 1.52
C ARG A 57 10.66 -3.37 2.88
N GLN A 58 10.84 -2.44 3.85
CA GLN A 58 11.19 -2.83 5.24
C GLN A 58 10.02 -3.61 5.88
N ALA A 59 8.79 -3.19 5.55
CA ALA A 59 7.55 -3.77 6.07
C ALA A 59 7.11 -5.03 5.28
N LEU A 60 7.52 -5.15 4.01
CA LEU A 60 7.13 -6.30 3.14
C LEU A 60 8.17 -7.44 3.21
N GLU A 61 9.45 -7.09 3.21
CA GLU A 61 10.57 -8.07 3.16
C GLU A 61 10.96 -8.53 4.58
N CYS A 62 10.65 -7.69 5.59
CA CYS A 62 10.90 -7.99 7.01
C CYS A 62 9.68 -7.58 7.85
N ASP A 63 9.64 -8.03 9.11
CA ASP A 63 8.55 -7.73 10.04
C ASP A 63 8.83 -6.42 10.79
N ALA A 64 8.35 -5.30 10.21
CA ALA A 64 8.33 -3.98 10.87
C ALA A 64 7.04 -3.84 11.71
N GLU A 65 6.87 -2.67 12.35
CA GLU A 65 5.61 -2.31 13.04
C GLU A 65 4.51 -1.93 12.02
N TRP A 66 4.92 -1.65 10.76
CA TRP A 66 3.99 -1.35 9.64
C TRP A 66 3.83 -2.56 8.71
N SER A 67 4.34 -3.73 9.15
CA SER A 67 4.37 -4.97 8.34
C SER A 67 2.95 -5.40 7.93
N GLU A 68 2.03 -5.39 8.91
CA GLU A 68 0.62 -5.80 8.71
C GLU A 68 -0.13 -4.84 7.76
N ALA A 69 0.20 -3.55 7.87
CA ALA A 69 -0.43 -2.46 7.08
C ALA A 69 -0.03 -2.56 5.59
N ALA A 70 1.29 -2.70 5.37
CA ALA A 70 1.88 -2.68 4.04
C ALA A 70 1.70 -4.01 3.29
N ASP A 71 1.55 -5.10 4.06
CA ASP A 71 1.26 -6.45 3.53
C ASP A 71 -0.18 -6.49 3.00
N GLY A 72 -1.12 -6.00 3.84
CA GLY A 72 -2.53 -5.91 3.48
C GLY A 72 -2.79 -4.93 2.35
N LEU A 73 -1.93 -3.89 2.23
CA LEU A 73 -2.02 -2.93 1.12
C LEU A 73 -1.43 -3.54 -0.17
N ALA A 74 -0.36 -4.35 -0.02
CA ALA A 74 0.34 -4.98 -1.16
C ALA A 74 -0.60 -5.88 -1.97
N VAL A 75 -1.44 -6.63 -1.25
CA VAL A 75 -2.43 -7.54 -1.86
C VAL A 75 -3.63 -6.78 -2.45
N LEU A 76 -3.95 -5.58 -1.90
CA LEU A 76 -5.04 -4.72 -2.41
C LEU A 76 -4.65 -4.04 -3.74
N LEU A 77 -3.34 -3.84 -3.96
CA LEU A 77 -2.82 -3.34 -5.24
C LEU A 77 -2.76 -4.49 -6.26
N GLN A 78 -2.08 -5.60 -5.87
CA GLN A 78 -1.85 -6.77 -6.75
C GLN A 78 -3.17 -7.48 -7.12
N GLN A 79 -4.18 -7.31 -6.25
CA GLN A 79 -5.54 -7.80 -6.48
C GLN A 79 -6.48 -6.59 -6.30
N GLY A 80 -6.40 -5.66 -7.29
CA GLY A 80 -7.17 -4.40 -7.26
C GLY A 80 -8.67 -4.60 -7.42
N GLU A 81 -9.32 -5.01 -6.33
CA GLU A 81 -10.76 -5.34 -6.30
C GLU A 81 -11.59 -4.07 -5.99
N ALA A 82 -12.72 -3.91 -6.70
CA ALA A 82 -13.64 -2.78 -6.53
C ALA A 82 -14.98 -3.10 -7.24
N MET A 4 -6.20 -8.62 3.33
CA MET A 4 -6.94 -8.47 2.04
C MET A 4 -8.06 -7.42 2.14
N ASP A 5 -8.09 -6.65 3.24
CA ASP A 5 -9.15 -5.65 3.50
C ASP A 5 -8.63 -4.21 3.32
N THR A 6 -9.37 -3.41 2.52
CA THR A 6 -9.07 -1.98 2.28
C THR A 6 -9.73 -1.10 3.36
N SER A 7 -10.86 -1.60 3.90
CA SER A 7 -11.57 -0.95 5.00
C SER A 7 -10.90 -1.33 6.33
N ASN A 8 -9.69 -0.78 6.50
CA ASN A 8 -8.79 -1.11 7.62
C ASN A 8 -8.10 0.19 8.07
N HIS A 9 -8.01 0.39 9.40
CA HIS A 9 -7.41 1.60 10.00
C HIS A 9 -5.86 1.60 9.93
N LEU A 10 -5.26 0.48 9.48
CA LEU A 10 -3.81 0.36 9.25
C LEU A 10 -3.38 1.10 7.97
N LEU A 11 -4.29 1.15 6.97
CA LEU A 11 -4.04 1.89 5.71
C LEU A 11 -3.94 3.43 5.98
N PRO A 12 -4.93 4.12 6.66
CA PRO A 12 -4.83 5.56 7.05
C PRO A 12 -3.44 5.98 7.59
N GLY A 13 -2.90 5.19 8.52
CA GLY A 13 -1.59 5.44 9.12
C GLY A 13 -0.45 5.34 8.10
N LEU A 14 -0.50 4.27 7.28
CA LEU A 14 0.54 3.98 6.26
C LEU A 14 0.57 5.09 5.19
N PHE A 15 -0.62 5.48 4.69
CA PHE A 15 -0.81 6.49 3.63
C PHE A 15 -0.34 7.88 4.09
N ARG A 16 -0.53 8.19 5.39
CA ARG A 16 0.00 9.43 5.99
C ARG A 16 1.53 9.51 5.85
N GLN A 17 2.19 8.36 6.08
CA GLN A 17 3.65 8.23 5.95
C GLN A 17 4.08 8.22 4.47
N LEU A 18 3.19 7.74 3.59
CA LEU A 18 3.43 7.70 2.13
C LEU A 18 3.08 9.04 1.47
N GLY A 19 2.46 9.96 2.24
CA GLY A 19 2.13 11.31 1.77
C GLY A 19 0.73 11.41 1.16
N LEU A 20 0.00 10.28 1.11
CA LEU A 20 -1.37 10.22 0.57
C LEU A 20 -2.42 10.57 1.66
N GLU A 21 -3.70 10.56 1.26
CA GLU A 21 -4.84 10.82 2.16
C GLU A 21 -5.15 9.57 3.00
N ASP A 22 -5.57 9.79 4.26
CA ASP A 22 -5.89 8.73 5.22
C ASP A 22 -7.40 8.41 5.25
N GLU A 23 -8.19 9.13 4.44
CA GLU A 23 -9.65 8.92 4.34
C GLU A 23 -9.94 7.68 3.48
N PRO A 24 -10.71 6.66 4.02
CA PRO A 24 -11.01 5.36 3.32
C PRO A 24 -11.53 5.53 1.88
N ALA A 25 -12.32 6.60 1.64
CA ALA A 25 -12.86 6.93 0.31
C ALA A 25 -11.74 7.26 -0.69
N ALA A 26 -10.74 8.02 -0.21
CA ALA A 26 -9.59 8.44 -1.02
C ALA A 26 -8.60 7.28 -1.19
N ILE A 27 -8.44 6.50 -0.10
CA ILE A 27 -7.53 5.34 -0.02
C ILE A 27 -7.87 4.28 -1.07
N ARG A 28 -9.17 3.87 -1.07
CA ARG A 28 -9.69 2.88 -2.03
C ARG A 28 -9.55 3.43 -3.45
N ALA A 29 -9.71 4.76 -3.59
CA ALA A 29 -9.65 5.45 -4.89
C ALA A 29 -8.22 5.48 -5.46
N PHE A 30 -7.19 5.52 -4.56
CA PHE A 30 -5.77 5.51 -4.98
C PHE A 30 -5.40 4.14 -5.56
N ILE A 31 -5.75 3.08 -4.83
CA ILE A 31 -5.40 1.69 -5.19
C ILE A 31 -6.26 1.16 -6.36
N ASP A 32 -7.48 1.70 -6.49
CA ASP A 32 -8.40 1.38 -7.61
C ASP A 32 -7.91 2.05 -8.91
N SER A 33 -7.56 3.34 -8.81
CA SER A 33 -7.11 4.13 -9.98
C SER A 33 -5.68 3.79 -10.39
N HIS A 34 -4.88 3.27 -9.43
CA HIS A 34 -3.48 2.85 -9.67
C HIS A 34 -3.27 1.48 -9.02
N PRO A 35 -3.77 0.36 -9.64
CA PRO A 35 -3.51 -1.01 -9.14
C PRO A 35 -2.15 -1.55 -9.65
N LEU A 36 -1.87 -2.83 -9.36
CA LEU A 36 -0.64 -3.54 -9.78
C LEU A 36 -0.98 -4.98 -10.23
N PRO A 37 -0.11 -5.61 -11.08
CA PRO A 37 -0.17 -7.07 -11.32
C PRO A 37 0.33 -7.86 -10.08
N PRO A 38 0.00 -9.19 -9.95
CA PRO A 38 0.62 -10.09 -8.93
C PRO A 38 2.09 -10.46 -9.28
N ARG A 39 2.86 -9.43 -9.65
CA ARG A 39 4.18 -9.56 -10.29
C ARG A 39 5.03 -8.36 -9.87
N VAL A 40 4.42 -7.15 -9.99
CA VAL A 40 4.98 -5.91 -9.44
C VAL A 40 4.36 -5.71 -8.06
N PRO A 41 5.11 -5.93 -6.94
CA PRO A 41 4.59 -5.72 -5.58
C PRO A 41 4.53 -4.24 -5.20
N LEU A 42 4.00 -3.98 -4.00
CA LEU A 42 3.71 -2.64 -3.48
C LEU A 42 4.96 -1.69 -3.51
N PRO A 43 6.16 -2.06 -2.93
CA PRO A 43 7.34 -1.14 -2.90
C PRO A 43 7.95 -0.88 -4.30
N GLU A 44 7.78 -1.87 -5.21
CA GLU A 44 8.38 -1.83 -6.56
C GLU A 44 7.51 -1.02 -7.54
N ALA A 45 6.38 -0.48 -7.07
CA ALA A 45 5.53 0.40 -7.86
C ALA A 45 6.20 1.80 -8.03
N PRO A 46 6.34 2.31 -9.29
CA PRO A 46 6.94 3.65 -9.54
C PRO A 46 6.00 4.82 -9.12
N PHE A 47 4.78 4.46 -8.66
CA PHE A 47 3.83 5.39 -8.02
C PHE A 47 4.46 6.02 -6.75
N TRP A 48 5.36 5.26 -6.10
CA TRP A 48 6.10 5.71 -4.91
C TRP A 48 7.46 6.29 -5.31
N THR A 49 7.99 7.17 -4.47
CA THR A 49 9.38 7.66 -4.57
C THR A 49 10.34 6.59 -4.05
N PRO A 50 11.68 6.68 -4.33
CA PRO A 50 12.67 5.70 -3.80
C PRO A 50 12.68 5.63 -2.24
N ALA A 51 12.32 6.75 -1.58
CA ALA A 51 12.24 6.84 -0.11
C ALA A 51 11.01 6.07 0.43
N GLN A 52 9.81 6.39 -0.12
CA GLN A 52 8.53 5.73 0.26
C GLN A 52 8.50 4.25 -0.18
N ALA A 53 9.26 3.94 -1.24
CA ALA A 53 9.43 2.57 -1.76
C ALA A 53 10.22 1.72 -0.74
N ALA A 54 11.30 2.32 -0.20
CA ALA A 54 12.14 1.68 0.83
C ALA A 54 11.36 1.53 2.16
N PHE A 55 10.48 2.50 2.45
CA PHE A 55 9.61 2.50 3.66
C PHE A 55 8.64 1.29 3.64
N LEU A 56 8.14 0.96 2.45
CA LEU A 56 7.27 -0.21 2.23
C LEU A 56 8.10 -1.51 2.21
N ARG A 57 9.25 -1.46 1.51
CA ARG A 57 10.10 -2.63 1.21
C ARG A 57 10.55 -3.33 2.51
N GLN A 58 11.02 -2.52 3.48
CA GLN A 58 11.47 -2.99 4.82
C GLN A 58 10.35 -3.75 5.58
N ALA A 59 9.09 -3.31 5.37
CA ALA A 59 7.90 -3.87 6.03
C ALA A 59 7.46 -5.19 5.37
N LEU A 60 7.82 -5.38 4.08
CA LEU A 60 7.66 -6.67 3.38
C LEU A 60 8.80 -7.64 3.76
N GLU A 61 10.01 -7.08 4.03
CA GLU A 61 11.22 -7.87 4.39
C GLU A 61 11.00 -8.68 5.67
N CYS A 62 10.65 -7.95 6.75
CA CYS A 62 10.56 -8.53 8.09
C CYS A 62 9.41 -7.88 8.86
N ASP A 63 9.15 -8.41 10.07
CA ASP A 63 8.11 -7.91 10.98
C ASP A 63 8.47 -6.50 11.48
N ALA A 64 7.56 -5.58 11.21
CA ALA A 64 7.69 -4.15 11.55
C ALA A 64 6.31 -3.60 11.93
N GLU A 65 6.25 -2.30 12.26
CA GLU A 65 4.99 -1.61 12.60
C GLU A 65 3.98 -1.71 11.44
N TRP A 66 4.50 -1.64 10.21
CA TRP A 66 3.72 -1.56 8.97
C TRP A 66 3.71 -2.92 8.24
N SER A 67 3.86 -4.03 8.99
CA SER A 67 3.89 -5.38 8.39
C SER A 67 2.51 -5.73 7.81
N GLU A 68 1.45 -5.56 8.62
CA GLU A 68 0.06 -5.85 8.21
C GLU A 68 -0.45 -4.77 7.23
N ALA A 69 0.05 -3.54 7.42
CA ALA A 69 -0.34 -2.39 6.59
C ALA A 69 0.18 -2.55 5.15
N ALA A 70 1.47 -2.90 5.02
CA ALA A 70 2.16 -2.99 3.71
C ALA A 70 1.82 -4.29 2.98
N ASP A 71 1.69 -5.40 3.72
CA ASP A 71 1.27 -6.71 3.17
C ASP A 71 -0.22 -6.64 2.76
N GLY A 72 -1.04 -6.13 3.70
CA GLY A 72 -2.48 -6.00 3.50
C GLY A 72 -2.85 -4.97 2.44
N LEU A 73 -1.94 -4.03 2.16
CA LEU A 73 -2.10 -3.08 1.05
C LEU A 73 -1.62 -3.73 -0.26
N ALA A 74 -0.46 -4.44 -0.20
CA ALA A 74 0.18 -5.07 -1.39
C ALA A 74 -0.80 -6.00 -2.13
N VAL A 75 -1.54 -6.78 -1.34
CA VAL A 75 -2.52 -7.75 -1.86
C VAL A 75 -3.74 -7.06 -2.53
N LEU A 76 -4.06 -5.82 -2.09
CA LEU A 76 -5.15 -5.00 -2.68
C LEU A 76 -4.78 -4.48 -4.07
N LEU A 77 -3.50 -4.06 -4.22
CA LEU A 77 -2.95 -3.60 -5.49
C LEU A 77 -2.92 -4.76 -6.50
N GLN A 78 -2.34 -5.89 -6.06
CA GLN A 78 -2.10 -7.07 -6.91
C GLN A 78 -3.39 -7.84 -7.21
N GLN A 79 -4.43 -7.66 -6.37
CA GLN A 79 -5.79 -8.14 -6.62
C GLN A 79 -6.73 -6.89 -6.74
N GLY A 80 -6.35 -5.99 -7.67
CA GLY A 80 -7.23 -4.90 -8.12
C GLY A 80 -8.45 -5.47 -8.86
N GLU A 81 -8.18 -6.53 -9.63
CA GLU A 81 -9.20 -7.34 -10.33
C GLU A 81 -8.59 -8.71 -10.70
N ALA A 82 -9.37 -9.53 -11.43
CA ALA A 82 -8.93 -10.84 -11.93
C ALA A 82 -9.86 -11.26 -13.09
N MET A 4 -7.15 -10.81 2.30
CA MET A 4 -7.91 -10.17 1.19
C MET A 4 -8.37 -8.76 1.60
N ASP A 5 -8.56 -8.58 2.92
CA ASP A 5 -9.14 -7.36 3.52
C ASP A 5 -8.23 -6.13 3.36
N THR A 6 -8.86 -4.96 3.43
CA THR A 6 -8.17 -3.68 3.61
C THR A 6 -7.76 -3.58 5.09
N SER A 7 -6.51 -3.18 5.36
CA SER A 7 -6.04 -2.91 6.73
C SER A 7 -6.78 -1.67 7.28
N ASN A 8 -7.99 -1.89 7.81
CA ASN A 8 -9.01 -0.85 8.06
C ASN A 8 -8.50 0.35 8.91
N HIS A 9 -7.70 0.04 9.93
CA HIS A 9 -7.17 1.06 10.87
C HIS A 9 -5.74 1.47 10.51
N LEU A 10 -5.03 0.60 9.77
CA LEU A 10 -3.58 0.75 9.52
C LEU A 10 -3.31 1.57 8.24
N LEU A 11 -4.16 1.41 7.20
CA LEU A 11 -4.01 2.13 5.90
C LEU A 11 -4.07 3.67 6.08
N PRO A 12 -4.99 4.27 6.94
CA PRO A 12 -4.90 5.70 7.32
C PRO A 12 -3.48 6.15 7.73
N GLY A 13 -2.92 5.49 8.75
CA GLY A 13 -1.57 5.81 9.26
C GLY A 13 -0.46 5.55 8.24
N LEU A 14 -0.64 4.49 7.43
CA LEU A 14 0.33 4.06 6.40
C LEU A 14 0.46 5.15 5.32
N PHE A 15 -0.70 5.63 4.84
CA PHE A 15 -0.79 6.68 3.81
C PHE A 15 -0.35 8.05 4.37
N ARG A 16 -0.52 8.26 5.70
CA ARG A 16 0.03 9.48 6.39
C ARG A 16 1.56 9.50 6.31
N GLN A 17 2.17 8.32 6.53
CA GLN A 17 3.64 8.16 6.49
C GLN A 17 4.18 8.31 5.05
N LEU A 18 3.35 7.96 4.05
CA LEU A 18 3.70 8.10 2.62
C LEU A 18 3.47 9.54 2.13
N GLY A 19 2.49 10.23 2.77
CA GLY A 19 2.13 11.61 2.40
C GLY A 19 0.92 11.69 1.46
N LEU A 20 0.12 10.60 1.42
CA LEU A 20 -1.18 10.56 0.72
C LEU A 20 -2.33 10.81 1.71
N GLU A 21 -3.58 10.80 1.22
CA GLU A 21 -4.77 11.01 2.06
C GLU A 21 -5.06 9.75 2.90
N ASP A 22 -5.34 9.97 4.19
CA ASP A 22 -5.63 8.90 5.18
C ASP A 22 -7.14 8.59 5.24
N GLU A 23 -7.93 9.30 4.44
CA GLU A 23 -9.39 9.11 4.34
C GLU A 23 -9.63 7.79 3.60
N PRO A 24 -10.31 6.76 4.23
CA PRO A 24 -10.58 5.43 3.59
C PRO A 24 -11.23 5.53 2.18
N ALA A 25 -12.06 6.58 1.98
CA ALA A 25 -12.70 6.88 0.68
C ALA A 25 -11.65 7.28 -0.39
N ALA A 26 -10.61 8.00 0.05
CA ALA A 26 -9.50 8.43 -0.81
C ALA A 26 -8.48 7.29 -1.03
N ILE A 27 -8.26 6.49 0.03
CA ILE A 27 -7.31 5.36 0.04
C ILE A 27 -7.70 4.31 -1.01
N ARG A 28 -9.00 3.92 -0.98
CA ARG A 28 -9.56 2.96 -1.95
C ARG A 28 -9.51 3.54 -3.37
N ALA A 29 -9.63 4.89 -3.47
CA ALA A 29 -9.66 5.60 -4.75
C ALA A 29 -8.26 5.67 -5.39
N PHE A 30 -7.19 5.75 -4.57
CA PHE A 30 -5.79 5.76 -5.05
C PHE A 30 -5.41 4.41 -5.68
N ILE A 31 -5.68 3.34 -4.92
CA ILE A 31 -5.32 1.97 -5.32
C ILE A 31 -6.22 1.46 -6.47
N ASP A 32 -7.45 1.99 -6.55
CA ASP A 32 -8.39 1.69 -7.65
C ASP A 32 -8.01 2.50 -8.91
N SER A 33 -7.46 3.71 -8.72
CA SER A 33 -7.02 4.58 -9.82
C SER A 33 -5.76 4.00 -10.50
N HIS A 34 -4.94 3.29 -9.70
CA HIS A 34 -3.70 2.65 -10.18
C HIS A 34 -3.45 1.34 -9.39
N PRO A 35 -3.94 0.16 -9.90
CA PRO A 35 -3.54 -1.17 -9.38
C PRO A 35 -2.10 -1.56 -9.80
N LEU A 36 -1.73 -2.83 -9.54
CA LEU A 36 -0.41 -3.40 -9.87
C LEU A 36 -0.56 -4.78 -10.55
N PRO A 37 0.48 -5.27 -11.29
CA PRO A 37 0.51 -6.65 -11.80
C PRO A 37 0.90 -7.65 -10.68
N PRO A 38 0.48 -8.96 -10.77
CA PRO A 38 0.69 -9.96 -9.69
C PRO A 38 2.19 -10.29 -9.41
N ARG A 39 3.08 -9.90 -10.34
CA ARG A 39 4.53 -10.12 -10.21
C ARG A 39 5.20 -8.96 -9.46
N VAL A 40 4.72 -7.72 -9.69
CA VAL A 40 5.28 -6.52 -9.04
C VAL A 40 4.53 -6.28 -7.71
N PRO A 41 5.21 -6.48 -6.53
CA PRO A 41 4.61 -6.19 -5.22
C PRO A 41 4.61 -4.68 -4.90
N LEU A 42 4.26 -4.36 -3.64
CA LEU A 42 4.05 -2.97 -3.19
C LEU A 42 5.33 -2.06 -3.33
N PRO A 43 6.54 -2.43 -2.74
CA PRO A 43 7.73 -1.53 -2.76
C PRO A 43 8.45 -1.47 -4.13
N GLU A 44 8.10 -2.41 -5.02
CA GLU A 44 8.72 -2.54 -6.35
C GLU A 44 7.96 -1.74 -7.41
N ALA A 45 6.85 -1.08 -7.01
CA ALA A 45 6.06 -0.25 -7.91
C ALA A 45 6.76 1.10 -8.16
N PRO A 46 7.06 1.48 -9.45
CA PRO A 46 7.58 2.83 -9.80
C PRO A 46 6.55 3.96 -9.56
N PHE A 47 5.30 3.57 -9.18
CA PHE A 47 4.27 4.50 -8.68
C PHE A 47 4.74 5.15 -7.38
N TRP A 48 5.22 4.31 -6.44
CA TRP A 48 5.75 4.79 -5.15
C TRP A 48 7.18 5.31 -5.35
N THR A 49 7.37 6.58 -5.01
CA THR A 49 8.66 7.29 -5.13
C THR A 49 9.70 6.71 -4.13
N PRO A 50 11.04 6.76 -4.44
CA PRO A 50 12.09 5.91 -3.78
C PRO A 50 12.02 5.85 -2.23
N ALA A 51 11.76 6.99 -1.57
CA ALA A 51 11.69 7.07 -0.09
C ALA A 51 10.39 6.43 0.45
N GLN A 52 9.29 6.65 -0.28
CA GLN A 52 7.95 6.07 0.01
C GLN A 52 7.98 4.53 -0.18
N ALA A 53 8.64 4.10 -1.26
CA ALA A 53 8.81 2.68 -1.62
C ALA A 53 9.78 1.97 -0.65
N ALA A 54 10.78 2.73 -0.15
CA ALA A 54 11.75 2.25 0.84
C ALA A 54 11.05 1.93 2.18
N PHE A 55 10.13 2.83 2.56
CA PHE A 55 9.31 2.71 3.78
C PHE A 55 8.46 1.41 3.73
N LEU A 56 7.76 1.24 2.60
CA LEU A 56 6.92 0.05 2.34
C LEU A 56 7.76 -1.23 2.31
N ARG A 57 9.01 -1.10 1.81
CA ARG A 57 9.95 -2.23 1.71
C ARG A 57 10.32 -2.77 3.09
N GLN A 58 10.45 -1.87 4.07
CA GLN A 58 10.80 -2.26 5.46
C GLN A 58 9.68 -3.11 6.11
N ALA A 59 8.45 -2.93 5.60
CA ALA A 59 7.25 -3.62 6.08
C ALA A 59 7.10 -5.03 5.48
N LEU A 60 7.34 -5.18 4.16
CA LEU A 60 7.22 -6.50 3.48
C LEU A 60 8.49 -7.36 3.67
N GLU A 61 9.65 -6.75 3.38
CA GLU A 61 10.96 -7.45 3.35
C GLU A 61 11.39 -7.94 4.75
N CYS A 62 11.02 -7.18 5.78
CA CYS A 62 11.34 -7.51 7.18
C CYS A 62 10.11 -7.31 8.08
N ASP A 63 10.14 -7.94 9.26
CA ASP A 63 9.08 -7.80 10.28
C ASP A 63 9.09 -6.37 10.85
N ALA A 64 7.98 -5.66 10.62
CA ALA A 64 7.81 -4.27 11.03
C ALA A 64 6.41 -4.04 11.61
N GLU A 65 6.20 -2.86 12.19
CA GLU A 65 4.90 -2.43 12.74
C GLU A 65 3.84 -2.30 11.62
N TRP A 66 4.29 -1.95 10.40
CA TRP A 66 3.42 -1.79 9.22
C TRP A 66 3.43 -3.03 8.34
N SER A 67 3.94 -4.17 8.86
CA SER A 67 4.04 -5.43 8.08
C SER A 67 2.66 -5.89 7.62
N GLU A 68 1.67 -5.83 8.54
CA GLU A 68 0.26 -6.20 8.27
C GLU A 68 -0.43 -5.15 7.36
N ALA A 69 -0.06 -3.86 7.56
CA ALA A 69 -0.64 -2.73 6.80
C ALA A 69 -0.29 -2.81 5.31
N ALA A 70 1.00 -2.97 5.04
CA ALA A 70 1.58 -2.96 3.71
C ALA A 70 1.34 -4.31 2.99
N ASP A 71 1.17 -5.39 3.77
CA ASP A 71 0.72 -6.70 3.26
C ASP A 71 -0.75 -6.60 2.81
N GLY A 72 -1.55 -5.92 3.65
CA GLY A 72 -2.95 -5.67 3.40
C GLY A 72 -3.17 -4.74 2.22
N LEU A 73 -2.18 -3.88 1.95
CA LEU A 73 -2.21 -2.96 0.79
C LEU A 73 -1.70 -3.67 -0.48
N ALA A 74 -0.69 -4.54 -0.31
CA ALA A 74 0.00 -5.23 -1.43
C ALA A 74 -0.97 -6.14 -2.20
N VAL A 75 -1.76 -6.93 -1.45
CA VAL A 75 -2.73 -7.88 -2.03
C VAL A 75 -3.80 -7.17 -2.89
N LEU A 76 -4.28 -6.00 -2.41
CA LEU A 76 -5.33 -5.18 -3.07
C LEU A 76 -4.88 -4.74 -4.48
N LEU A 77 -3.59 -4.39 -4.58
CA LEU A 77 -2.96 -3.93 -5.82
C LEU A 77 -2.64 -5.12 -6.76
N GLN A 78 -2.15 -6.24 -6.19
CA GLN A 78 -1.74 -7.43 -6.99
C GLN A 78 -2.95 -8.17 -7.62
N GLN A 79 -4.16 -7.89 -7.10
CA GLN A 79 -5.43 -8.40 -7.68
C GLN A 79 -6.30 -7.22 -8.16
N GLY A 80 -7.53 -7.53 -8.58
CA GLY A 80 -8.50 -6.52 -8.98
C GLY A 80 -9.92 -7.04 -8.78
N GLU A 81 -10.50 -6.73 -7.60
CA GLU A 81 -11.85 -7.17 -7.19
C GLU A 81 -11.94 -8.72 -7.15
N ALA A 82 -11.46 -9.31 -6.04
CA ALA A 82 -11.43 -10.77 -5.87
C ALA A 82 -11.66 -11.10 -4.37
N MET A 4 -8.40 -8.51 2.84
CA MET A 4 -8.89 -7.88 1.59
C MET A 4 -9.72 -6.63 1.89
N ASP A 5 -10.12 -6.45 3.15
CA ASP A 5 -10.89 -5.29 3.60
C ASP A 5 -9.95 -4.09 3.83
N THR A 6 -10.43 -2.90 3.49
CA THR A 6 -9.71 -1.64 3.67
C THR A 6 -9.76 -1.21 5.14
N SER A 7 -8.78 -1.73 5.93
CA SER A 7 -8.68 -1.50 7.38
C SER A 7 -8.59 0.01 7.70
N ASN A 8 -9.66 0.56 8.33
CA ASN A 8 -9.70 1.99 8.71
C ASN A 8 -8.70 2.31 9.86
N HIS A 9 -8.13 1.26 10.47
CA HIS A 9 -7.10 1.41 11.52
C HIS A 9 -5.71 1.55 10.88
N LEU A 10 -5.26 0.49 10.19
CA LEU A 10 -3.86 0.36 9.70
C LEU A 10 -3.60 1.18 8.42
N LEU A 11 -4.53 1.06 7.46
CA LEU A 11 -4.33 1.55 6.07
C LEU A 11 -4.19 3.12 5.98
N PRO A 12 -5.11 3.95 6.64
CA PRO A 12 -4.91 5.44 6.76
C PRO A 12 -3.57 5.81 7.39
N GLY A 13 -3.21 5.10 8.49
CA GLY A 13 -1.98 5.35 9.25
C GLY A 13 -0.71 5.12 8.43
N LEU A 14 -0.76 4.10 7.54
CA LEU A 14 0.34 3.77 6.62
C LEU A 14 0.50 4.90 5.57
N PHE A 15 -0.63 5.41 5.06
CA PHE A 15 -0.65 6.51 4.07
C PHE A 15 -0.17 7.84 4.69
N ARG A 16 -0.47 8.07 5.99
CA ARG A 16 -0.08 9.32 6.72
C ARG A 16 1.44 9.53 6.70
N GLN A 17 2.19 8.48 7.08
CA GLN A 17 3.67 8.51 7.14
C GLN A 17 4.30 8.46 5.74
N LEU A 18 3.54 8.00 4.73
CA LEU A 18 3.95 8.04 3.31
C LEU A 18 3.62 9.41 2.67
N GLY A 19 3.06 10.35 3.48
CA GLY A 19 2.73 11.71 3.02
C GLY A 19 1.42 11.78 2.22
N LEU A 20 0.76 10.62 2.07
CA LEU A 20 -0.47 10.45 1.28
C LEU A 20 -1.72 10.71 2.14
N GLU A 21 -2.89 10.58 1.51
CA GLU A 21 -4.19 10.84 2.16
C GLU A 21 -4.62 9.68 3.06
N ASP A 22 -5.04 10.02 4.28
CA ASP A 22 -5.57 9.06 5.27
C ASP A 22 -7.09 8.85 5.06
N GLU A 23 -7.63 9.55 4.06
CA GLU A 23 -9.06 9.58 3.76
C GLU A 23 -9.44 8.26 3.05
N PRO A 24 -10.29 7.37 3.67
CA PRO A 24 -10.56 5.99 3.18
C PRO A 24 -11.04 5.92 1.71
N ALA A 25 -11.90 6.88 1.29
CA ALA A 25 -12.42 6.92 -0.10
C ALA A 25 -11.33 7.39 -1.08
N ALA A 26 -10.38 8.22 -0.60
CA ALA A 26 -9.23 8.69 -1.41
C ALA A 26 -8.20 7.57 -1.60
N ILE A 27 -8.04 6.75 -0.56
CA ILE A 27 -7.11 5.60 -0.56
C ILE A 27 -7.56 4.55 -1.60
N ARG A 28 -8.84 4.12 -1.47
CA ARG A 28 -9.43 3.09 -2.35
C ARG A 28 -9.47 3.57 -3.81
N ALA A 29 -9.65 4.90 -3.97
CA ALA A 29 -9.68 5.55 -5.28
C ALA A 29 -8.33 5.43 -6.00
N PHE A 30 -7.23 5.72 -5.27
CA PHE A 30 -5.86 5.71 -5.81
C PHE A 30 -5.42 4.28 -6.20
N ILE A 31 -5.56 3.35 -5.24
CA ILE A 31 -5.04 1.97 -5.36
C ILE A 31 -5.81 1.16 -6.42
N ASP A 32 -7.11 1.49 -6.60
CA ASP A 32 -7.96 0.88 -7.65
C ASP A 32 -7.64 1.49 -9.02
N SER A 33 -7.42 2.82 -9.05
CA SER A 33 -7.09 3.57 -10.28
C SER A 33 -5.76 3.06 -10.87
N HIS A 34 -4.79 2.85 -9.98
CA HIS A 34 -3.43 2.41 -10.33
C HIS A 34 -3.13 1.05 -9.65
N PRO A 35 -3.60 -0.11 -10.23
CA PRO A 35 -3.35 -1.45 -9.65
C PRO A 35 -1.98 -2.02 -10.06
N LEU A 36 -1.56 -3.10 -9.37
CA LEU A 36 -0.30 -3.81 -9.65
C LEU A 36 -0.60 -5.13 -10.39
N PRO A 37 0.30 -5.55 -11.33
CA PRO A 37 0.33 -6.94 -11.85
C PRO A 37 0.81 -7.91 -10.75
N PRO A 38 0.53 -9.26 -10.87
CA PRO A 38 0.93 -10.26 -9.84
C PRO A 38 2.46 -10.54 -9.82
N ARG A 39 3.24 -9.80 -10.65
CA ARG A 39 4.72 -9.89 -10.67
C ARG A 39 5.36 -8.66 -10.01
N VAL A 40 4.63 -7.53 -9.93
CA VAL A 40 5.15 -6.30 -9.27
C VAL A 40 4.64 -6.25 -7.82
N PRO A 41 5.57 -6.36 -6.80
CA PRO A 41 5.20 -6.19 -5.37
C PRO A 41 5.03 -4.71 -4.97
N LEU A 42 4.61 -4.50 -3.71
CA LEU A 42 4.29 -3.17 -3.17
C LEU A 42 5.53 -2.19 -3.16
N PRO A 43 6.78 -2.60 -2.68
CA PRO A 43 7.97 -1.70 -2.68
C PRO A 43 8.55 -1.42 -4.09
N GLU A 44 8.10 -2.19 -5.10
CA GLU A 44 8.54 -2.02 -6.50
C GLU A 44 7.47 -1.30 -7.34
N ALA A 45 6.37 -0.89 -6.68
CA ALA A 45 5.28 -0.15 -7.33
C ALA A 45 5.75 1.29 -7.64
N PRO A 46 5.74 1.72 -8.96
CA PRO A 46 6.17 3.08 -9.36
C PRO A 46 5.13 4.17 -8.98
N PHE A 47 3.98 3.72 -8.45
CA PHE A 47 2.88 4.58 -8.01
C PHE A 47 3.21 5.30 -6.69
N TRP A 48 4.19 4.76 -5.95
CA TRP A 48 4.77 5.41 -4.77
C TRP A 48 6.02 6.19 -5.20
N THR A 49 6.41 7.21 -4.42
CA THR A 49 7.68 7.92 -4.61
C THR A 49 8.83 6.97 -4.18
N PRO A 50 10.10 7.15 -4.69
CA PRO A 50 11.23 6.25 -4.34
C PRO A 50 11.56 6.25 -2.84
N ALA A 51 11.12 7.31 -2.13
CA ALA A 51 11.21 7.41 -0.66
C ALA A 51 10.20 6.44 0.02
N GLN A 52 8.94 6.49 -0.45
CA GLN A 52 7.85 5.64 0.06
C GLN A 52 8.14 4.15 -0.22
N ALA A 53 8.55 3.87 -1.46
CA ALA A 53 8.82 2.52 -1.97
C ALA A 53 9.99 1.87 -1.21
N ALA A 54 11.01 2.68 -0.90
CA ALA A 54 12.19 2.24 -0.13
C ALA A 54 11.80 1.95 1.34
N PHE A 55 10.84 2.72 1.89
CA PHE A 55 10.30 2.49 3.25
C PHE A 55 9.53 1.16 3.32
N LEU A 56 8.64 0.96 2.33
CA LEU A 56 7.79 -0.24 2.21
C LEU A 56 8.66 -1.49 2.01
N ARG A 57 9.85 -1.29 1.42
CA ARG A 57 10.84 -2.38 1.22
C ARG A 57 11.23 -3.03 2.56
N GLN A 58 11.40 -2.20 3.62
CA GLN A 58 11.69 -2.70 4.99
C GLN A 58 10.43 -3.30 5.64
N ALA A 59 9.26 -2.69 5.40
CA ALA A 59 7.97 -3.16 5.97
C ALA A 59 7.59 -4.56 5.41
N LEU A 60 8.08 -4.88 4.19
CA LEU A 60 7.95 -6.23 3.59
C LEU A 60 9.20 -7.11 3.89
N GLU A 61 10.37 -6.48 4.16
CA GLU A 61 11.65 -7.20 4.42
C GLU A 61 11.55 -8.06 5.70
N CYS A 62 11.23 -7.40 6.82
CA CYS A 62 11.06 -8.04 8.13
C CYS A 62 9.73 -7.60 8.75
N ASP A 63 9.22 -8.41 9.70
CA ASP A 63 7.88 -8.24 10.30
C ASP A 63 7.90 -7.02 11.24
N ALA A 64 7.61 -5.84 10.66
CA ALA A 64 7.64 -4.55 11.35
C ALA A 64 6.26 -4.16 11.93
N GLU A 65 6.16 -2.92 12.44
CA GLU A 65 4.90 -2.33 12.94
C GLU A 65 3.85 -2.16 11.82
N TRP A 66 4.32 -2.13 10.56
CA TRP A 66 3.47 -1.91 9.38
C TRP A 66 3.54 -3.10 8.41
N SER A 67 3.90 -4.29 8.95
CA SER A 67 4.02 -5.51 8.14
C SER A 67 2.64 -5.95 7.62
N GLU A 68 1.65 -5.96 8.53
CA GLU A 68 0.25 -6.35 8.24
C GLU A 68 -0.45 -5.27 7.37
N ALA A 69 -0.10 -4.00 7.64
CA ALA A 69 -0.60 -2.84 6.87
C ALA A 69 -0.09 -2.89 5.42
N ALA A 70 1.19 -3.28 5.26
CA ALA A 70 1.87 -3.35 3.95
C ALA A 70 1.38 -4.55 3.13
N ASP A 71 1.08 -5.66 3.81
CA ASP A 71 0.50 -6.88 3.20
C ASP A 71 -0.93 -6.58 2.72
N GLY A 72 -1.70 -5.95 3.62
CA GLY A 72 -3.09 -5.57 3.37
C GLY A 72 -3.23 -4.54 2.26
N LEU A 73 -2.19 -3.72 2.06
CA LEU A 73 -2.13 -2.76 0.95
C LEU A 73 -1.72 -3.49 -0.35
N ALA A 74 -0.71 -4.39 -0.25
CA ALA A 74 -0.15 -5.12 -1.41
C ALA A 74 -1.22 -5.96 -2.14
N VAL A 75 -2.12 -6.57 -1.35
CA VAL A 75 -3.23 -7.38 -1.88
C VAL A 75 -4.31 -6.49 -2.55
N LEU A 76 -4.49 -5.25 -2.05
CA LEU A 76 -5.47 -4.30 -2.62
C LEU A 76 -5.05 -3.80 -4.00
N LEU A 77 -3.74 -3.72 -4.23
CA LEU A 77 -3.16 -3.33 -5.53
C LEU A 77 -3.26 -4.48 -6.55
N GLN A 78 -2.78 -5.67 -6.16
CA GLN A 78 -2.60 -6.82 -7.09
C GLN A 78 -3.92 -7.56 -7.38
N GLN A 79 -4.75 -7.73 -6.34
CA GLN A 79 -6.06 -8.41 -6.47
C GLN A 79 -7.12 -7.41 -6.98
N GLY A 80 -7.61 -7.63 -8.21
CA GLY A 80 -8.60 -6.76 -8.83
C GLY A 80 -8.64 -6.94 -10.35
N GLU A 81 -9.06 -5.88 -11.06
CA GLU A 81 -9.19 -5.89 -12.53
C GLU A 81 -7.81 -5.79 -13.20
N ALA A 82 -7.60 -6.64 -14.22
CA ALA A 82 -6.39 -6.65 -15.04
C ALA A 82 -6.80 -6.85 -16.52
N MET A 4 -10.88 -7.63 -0.35
CA MET A 4 -10.53 -6.34 -0.98
C MET A 4 -11.04 -5.14 -0.15
N ASP A 5 -11.24 -5.35 1.16
CA ASP A 5 -11.66 -4.28 2.10
C ASP A 5 -10.50 -3.33 2.41
N THR A 6 -10.84 -2.06 2.72
CA THR A 6 -9.88 -1.05 3.18
C THR A 6 -9.86 -0.99 4.72
N SER A 7 -8.80 -1.55 5.31
CA SER A 7 -8.59 -1.54 6.76
C SER A 7 -8.36 -0.10 7.25
N ASN A 8 -9.40 0.49 7.90
CA ASN A 8 -9.40 1.91 8.32
C ASN A 8 -8.54 2.15 9.59
N HIS A 9 -7.84 1.11 10.07
CA HIS A 9 -6.88 1.21 11.18
C HIS A 9 -5.44 1.18 10.64
N LEU A 10 -5.21 0.34 9.60
CA LEU A 10 -3.87 0.07 9.04
C LEU A 10 -3.49 1.13 7.97
N LEU A 11 -4.35 1.23 6.94
CA LEU A 11 -4.06 2.02 5.72
C LEU A 11 -3.99 3.55 5.99
N PRO A 12 -4.99 4.21 6.72
CA PRO A 12 -4.91 5.67 7.04
C PRO A 12 -3.55 6.10 7.59
N GLY A 13 -3.02 5.30 8.54
CA GLY A 13 -1.73 5.54 9.16
C GLY A 13 -0.57 5.44 8.17
N LEU A 14 -0.57 4.39 7.33
CA LEU A 14 0.50 4.12 6.36
C LEU A 14 0.53 5.23 5.26
N PHE A 15 -0.66 5.56 4.74
CA PHE A 15 -0.84 6.59 3.70
C PHE A 15 -0.31 7.96 4.19
N ARG A 16 -0.47 8.25 5.51
CA ARG A 16 0.08 9.49 6.12
C ARG A 16 1.63 9.48 6.12
N GLN A 17 2.24 8.28 6.26
CA GLN A 17 3.72 8.12 6.20
C GLN A 17 4.22 8.36 4.76
N LEU A 18 3.38 8.05 3.77
CA LEU A 18 3.67 8.29 2.34
C LEU A 18 3.26 9.72 1.91
N GLY A 19 2.43 10.38 2.75
CA GLY A 19 1.94 11.74 2.46
C GLY A 19 0.55 11.75 1.81
N LEU A 20 0.03 10.56 1.47
CA LEU A 20 -1.28 10.36 0.82
C LEU A 20 -2.44 10.59 1.82
N GLU A 21 -3.69 10.45 1.33
CA GLU A 21 -4.90 10.72 2.12
C GLU A 21 -5.22 9.55 3.06
N ASP A 22 -5.55 9.88 4.32
CA ASP A 22 -5.94 8.92 5.37
C ASP A 22 -7.46 8.70 5.40
N GLU A 23 -8.18 9.37 4.50
CA GLU A 23 -9.62 9.23 4.31
C GLU A 23 -9.87 7.87 3.63
N PRO A 24 -10.54 6.86 4.30
CA PRO A 24 -10.81 5.51 3.73
C PRO A 24 -11.58 5.55 2.38
N ALA A 25 -12.40 6.61 2.20
CA ALA A 25 -13.17 6.84 0.96
C ALA A 25 -12.24 7.28 -0.20
N ALA A 26 -11.15 8.00 0.14
CA ALA A 26 -10.09 8.38 -0.84
C ALA A 26 -9.11 7.23 -1.06
N ILE A 27 -8.84 6.46 0.01
CA ILE A 27 -7.89 5.32 0.03
C ILE A 27 -8.38 4.21 -0.92
N ARG A 28 -9.69 3.91 -0.81
CA ARG A 28 -10.34 2.88 -1.63
C ARG A 28 -10.28 3.26 -3.13
N ALA A 29 -10.23 4.58 -3.39
CA ALA A 29 -10.16 5.13 -4.76
C ALA A 29 -8.74 5.02 -5.34
N PHE A 30 -7.71 5.21 -4.49
CA PHE A 30 -6.28 5.10 -4.91
C PHE A 30 -5.97 3.70 -5.46
N ILE A 31 -6.21 2.69 -4.62
CA ILE A 31 -5.97 1.25 -4.94
C ILE A 31 -6.86 0.75 -6.09
N ASP A 32 -8.08 1.34 -6.19
CA ASP A 32 -9.07 0.99 -7.23
C ASP A 32 -8.55 1.38 -8.63
N SER A 33 -8.01 2.61 -8.74
CA SER A 33 -7.66 3.22 -10.03
C SER A 33 -6.16 3.04 -10.37
N HIS A 34 -5.35 2.53 -9.43
CA HIS A 34 -3.92 2.24 -9.64
C HIS A 34 -3.65 0.76 -9.32
N PRO A 35 -3.61 -0.14 -10.36
CA PRO A 35 -3.33 -1.56 -10.15
C PRO A 35 -1.82 -1.89 -10.16
N LEU A 36 -1.49 -3.10 -9.66
CA LEU A 36 -0.15 -3.70 -9.76
C LEU A 36 -0.26 -5.11 -10.36
N PRO A 37 0.79 -5.58 -11.11
CA PRO A 37 0.90 -6.99 -11.54
C PRO A 37 1.11 -7.92 -10.32
N PRO A 38 0.71 -9.23 -10.41
CA PRO A 38 0.83 -10.18 -9.27
C PRO A 38 2.28 -10.44 -8.81
N ARG A 39 3.26 -10.17 -9.69
CA ARG A 39 4.69 -10.38 -9.36
C ARG A 39 5.36 -9.10 -8.82
N VAL A 40 4.77 -7.91 -9.09
CA VAL A 40 5.30 -6.63 -8.57
C VAL A 40 4.68 -6.34 -7.19
N PRO A 41 5.50 -6.39 -6.07
CA PRO A 41 5.00 -6.03 -4.72
C PRO A 41 4.82 -4.52 -4.54
N LEU A 42 4.28 -4.13 -3.36
CA LEU A 42 4.00 -2.74 -3.00
C LEU A 42 5.25 -1.81 -3.17
N PRO A 43 6.46 -2.09 -2.54
CA PRO A 43 7.64 -1.17 -2.63
C PRO A 43 8.18 -1.01 -4.05
N GLU A 44 8.03 -2.08 -4.86
CA GLU A 44 8.61 -2.16 -6.22
C GLU A 44 7.69 -1.57 -7.28
N ALA A 45 6.57 -0.99 -6.82
CA ALA A 45 5.69 -0.19 -7.67
C ALA A 45 6.42 1.12 -8.07
N PRO A 46 6.42 1.50 -9.39
CA PRO A 46 7.08 2.75 -9.86
C PRO A 46 6.25 4.03 -9.54
N PHE A 47 5.27 3.88 -8.65
CA PHE A 47 4.42 4.98 -8.14
C PHE A 47 5.07 5.66 -6.93
N TRP A 48 6.06 4.99 -6.29
CA TRP A 48 6.65 5.46 -5.00
C TRP A 48 8.03 6.08 -5.20
N THR A 49 8.27 7.19 -4.48
CA THR A 49 9.59 7.84 -4.37
C THR A 49 10.60 6.88 -3.67
N PRO A 50 11.94 6.93 -4.00
CA PRO A 50 12.91 5.86 -3.61
C PRO A 50 13.02 5.61 -2.08
N ALA A 51 12.88 6.67 -1.27
CA ALA A 51 12.91 6.55 0.21
C ALA A 51 11.62 5.88 0.72
N GLN A 52 10.47 6.38 0.23
CA GLN A 52 9.12 5.87 0.61
C GLN A 52 8.92 4.42 0.12
N ALA A 53 9.58 4.08 -0.99
CA ALA A 53 9.58 2.73 -1.57
C ALA A 53 10.42 1.78 -0.68
N ALA A 54 11.58 2.28 -0.23
CA ALA A 54 12.48 1.55 0.69
C ALA A 54 11.82 1.38 2.08
N PHE A 55 10.93 2.33 2.44
CA PHE A 55 10.14 2.30 3.69
C PHE A 55 9.15 1.11 3.65
N LEU A 56 8.45 0.99 2.51
CA LEU A 56 7.51 -0.11 2.24
C LEU A 56 8.26 -1.45 2.14
N ARG A 57 9.48 -1.37 1.60
CA ARG A 57 10.36 -2.53 1.39
C ARG A 57 10.71 -3.18 2.73
N GLN A 58 11.05 -2.36 3.73
CA GLN A 58 11.37 -2.83 5.09
C GLN A 58 10.17 -3.56 5.75
N ALA A 59 8.95 -3.13 5.37
CA ALA A 59 7.69 -3.71 5.88
C ALA A 59 7.39 -5.08 5.21
N LEU A 60 7.90 -5.32 3.99
CA LEU A 60 7.75 -6.62 3.29
C LEU A 60 8.95 -7.57 3.57
N GLU A 61 10.16 -7.01 3.75
CA GLU A 61 11.40 -7.79 3.97
C GLU A 61 11.45 -8.35 5.40
N CYS A 62 10.85 -7.60 6.34
CA CYS A 62 10.81 -7.98 7.76
C CYS A 62 9.51 -7.51 8.41
N ASP A 63 9.22 -8.06 9.59
CA ASP A 63 8.04 -7.72 10.40
C ASP A 63 8.18 -6.30 11.01
N ALA A 64 7.73 -5.30 10.24
CA ALA A 64 7.62 -3.90 10.70
C ALA A 64 6.22 -3.65 11.29
N GLU A 65 5.98 -2.43 11.78
CA GLU A 65 4.66 -2.03 12.31
C GLU A 65 3.63 -1.95 11.16
N TRP A 66 4.09 -1.57 9.95
CA TRP A 66 3.24 -1.47 8.75
C TRP A 66 3.35 -2.72 7.88
N SER A 67 3.81 -3.86 8.44
CA SER A 67 4.06 -5.08 7.66
C SER A 67 2.74 -5.67 7.08
N GLU A 68 1.73 -5.79 7.95
CA GLU A 68 0.37 -6.25 7.59
C GLU A 68 -0.36 -5.17 6.77
N ALA A 69 -0.10 -3.91 7.12
CA ALA A 69 -0.69 -2.74 6.43
C ALA A 69 -0.18 -2.64 4.98
N ALA A 70 1.10 -3.00 4.78
CA ALA A 70 1.78 -2.95 3.47
C ALA A 70 1.42 -4.16 2.61
N ASP A 71 1.27 -5.32 3.27
CA ASP A 71 0.75 -6.57 2.65
C ASP A 71 -0.70 -6.34 2.20
N GLY A 72 -1.45 -5.60 3.03
CA GLY A 72 -2.82 -5.20 2.72
C GLY A 72 -2.87 -4.28 1.51
N LEU A 73 -2.01 -3.25 1.51
CA LEU A 73 -1.92 -2.24 0.44
C LEU A 73 -1.52 -2.94 -0.89
N ALA A 74 -0.59 -3.91 -0.80
CA ALA A 74 -0.02 -4.62 -1.98
C ALA A 74 -1.09 -5.43 -2.74
N VAL A 75 -1.84 -6.26 -2.00
CA VAL A 75 -2.92 -7.09 -2.57
C VAL A 75 -4.08 -6.21 -3.08
N LEU A 76 -4.34 -5.09 -2.39
CA LEU A 76 -5.40 -4.13 -2.76
C LEU A 76 -5.11 -3.42 -4.10
N LEU A 77 -3.83 -3.30 -4.45
CA LEU A 77 -3.41 -2.80 -5.77
C LEU A 77 -3.60 -3.91 -6.83
N GLN A 78 -3.29 -5.16 -6.44
CA GLN A 78 -3.39 -6.34 -7.34
C GLN A 78 -4.86 -6.68 -7.71
N GLN A 79 -5.81 -6.43 -6.77
CA GLN A 79 -7.25 -6.74 -6.98
C GLN A 79 -8.12 -5.48 -6.79
N GLY A 80 -7.52 -4.30 -7.01
CA GLY A 80 -8.23 -3.01 -6.93
C GLY A 80 -9.35 -2.87 -7.96
N GLU A 81 -9.19 -3.56 -9.09
CA GLU A 81 -10.18 -3.59 -10.16
C GLU A 81 -10.80 -5.00 -10.28
N ALA A 82 -12.10 -5.09 -9.90
CA ALA A 82 -12.91 -6.33 -9.97
C ALA A 82 -12.28 -7.46 -9.11
N MET A 4 -11.11 -8.18 -1.98
CA MET A 4 -10.02 -7.30 -1.50
C MET A 4 -10.55 -6.38 -0.39
N ASP A 5 -10.24 -6.72 0.87
CA ASP A 5 -10.65 -5.94 2.06
C ASP A 5 -9.46 -5.12 2.57
N THR A 6 -9.74 -3.89 3.03
CA THR A 6 -8.71 -2.93 3.46
C THR A 6 -8.31 -3.15 4.93
N SER A 7 -7.04 -2.84 5.24
CA SER A 7 -6.55 -2.72 6.62
C SER A 7 -7.03 -1.36 7.18
N ASN A 8 -8.31 -1.35 7.61
CA ASN A 8 -9.12 -0.13 7.85
C ASN A 8 -8.46 0.88 8.83
N HIS A 9 -7.67 0.38 9.79
CA HIS A 9 -7.06 1.24 10.85
C HIS A 9 -5.57 1.52 10.58
N LEU A 10 -4.93 0.67 9.77
CA LEU A 10 -3.47 0.74 9.51
C LEU A 10 -3.16 1.63 8.29
N LEU A 11 -3.98 1.48 7.23
CA LEU A 11 -3.82 2.23 5.96
C LEU A 11 -3.96 3.77 6.14
N PRO A 12 -4.93 4.32 6.98
CA PRO A 12 -4.98 5.77 7.31
C PRO A 12 -3.61 6.40 7.62
N GLY A 13 -2.86 5.76 8.54
CA GLY A 13 -1.53 6.23 8.93
C GLY A 13 -0.51 6.09 7.80
N LEU A 14 -0.55 4.93 7.11
CA LEU A 14 0.39 4.61 6.03
C LEU A 14 0.24 5.58 4.82
N PHE A 15 -1.01 5.98 4.56
CA PHE A 15 -1.36 6.84 3.42
C PHE A 15 -0.97 8.30 3.68
N ARG A 16 -1.23 8.81 4.91
CA ARG A 16 -0.80 10.17 5.32
C ARG A 16 0.73 10.32 5.16
N GLN A 17 1.44 9.23 5.44
CA GLN A 17 2.90 9.17 5.34
C GLN A 17 3.36 9.17 3.87
N LEU A 18 2.65 8.39 3.02
CA LEU A 18 3.00 8.22 1.59
C LEU A 18 2.52 9.42 0.74
N GLY A 19 1.67 10.29 1.32
CA GLY A 19 1.24 11.56 0.69
C GLY A 19 -0.23 11.58 0.32
N LEU A 20 -0.91 10.44 0.53
CA LEU A 20 -2.35 10.27 0.24
C LEU A 20 -3.19 10.66 1.48
N GLU A 21 -4.53 10.52 1.38
CA GLU A 21 -5.47 10.84 2.46
C GLU A 21 -5.81 9.58 3.28
N ASP A 22 -6.20 9.81 4.55
CA ASP A 22 -6.47 8.74 5.53
C ASP A 22 -7.94 8.32 5.55
N GLU A 23 -8.77 8.96 4.72
CA GLU A 23 -10.22 8.73 4.68
C GLU A 23 -10.49 7.37 4.03
N PRO A 24 -11.28 6.46 4.69
CA PRO A 24 -11.67 5.13 4.15
C PRO A 24 -12.14 5.19 2.66
N ALA A 25 -12.94 6.22 2.34
CA ALA A 25 -13.48 6.44 0.97
C ALA A 25 -12.39 6.93 -0.01
N ALA A 26 -11.41 7.68 0.51
CA ALA A 26 -10.26 8.15 -0.29
C ALA A 26 -9.28 7.00 -0.58
N ILE A 27 -9.06 6.16 0.44
CA ILE A 27 -8.08 5.03 0.40
C ILE A 27 -8.49 3.99 -0.66
N ARG A 28 -9.79 3.60 -0.65
CA ARG A 28 -10.35 2.65 -1.63
C ARG A 28 -10.28 3.22 -3.05
N ALA A 29 -10.34 4.56 -3.15
CA ALA A 29 -10.26 5.28 -4.43
C ALA A 29 -8.83 5.29 -4.99
N PHE A 30 -7.83 5.41 -4.08
CA PHE A 30 -6.41 5.49 -4.47
C PHE A 30 -5.86 4.11 -4.90
N ILE A 31 -6.29 3.05 -4.20
CA ILE A 31 -5.84 1.67 -4.53
C ILE A 31 -6.43 1.20 -5.87
N ASP A 32 -7.65 1.66 -6.16
CA ASP A 32 -8.35 1.40 -7.43
C ASP A 32 -7.74 2.26 -8.56
N SER A 33 -7.27 3.47 -8.20
CA SER A 33 -6.66 4.42 -9.14
C SER A 33 -5.23 3.99 -9.54
N HIS A 34 -4.57 3.19 -8.67
CA HIS A 34 -3.15 2.79 -8.88
C HIS A 34 -2.95 1.26 -8.65
N PRO A 35 -3.57 0.36 -9.49
CA PRO A 35 -3.37 -1.10 -9.38
C PRO A 35 -1.96 -1.52 -9.85
N LEU A 36 -1.52 -2.71 -9.40
CA LEU A 36 -0.18 -3.26 -9.70
C LEU A 36 -0.31 -4.64 -10.36
N PRO A 37 0.71 -5.05 -11.18
CA PRO A 37 0.81 -6.43 -11.72
C PRO A 37 1.03 -7.47 -10.60
N PRO A 38 0.60 -8.75 -10.78
CA PRO A 38 0.81 -9.84 -9.79
C PRO A 38 2.32 -10.09 -9.50
N ARG A 39 3.16 -9.84 -10.52
CA ARG A 39 4.63 -10.06 -10.42
C ARG A 39 5.38 -8.81 -9.92
N VAL A 40 4.70 -7.64 -9.86
CA VAL A 40 5.31 -6.40 -9.31
C VAL A 40 4.60 -6.04 -7.98
N PRO A 41 5.23 -6.36 -6.81
CA PRO A 41 4.68 -6.00 -5.48
C PRO A 41 4.77 -4.49 -5.16
N LEU A 42 4.25 -4.13 -3.97
CA LEU A 42 4.15 -2.73 -3.49
C LEU A 42 5.49 -1.94 -3.55
N PRO A 43 6.63 -2.42 -2.90
CA PRO A 43 7.89 -1.63 -2.83
C PRO A 43 8.69 -1.66 -4.15
N GLU A 44 8.32 -2.57 -5.06
CA GLU A 44 8.96 -2.74 -6.36
C GLU A 44 8.23 -1.97 -7.47
N ALA A 45 7.12 -1.29 -7.08
CA ALA A 45 6.37 -0.44 -8.00
C ALA A 45 7.16 0.87 -8.27
N PRO A 46 7.46 1.20 -9.57
CA PRO A 46 8.22 2.44 -9.93
C PRO A 46 7.38 3.73 -9.72
N PHE A 47 6.10 3.55 -9.35
CA PHE A 47 5.19 4.64 -8.97
C PHE A 47 5.70 5.38 -7.71
N TRP A 48 6.19 4.61 -6.72
CA TRP A 48 6.62 5.16 -5.41
C TRP A 48 8.02 5.78 -5.49
N THR A 49 8.29 6.69 -4.54
CA THR A 49 9.58 7.37 -4.40
C THR A 49 10.60 6.40 -3.78
N PRO A 50 11.95 6.61 -3.98
CA PRO A 50 12.99 5.70 -3.42
C PRO A 50 12.96 5.63 -1.87
N ALA A 51 12.52 6.73 -1.23
CA ALA A 51 12.41 6.82 0.24
C ALA A 51 11.25 5.97 0.77
N GLN A 52 10.05 6.15 0.18
CA GLN A 52 8.82 5.45 0.60
C GLN A 52 8.89 3.95 0.25
N ALA A 53 9.42 3.64 -0.94
CA ALA A 53 9.60 2.24 -1.41
C ALA A 53 10.61 1.48 -0.52
N ALA A 54 11.67 2.20 -0.09
CA ALA A 54 12.69 1.65 0.84
C ALA A 54 12.08 1.34 2.21
N PHE A 55 11.10 2.16 2.61
CA PHE A 55 10.35 1.98 3.87
C PHE A 55 9.43 0.74 3.78
N LEU A 56 8.68 0.66 2.67
CA LEU A 56 7.63 -0.36 2.45
C LEU A 56 8.22 -1.77 2.38
N ARG A 57 9.42 -1.90 1.75
CA ARG A 57 10.08 -3.22 1.57
C ARG A 57 10.56 -3.81 2.90
N GLN A 58 10.80 -2.95 3.91
CA GLN A 58 11.15 -3.40 5.27
C GLN A 58 9.91 -4.04 5.95
N ALA A 59 8.73 -3.54 5.55
CA ALA A 59 7.43 -4.01 6.04
C ALA A 59 6.93 -5.25 5.26
N LEU A 60 7.37 -5.42 3.99
CA LEU A 60 7.01 -6.61 3.17
C LEU A 60 7.93 -7.81 3.46
N GLU A 61 9.25 -7.57 3.37
CA GLU A 61 10.27 -8.63 3.47
C GLU A 61 10.55 -9.03 4.93
N CYS A 62 10.11 -8.19 5.87
CA CYS A 62 10.29 -8.43 7.31
C CYS A 62 9.07 -7.90 8.09
N ASP A 63 8.87 -8.41 9.31
CA ASP A 63 7.80 -7.94 10.19
C ASP A 63 8.18 -6.61 10.84
N ALA A 64 7.84 -5.51 10.15
CA ALA A 64 7.97 -4.15 10.67
C ALA A 64 6.71 -3.75 11.47
N GLU A 65 6.67 -2.50 11.95
CA GLU A 65 5.50 -1.94 12.64
C GLU A 65 4.34 -1.68 11.66
N TRP A 66 4.64 -1.75 10.35
CA TRP A 66 3.67 -1.57 9.26
C TRP A 66 3.63 -2.82 8.36
N SER A 67 3.97 -3.99 8.92
CA SER A 67 4.05 -5.25 8.15
C SER A 67 2.69 -5.63 7.53
N GLU A 68 1.63 -5.65 8.36
CA GLU A 68 0.24 -5.96 7.91
C GLU A 68 -0.33 -4.77 7.09
N ALA A 69 0.11 -3.55 7.42
CA ALA A 69 -0.33 -2.32 6.74
C ALA A 69 0.10 -2.31 5.27
N ALA A 70 1.39 -2.60 5.04
CA ALA A 70 2.03 -2.55 3.71
C ALA A 70 1.72 -3.82 2.90
N ASP A 71 1.61 -4.97 3.60
CA ASP A 71 1.18 -6.26 3.00
C ASP A 71 -0.31 -6.17 2.59
N GLY A 72 -1.07 -5.43 3.42
CA GLY A 72 -2.47 -5.15 3.15
C GLY A 72 -2.67 -4.24 1.95
N LEU A 73 -1.85 -3.17 1.89
CA LEU A 73 -1.82 -2.24 0.75
C LEU A 73 -1.36 -2.98 -0.54
N ALA A 74 -0.39 -3.90 -0.37
CA ALA A 74 0.21 -4.66 -1.48
C ALA A 74 -0.83 -5.52 -2.20
N VAL A 75 -1.59 -6.32 -1.43
CA VAL A 75 -2.60 -7.23 -1.97
C VAL A 75 -3.79 -6.45 -2.59
N LEU A 76 -4.10 -5.25 -2.05
CA LEU A 76 -5.15 -4.37 -2.59
C LEU A 76 -4.82 -3.86 -4.00
N LEU A 77 -3.54 -3.52 -4.20
CA LEU A 77 -3.05 -2.99 -5.49
C LEU A 77 -2.89 -4.12 -6.52
N GLN A 78 -2.20 -5.19 -6.12
CA GLN A 78 -1.88 -6.35 -7.00
C GLN A 78 -3.13 -7.14 -7.42
N GLN A 79 -4.19 -7.08 -6.59
CA GLN A 79 -5.51 -7.70 -6.90
C GLN A 79 -6.53 -6.63 -7.31
N GLY A 80 -6.05 -5.37 -7.45
CA GLY A 80 -6.86 -4.27 -7.94
C GLY A 80 -7.19 -4.44 -9.42
N GLU A 81 -8.50 -4.60 -9.70
CA GLU A 81 -9.00 -4.91 -11.05
C GLU A 81 -8.79 -3.72 -12.01
N ALA A 82 -8.10 -3.99 -13.14
CA ALA A 82 -7.81 -2.98 -14.18
C ALA A 82 -7.64 -3.68 -15.55
N MET A 4 -8.89 -9.76 1.62
CA MET A 4 -9.13 -8.41 1.08
C MET A 4 -9.92 -7.59 2.12
N ASP A 5 -9.22 -6.64 2.76
CA ASP A 5 -9.80 -5.76 3.80
C ASP A 5 -9.15 -4.38 3.71
N THR A 6 -9.94 -3.36 3.34
CA THR A 6 -9.50 -1.96 3.36
C THR A 6 -9.56 -1.44 4.81
N SER A 7 -8.55 -1.85 5.61
CA SER A 7 -8.47 -1.58 7.05
C SER A 7 -8.56 -0.08 7.35
N ASN A 8 -9.60 0.31 8.09
CA ASN A 8 -9.84 1.70 8.53
C ASN A 8 -8.91 2.08 9.72
N HIS A 9 -8.06 1.14 10.16
CA HIS A 9 -7.01 1.37 11.16
C HIS A 9 -5.65 1.50 10.48
N LEU A 10 -5.24 0.43 9.77
CA LEU A 10 -3.88 0.29 9.19
C LEU A 10 -3.64 1.28 8.02
N LEU A 11 -4.54 1.21 7.01
CA LEU A 11 -4.39 1.99 5.76
C LEU A 11 -4.39 3.53 5.99
N PRO A 12 -5.37 4.15 6.73
CA PRO A 12 -5.35 5.62 7.02
C PRO A 12 -3.99 6.16 7.52
N GLY A 13 -3.43 5.47 8.53
CA GLY A 13 -2.14 5.86 9.12
C GLY A 13 -0.96 5.65 8.16
N LEU A 14 -0.97 4.49 7.47
CA LEU A 14 0.08 4.12 6.48
C LEU A 14 0.13 5.15 5.33
N PHE A 15 -1.05 5.59 4.87
CA PHE A 15 -1.21 6.56 3.77
C PHE A 15 -0.74 7.95 4.22
N ARG A 16 -1.04 8.33 5.48
CA ARG A 16 -0.53 9.60 6.07
C ARG A 16 1.02 9.62 6.07
N GLN A 17 1.63 8.44 6.34
CA GLN A 17 3.11 8.28 6.35
C GLN A 17 3.68 8.15 4.91
N LEU A 18 2.82 7.72 3.97
CA LEU A 18 3.21 7.56 2.55
C LEU A 18 3.05 8.92 1.81
N GLY A 19 2.28 9.86 2.41
CA GLY A 19 2.05 11.22 1.87
C GLY A 19 0.63 11.41 1.32
N LEU A 20 -0.14 10.31 1.34
CA LEU A 20 -1.51 10.21 0.79
C LEU A 20 -2.59 10.58 1.84
N GLU A 21 -3.87 10.43 1.44
CA GLU A 21 -5.06 10.75 2.27
C GLU A 21 -5.55 9.50 3.02
N ASP A 22 -6.28 9.74 4.12
CA ASP A 22 -6.66 8.67 5.08
C ASP A 22 -8.18 8.36 5.06
N GLU A 23 -8.92 9.02 4.17
CA GLU A 23 -10.38 8.81 4.02
C GLU A 23 -10.61 7.50 3.25
N PRO A 24 -11.51 6.58 3.73
CA PRO A 24 -11.78 5.26 3.08
C PRO A 24 -12.04 5.35 1.56
N ALA A 25 -12.75 6.42 1.14
CA ALA A 25 -13.08 6.68 -0.28
C ALA A 25 -11.81 7.07 -1.07
N ALA A 26 -10.97 7.92 -0.46
CA ALA A 26 -9.70 8.40 -1.08
C ALA A 26 -8.67 7.26 -1.17
N ILE A 27 -8.60 6.47 -0.09
CA ILE A 27 -7.71 5.30 0.04
C ILE A 27 -7.95 4.29 -1.08
N ARG A 28 -9.23 3.90 -1.25
CA ARG A 28 -9.63 2.93 -2.26
C ARG A 28 -9.44 3.52 -3.66
N ALA A 29 -9.57 4.87 -3.76
CA ALA A 29 -9.37 5.60 -5.03
C ALA A 29 -7.88 5.61 -5.44
N PHE A 30 -6.95 5.58 -4.46
CA PHE A 30 -5.50 5.52 -4.74
C PHE A 30 -5.10 4.15 -5.32
N ILE A 31 -5.61 3.08 -4.71
CA ILE A 31 -5.27 1.70 -5.08
C ILE A 31 -6.01 1.26 -6.36
N ASP A 32 -7.21 1.84 -6.59
CA ASP A 32 -8.03 1.55 -7.79
C ASP A 32 -7.52 2.33 -9.03
N SER A 33 -7.25 3.64 -8.84
CA SER A 33 -6.77 4.53 -9.94
C SER A 33 -5.30 4.25 -10.28
N HIS A 34 -4.54 3.76 -9.29
CA HIS A 34 -3.15 3.31 -9.47
C HIS A 34 -3.04 1.86 -8.95
N PRO A 35 -3.52 0.84 -9.72
CA PRO A 35 -3.41 -0.57 -9.32
C PRO A 35 -2.05 -1.16 -9.70
N LEU A 36 -1.88 -2.46 -9.42
CA LEU A 36 -0.68 -3.24 -9.78
C LEU A 36 -1.12 -4.60 -10.35
N PRO A 37 -0.27 -5.23 -11.21
CA PRO A 37 -0.44 -6.65 -11.57
C PRO A 37 0.13 -7.54 -10.44
N PRO A 38 -0.23 -8.86 -10.38
CA PRO A 38 0.36 -9.82 -9.40
C PRO A 38 1.89 -10.06 -9.64
N ARG A 39 2.40 -9.46 -10.73
CA ARG A 39 3.79 -9.52 -11.14
C ARG A 39 4.64 -8.41 -10.45
N VAL A 40 4.02 -7.23 -10.20
CA VAL A 40 4.71 -6.09 -9.56
C VAL A 40 4.20 -5.89 -8.12
N PRO A 41 5.05 -6.12 -7.07
CA PRO A 41 4.68 -5.85 -5.67
C PRO A 41 4.70 -4.34 -5.31
N LEU A 42 4.22 -4.04 -4.08
CA LEU A 42 4.07 -2.67 -3.56
C LEU A 42 5.42 -1.87 -3.50
N PRO A 43 6.59 -2.45 -2.98
CA PRO A 43 7.91 -1.74 -2.94
C PRO A 43 8.53 -1.49 -4.34
N GLU A 44 7.99 -2.18 -5.36
CA GLU A 44 8.51 -2.10 -6.74
C GLU A 44 7.59 -1.29 -7.65
N ALA A 45 6.53 -0.69 -7.06
CA ALA A 45 5.60 0.17 -7.78
C ALA A 45 6.27 1.53 -8.10
N PRO A 46 6.38 1.92 -9.41
CA PRO A 46 6.98 3.23 -9.82
C PRO A 46 6.05 4.44 -9.48
N PHE A 47 4.87 4.12 -8.93
CA PHE A 47 3.87 5.09 -8.46
C PHE A 47 4.32 5.78 -7.16
N TRP A 48 5.19 5.10 -6.39
CA TRP A 48 5.74 5.60 -5.11
C TRP A 48 7.18 6.09 -5.33
N THR A 49 7.65 6.92 -4.40
CA THR A 49 9.03 7.41 -4.38
C THR A 49 9.96 6.31 -3.83
N PRO A 50 11.19 6.11 -4.40
CA PRO A 50 12.10 4.98 -4.02
C PRO A 50 12.46 4.95 -2.51
N ALA A 51 12.48 6.12 -1.84
CA ALA A 51 12.74 6.23 -0.39
C ALA A 51 11.59 5.58 0.41
N GLN A 52 10.36 6.00 0.06
CA GLN A 52 9.11 5.47 0.67
C GLN A 52 8.86 4.00 0.26
N ALA A 53 9.35 3.62 -0.94
CA ALA A 53 9.21 2.25 -1.48
C ALA A 53 10.15 1.29 -0.73
N ALA A 54 11.32 1.80 -0.32
CA ALA A 54 12.28 1.06 0.54
C ALA A 54 11.75 0.98 1.99
N PHE A 55 11.00 2.02 2.40
CA PHE A 55 10.31 2.06 3.71
C PHE A 55 9.09 1.09 3.74
N LEU A 56 8.50 0.84 2.55
CA LEU A 56 7.49 -0.22 2.38
C LEU A 56 8.17 -1.60 2.33
N ARG A 57 9.39 -1.64 1.76
CA ARG A 57 10.14 -2.88 1.52
C ARG A 57 10.58 -3.55 2.83
N GLN A 58 10.94 -2.74 3.85
CA GLN A 58 11.30 -3.24 5.20
C GLN A 58 10.10 -3.95 5.87
N ALA A 59 8.88 -3.49 5.51
CA ALA A 59 7.61 -4.02 6.05
C ALA A 59 7.23 -5.36 5.39
N LEU A 60 7.64 -5.51 4.11
CA LEU A 60 7.46 -6.78 3.36
C LEU A 60 8.63 -7.76 3.62
N GLU A 61 9.79 -7.20 4.02
CA GLU A 61 11.03 -7.97 4.31
C GLU A 61 10.89 -8.72 5.64
N CYS A 62 10.61 -7.95 6.70
CA CYS A 62 10.57 -8.46 8.08
C CYS A 62 9.46 -7.74 8.87
N ASP A 63 9.41 -8.00 10.18
CA ASP A 63 8.46 -7.35 11.10
C ASP A 63 8.89 -5.90 11.39
N ALA A 64 8.43 -4.98 10.54
CA ALA A 64 8.56 -3.53 10.73
C ALA A 64 7.27 -2.99 11.39
N GLU A 65 7.16 -1.65 11.50
CA GLU A 65 5.99 -1.00 12.11
C GLU A 65 4.72 -1.19 11.25
N TRP A 66 4.89 -1.21 9.91
CA TRP A 66 3.80 -1.43 8.93
C TRP A 66 3.87 -2.85 8.33
N SER A 67 4.41 -3.82 9.09
CA SER A 67 4.58 -5.22 8.63
C SER A 67 3.23 -5.85 8.21
N GLU A 68 2.18 -5.54 8.99
CA GLU A 68 0.81 -5.99 8.70
C GLU A 68 0.12 -5.07 7.65
N ALA A 69 0.37 -3.75 7.77
CA ALA A 69 -0.36 -2.72 6.99
C ALA A 69 0.04 -2.74 5.50
N ALA A 70 1.36 -2.63 5.24
CA ALA A 70 1.92 -2.59 3.86
C ALA A 70 1.74 -3.94 3.14
N ASP A 71 1.71 -5.03 3.92
CA ASP A 71 1.45 -6.40 3.40
C ASP A 71 -0.02 -6.54 2.98
N GLY A 72 -0.91 -6.11 3.88
CA GLY A 72 -2.36 -6.11 3.66
C GLY A 72 -2.79 -5.10 2.58
N LEU A 73 -1.93 -4.10 2.32
CA LEU A 73 -2.14 -3.12 1.24
C LEU A 73 -1.63 -3.70 -0.09
N ALA A 74 -0.49 -4.40 -0.04
CA ALA A 74 0.22 -4.92 -1.24
C ALA A 74 -0.68 -5.86 -2.07
N VAL A 75 -1.49 -6.67 -1.36
CA VAL A 75 -2.44 -7.61 -1.99
C VAL A 75 -3.59 -6.85 -2.72
N LEU A 76 -4.03 -5.71 -2.12
CA LEU A 76 -5.12 -4.88 -2.67
C LEU A 76 -4.68 -4.19 -3.99
N LEU A 77 -3.37 -3.89 -4.08
CA LEU A 77 -2.76 -3.34 -5.31
C LEU A 77 -2.66 -4.44 -6.40
N GLN A 78 -2.04 -5.57 -6.02
CA GLN A 78 -1.68 -6.65 -6.98
C GLN A 78 -2.90 -7.43 -7.49
N GLN A 79 -4.04 -7.32 -6.78
CA GLN A 79 -5.33 -7.90 -7.21
C GLN A 79 -6.27 -6.77 -7.65
N GLY A 80 -5.79 -6.00 -8.65
CA GLY A 80 -6.56 -4.89 -9.22
C GLY A 80 -7.76 -5.37 -10.03
N GLU A 81 -8.97 -5.00 -9.57
CA GLU A 81 -10.25 -5.34 -10.21
C GLU A 81 -11.07 -4.05 -10.42
N ALA A 82 -11.72 -3.93 -11.59
CA ALA A 82 -12.49 -2.73 -11.96
C ALA A 82 -13.60 -3.13 -12.97
N MET A 4 -14.31 -4.67 4.54
CA MET A 4 -13.50 -4.02 5.60
C MET A 4 -12.04 -3.83 5.14
N ASP A 5 -11.60 -4.57 4.12
CA ASP A 5 -10.19 -4.57 3.64
C ASP A 5 -9.71 -3.16 3.19
N THR A 6 -10.48 -2.47 2.32
CA THR A 6 -10.13 -1.12 1.83
C THR A 6 -10.51 0.00 2.84
N SER A 7 -11.16 -0.39 3.95
CA SER A 7 -11.59 0.54 5.02
C SER A 7 -11.03 0.08 6.39
N ASN A 8 -9.94 -0.71 6.34
CA ASN A 8 -9.25 -1.23 7.54
C ASN A 8 -8.26 -0.18 8.05
N HIS A 9 -8.13 -0.06 9.40
CA HIS A 9 -7.31 0.99 10.08
C HIS A 9 -5.83 0.97 9.64
N LEU A 10 -5.39 -0.18 9.12
CA LEU A 10 -4.05 -0.39 8.54
C LEU A 10 -3.76 0.63 7.41
N LEU A 11 -4.75 0.85 6.55
CA LEU A 11 -4.61 1.71 5.35
C LEU A 11 -4.52 3.24 5.71
N PRO A 12 -5.46 3.86 6.53
CA PRO A 12 -5.29 5.25 7.03
C PRO A 12 -3.90 5.59 7.55
N GLY A 13 -3.28 4.63 8.24
CA GLY A 13 -1.93 4.79 8.76
C GLY A 13 -0.86 4.74 7.66
N LEU A 14 -0.92 3.67 6.84
CA LEU A 14 0.10 3.35 5.81
C LEU A 14 0.16 4.49 4.76
N PHE A 15 -1.01 4.97 4.34
CA PHE A 15 -1.16 6.00 3.31
C PHE A 15 -0.60 7.35 3.78
N ARG A 16 -0.74 7.66 5.07
CA ARG A 16 -0.15 8.90 5.64
C ARG A 16 1.38 8.80 5.70
N GLN A 17 1.94 7.57 5.78
CA GLN A 17 3.39 7.35 5.69
C GLN A 17 3.88 7.59 4.26
N LEU A 18 2.97 7.40 3.28
CA LEU A 18 3.20 7.69 1.85
C LEU A 18 3.04 9.19 1.57
N GLY A 19 2.29 9.89 2.44
CA GLY A 19 1.93 11.31 2.24
C GLY A 19 0.54 11.46 1.60
N LEU A 20 -0.15 10.34 1.40
CA LEU A 20 -1.53 10.27 0.88
C LEU A 20 -2.55 10.46 2.01
N GLU A 21 -3.83 10.57 1.63
CA GLU A 21 -4.95 10.82 2.56
C GLU A 21 -5.35 9.54 3.34
N ASP A 22 -5.92 9.75 4.54
CA ASP A 22 -6.36 8.66 5.45
C ASP A 22 -7.88 8.45 5.42
N GLU A 23 -8.55 9.13 4.49
CA GLU A 23 -10.01 8.99 4.26
C GLU A 23 -10.30 7.75 3.40
N PRO A 24 -11.12 6.75 3.90
CA PRO A 24 -11.44 5.48 3.19
C PRO A 24 -11.83 5.65 1.71
N ALA A 25 -12.62 6.70 1.41
CA ALA A 25 -13.04 7.03 0.03
C ALA A 25 -11.83 7.40 -0.84
N ALA A 26 -10.94 8.23 -0.28
CA ALA A 26 -9.71 8.69 -0.96
C ALA A 26 -8.72 7.52 -1.13
N ILE A 27 -8.62 6.69 -0.08
CA ILE A 27 -7.72 5.53 0.00
C ILE A 27 -8.03 4.50 -1.09
N ARG A 28 -9.32 4.12 -1.16
CA ARG A 28 -9.79 3.13 -2.13
C ARG A 28 -9.71 3.71 -3.55
N ALA A 29 -9.84 5.06 -3.66
CA ALA A 29 -9.71 5.78 -4.93
C ALA A 29 -8.26 5.76 -5.45
N PHE A 30 -7.29 5.81 -4.51
CA PHE A 30 -5.85 5.75 -4.85
C PHE A 30 -5.50 4.39 -5.45
N ILE A 31 -5.91 3.30 -4.77
CA ILE A 31 -5.59 1.92 -5.20
C ILE A 31 -6.41 1.49 -6.43
N ASP A 32 -7.61 2.08 -6.58
CA ASP A 32 -8.47 1.87 -7.76
C ASP A 32 -7.85 2.51 -9.00
N SER A 33 -7.38 3.76 -8.85
CA SER A 33 -6.82 4.55 -9.96
C SER A 33 -5.32 4.25 -10.14
N HIS A 34 -4.69 3.60 -9.15
CA HIS A 34 -3.28 3.19 -9.19
C HIS A 34 -3.14 1.75 -8.66
N PRO A 35 -3.59 0.70 -9.44
CA PRO A 35 -3.45 -0.71 -9.04
C PRO A 35 -2.11 -1.33 -9.52
N LEU A 36 -1.87 -2.59 -9.12
CA LEU A 36 -0.65 -3.34 -9.49
C LEU A 36 -1.01 -4.68 -10.13
N PRO A 37 -0.13 -5.20 -11.06
CA PRO A 37 -0.21 -6.61 -11.53
C PRO A 37 0.29 -7.55 -10.41
N PRO A 38 -0.10 -8.87 -10.42
CA PRO A 38 0.31 -9.83 -9.36
C PRO A 38 1.84 -10.10 -9.32
N ARG A 39 2.57 -9.60 -10.34
CA ARG A 39 4.04 -9.70 -10.40
C ARG A 39 4.70 -8.61 -9.52
N VAL A 40 4.07 -7.42 -9.49
CA VAL A 40 4.64 -6.23 -8.80
C VAL A 40 4.01 -6.08 -7.39
N PRO A 41 4.83 -6.25 -6.29
CA PRO A 41 4.38 -5.99 -4.92
C PRO A 41 4.46 -4.48 -4.54
N LEU A 42 4.04 -4.16 -3.30
CA LEU A 42 3.95 -2.77 -2.79
C LEU A 42 5.32 -1.99 -2.81
N PRO A 43 6.48 -2.57 -2.30
CA PRO A 43 7.77 -1.84 -2.26
C PRO A 43 8.39 -1.65 -3.66
N GLU A 44 7.87 -2.41 -4.64
CA GLU A 44 8.36 -2.39 -6.04
C GLU A 44 7.41 -1.59 -6.93
N ALA A 45 6.35 -1.02 -6.33
CA ALA A 45 5.39 -0.16 -7.04
C ALA A 45 6.06 1.17 -7.44
N PRO A 46 6.03 1.55 -8.76
CA PRO A 46 6.68 2.79 -9.26
C PRO A 46 5.86 4.08 -8.93
N PHE A 47 4.81 3.93 -8.10
CA PHE A 47 3.99 5.04 -7.62
C PHE A 47 4.77 5.88 -6.59
N TRP A 48 5.66 5.22 -5.85
CA TRP A 48 6.43 5.81 -4.74
C TRP A 48 7.81 6.22 -5.24
N THR A 49 8.43 7.19 -4.58
CA THR A 49 9.82 7.60 -4.82
C THR A 49 10.78 6.48 -4.40
N PRO A 50 12.05 6.42 -4.93
CA PRO A 50 13.04 5.38 -4.54
C PRO A 50 13.33 5.37 -3.01
N ALA A 51 13.14 6.54 -2.39
CA ALA A 51 13.25 6.72 -0.94
C ALA A 51 12.09 6.04 -0.20
N GLN A 52 10.84 6.34 -0.65
CA GLN A 52 9.61 5.83 0.00
C GLN A 52 9.47 4.32 -0.17
N ALA A 53 9.72 3.85 -1.39
CA ALA A 53 9.70 2.43 -1.76
C ALA A 53 10.72 1.61 -0.92
N ALA A 54 11.80 2.29 -0.51
CA ALA A 54 12.83 1.71 0.38
C ALA A 54 12.26 1.51 1.81
N PHE A 55 11.52 2.53 2.33
CA PHE A 55 10.85 2.48 3.65
C PHE A 55 9.79 1.36 3.69
N LEU A 56 9.10 1.18 2.55
CA LEU A 56 8.11 0.10 2.36
C LEU A 56 8.80 -1.26 2.30
N ARG A 57 9.97 -1.33 1.66
CA ARG A 57 10.75 -2.58 1.57
C ARG A 57 11.20 -3.03 2.99
N GLN A 58 11.38 -2.07 3.90
CA GLN A 58 11.66 -2.36 5.34
C GLN A 58 10.46 -3.06 6.01
N ALA A 59 9.24 -2.64 5.63
CA ALA A 59 7.97 -3.15 6.20
C ALA A 59 7.62 -4.56 5.69
N LEU A 60 7.84 -4.81 4.39
CA LEU A 60 7.52 -6.11 3.75
C LEU A 60 8.59 -7.17 4.06
N GLU A 61 9.86 -6.79 3.88
CA GLU A 61 11.00 -7.72 4.01
C GLU A 61 11.27 -8.06 5.47
N CYS A 62 11.33 -7.01 6.31
CA CYS A 62 11.66 -7.13 7.75
C CYS A 62 10.42 -6.84 8.60
N ASP A 63 10.48 -7.25 9.88
CA ASP A 63 9.40 -6.99 10.86
C ASP A 63 9.25 -5.48 11.11
N ALA A 64 7.99 -5.02 11.14
CA ALA A 64 7.66 -3.60 11.31
C ALA A 64 6.24 -3.45 11.85
N GLU A 65 5.92 -2.23 12.33
CA GLU A 65 4.56 -1.87 12.75
C GLU A 65 3.60 -1.75 11.54
N TRP A 66 4.19 -1.71 10.32
CA TRP A 66 3.44 -1.60 9.05
C TRP A 66 3.55 -2.89 8.23
N SER A 67 3.95 -4.01 8.87
CA SER A 67 4.13 -5.31 8.20
C SER A 67 2.78 -5.83 7.64
N GLU A 68 1.73 -5.85 8.49
CA GLU A 68 0.39 -6.33 8.12
C GLU A 68 -0.35 -5.29 7.23
N ALA A 69 -0.06 -4.01 7.46
CA ALA A 69 -0.68 -2.89 6.72
C ALA A 69 -0.21 -2.86 5.26
N ALA A 70 1.10 -3.07 5.10
CA ALA A 70 1.76 -3.05 3.79
C ALA A 70 1.48 -4.33 3.00
N ASP A 71 1.37 -5.47 3.72
CA ASP A 71 0.98 -6.76 3.13
C ASP A 71 -0.47 -6.71 2.63
N GLY A 72 -1.35 -6.16 3.48
CA GLY A 72 -2.76 -5.96 3.16
C GLY A 72 -2.96 -5.10 1.92
N LEU A 73 -2.23 -3.96 1.89
CA LEU A 73 -2.29 -3.01 0.78
C LEU A 73 -1.77 -3.62 -0.53
N ALA A 74 -0.64 -4.36 -0.45
CA ALA A 74 0.01 -5.00 -1.61
C ALA A 74 -0.97 -5.95 -2.33
N VAL A 75 -1.74 -6.70 -1.53
CA VAL A 75 -2.78 -7.62 -2.02
C VAL A 75 -3.91 -6.82 -2.72
N LEU A 76 -4.37 -5.73 -2.08
CA LEU A 76 -5.50 -4.90 -2.58
C LEU A 76 -5.17 -4.20 -3.91
N LEU A 77 -3.90 -3.86 -4.10
CA LEU A 77 -3.38 -3.30 -5.37
C LEU A 77 -3.46 -4.35 -6.48
N GLN A 78 -3.04 -5.58 -6.14
CA GLN A 78 -3.03 -6.74 -7.08
C GLN A 78 -4.43 -7.37 -7.22
N GLN A 79 -5.35 -6.99 -6.32
CA GLN A 79 -6.80 -7.34 -6.41
C GLN A 79 -7.58 -6.17 -7.00
N GLY A 80 -6.85 -5.10 -7.39
CA GLY A 80 -7.41 -3.99 -8.15
C GLY A 80 -7.56 -4.35 -9.62
N GLU A 81 -8.43 -5.35 -9.88
CA GLU A 81 -8.60 -5.95 -11.20
C GLU A 81 -9.31 -4.98 -12.17
N ALA A 82 -8.52 -4.37 -13.06
CA ALA A 82 -9.00 -3.49 -14.13
C ALA A 82 -9.76 -4.33 -15.20
N MET A 4 -6.78 -8.78 -0.73
CA MET A 4 -7.93 -7.87 -0.96
C MET A 4 -8.53 -7.39 0.40
N ASP A 5 -7.98 -7.89 1.53
CA ASP A 5 -8.38 -7.43 2.87
C ASP A 5 -7.93 -5.97 3.11
N THR A 6 -8.90 -5.05 3.14
CA THR A 6 -8.67 -3.63 3.46
C THR A 6 -8.34 -3.45 4.96
N SER A 7 -7.05 -3.28 5.28
CA SER A 7 -6.57 -3.12 6.66
C SER A 7 -7.23 -1.88 7.33
N ASN A 8 -8.17 -2.15 8.25
CA ASN A 8 -9.11 -1.13 8.80
C ASN A 8 -8.40 0.11 9.41
N HIS A 9 -7.35 -0.13 10.23
CA HIS A 9 -6.59 0.95 10.91
C HIS A 9 -5.21 1.16 10.26
N LEU A 10 -4.64 0.07 9.70
CA LEU A 10 -3.25 0.04 9.21
C LEU A 10 -3.11 0.82 7.88
N LEU A 11 -4.08 0.58 6.98
CA LEU A 11 -4.09 1.14 5.60
C LEU A 11 -4.30 2.70 5.62
N PRO A 12 -5.32 3.28 6.39
CA PRO A 12 -5.41 4.76 6.63
C PRO A 12 -4.09 5.33 7.20
N GLY A 13 -3.55 4.65 8.22
CA GLY A 13 -2.30 5.03 8.87
C GLY A 13 -1.11 5.04 7.90
N LEU A 14 -1.10 4.09 6.96
CA LEU A 14 -0.03 3.96 5.95
C LEU A 14 -0.08 5.12 4.97
N PHE A 15 -1.31 5.52 4.59
CA PHE A 15 -1.55 6.65 3.67
C PHE A 15 -1.12 7.99 4.34
N ARG A 16 -1.29 8.11 5.67
CA ARG A 16 -0.78 9.27 6.45
C ARG A 16 0.74 9.37 6.33
N GLN A 17 1.39 8.19 6.40
CA GLN A 17 2.84 8.03 6.34
C GLN A 17 3.38 8.34 4.92
N LEU A 18 2.64 7.89 3.89
CA LEU A 18 3.02 8.06 2.46
C LEU A 18 2.60 9.45 1.90
N GLY A 19 1.92 10.26 2.74
CA GLY A 19 1.50 11.63 2.38
C GLY A 19 0.21 11.67 1.55
N LEU A 20 -0.46 10.50 1.45
CA LEU A 20 -1.73 10.34 0.73
C LEU A 20 -2.93 10.61 1.67
N GLU A 21 -4.16 10.43 1.14
CA GLU A 21 -5.41 10.66 1.90
C GLU A 21 -5.77 9.41 2.73
N ASP A 22 -5.87 9.60 4.07
CA ASP A 22 -6.10 8.49 5.04
C ASP A 22 -7.57 8.07 5.14
N GLU A 23 -8.46 8.81 4.49
CA GLU A 23 -9.90 8.54 4.58
C GLU A 23 -10.25 7.34 3.66
N PRO A 24 -10.97 6.30 4.18
CA PRO A 24 -11.25 5.01 3.46
C PRO A 24 -11.95 5.23 2.09
N ALA A 25 -12.72 6.33 2.00
CA ALA A 25 -13.46 6.72 0.78
C ALA A 25 -12.51 7.11 -0.36
N ALA A 26 -11.46 7.89 -0.01
CA ALA A 26 -10.43 8.34 -0.99
C ALA A 26 -9.39 7.26 -1.23
N ILE A 27 -9.15 6.40 -0.21
CA ILE A 27 -8.22 5.25 -0.31
C ILE A 27 -8.71 4.26 -1.36
N ARG A 28 -9.99 3.84 -1.23
CA ARG A 28 -10.61 2.85 -2.11
C ARG A 28 -10.65 3.37 -3.56
N ALA A 29 -10.76 4.72 -3.69
CA ALA A 29 -10.78 5.41 -4.98
C ALA A 29 -9.35 5.49 -5.58
N PHE A 30 -8.34 5.68 -4.71
CA PHE A 30 -6.92 5.79 -5.12
C PHE A 30 -6.39 4.44 -5.64
N ILE A 31 -6.66 3.38 -4.87
CA ILE A 31 -6.18 2.01 -5.17
C ILE A 31 -6.91 1.42 -6.40
N ASP A 32 -8.18 1.87 -6.58
CA ASP A 32 -8.99 1.54 -7.77
C ASP A 32 -8.39 2.23 -9.02
N SER A 33 -8.05 3.52 -8.86
CA SER A 33 -7.55 4.38 -9.95
C SER A 33 -6.16 3.91 -10.43
N HIS A 34 -5.31 3.53 -9.45
CA HIS A 34 -3.96 3.03 -9.70
C HIS A 34 -3.73 1.74 -8.89
N PRO A 35 -4.08 0.55 -9.47
CA PRO A 35 -3.69 -0.75 -8.90
C PRO A 35 -2.22 -1.10 -9.23
N LEU A 36 -1.89 -2.39 -9.10
CA LEU A 36 -0.59 -2.96 -9.50
C LEU A 36 -0.84 -4.30 -10.19
N PRO A 37 0.13 -4.81 -11.02
CA PRO A 37 0.06 -6.17 -11.57
C PRO A 37 0.48 -7.19 -10.49
N PRO A 38 -0.04 -8.47 -10.54
CA PRO A 38 0.18 -9.47 -9.45
C PRO A 38 1.66 -9.88 -9.26
N ARG A 39 2.54 -9.56 -10.24
CA ARG A 39 3.98 -9.86 -10.14
C ARG A 39 4.78 -8.71 -9.50
N VAL A 40 4.27 -7.46 -9.59
CA VAL A 40 4.96 -6.28 -9.03
C VAL A 40 4.34 -5.91 -7.66
N PRO A 41 5.05 -6.20 -6.52
CA PRO A 41 4.57 -5.82 -5.18
C PRO A 41 4.68 -4.31 -4.90
N LEU A 42 4.15 -3.91 -3.73
CA LEU A 42 4.09 -2.51 -3.29
C LEU A 42 5.49 -1.81 -3.25
N PRO A 43 6.58 -2.41 -2.63
CA PRO A 43 7.93 -1.77 -2.58
C PRO A 43 8.65 -1.74 -3.95
N GLU A 44 8.12 -2.49 -4.93
CA GLU A 44 8.67 -2.54 -6.30
C GLU A 44 7.82 -1.72 -7.28
N ALA A 45 6.73 -1.09 -6.77
CA ALA A 45 5.88 -0.20 -7.57
C ALA A 45 6.65 1.09 -7.95
N PRO A 46 6.94 1.34 -9.28
CA PRO A 46 7.77 2.49 -9.73
C PRO A 46 7.16 3.87 -9.38
N PHE A 47 5.88 3.86 -8.96
CA PHE A 47 5.14 5.04 -8.46
C PHE A 47 5.87 5.72 -7.29
N TRP A 48 6.39 4.89 -6.35
CA TRP A 48 7.05 5.38 -5.12
C TRP A 48 8.48 5.86 -5.40
N THR A 49 8.95 6.76 -4.55
CA THR A 49 10.33 7.23 -4.54
C THR A 49 11.25 6.13 -3.96
N PRO A 50 12.60 6.16 -4.21
CA PRO A 50 13.53 5.12 -3.66
C PRO A 50 13.55 5.09 -2.10
N ALA A 51 13.23 6.24 -1.48
CA ALA A 51 13.07 6.34 -0.01
C ALA A 51 11.84 5.53 0.46
N GLN A 52 10.67 5.82 -0.16
CA GLN A 52 9.41 5.11 0.13
C GLN A 52 9.46 3.63 -0.29
N ALA A 53 10.26 3.32 -1.32
CA ALA A 53 10.42 1.95 -1.85
C ALA A 53 11.17 1.07 -0.84
N ALA A 54 12.25 1.64 -0.27
CA ALA A 54 13.06 0.99 0.77
C ALA A 54 12.30 0.90 2.12
N PHE A 55 11.45 1.91 2.36
CA PHE A 55 10.60 2.02 3.57
C PHE A 55 9.54 0.90 3.59
N LEU A 56 8.92 0.68 2.42
CA LEU A 56 7.91 -0.37 2.23
C LEU A 56 8.60 -1.75 2.14
N ARG A 57 9.85 -1.78 1.61
CA ARG A 57 10.63 -3.03 1.45
C ARG A 57 10.87 -3.70 2.79
N GLN A 58 11.44 -2.94 3.75
CA GLN A 58 11.74 -3.43 5.12
C GLN A 58 10.48 -3.85 5.88
N ALA A 59 9.31 -3.32 5.46
CA ALA A 59 8.00 -3.65 6.04
C ALA A 59 7.51 -5.02 5.56
N LEU A 60 7.81 -5.39 4.28
CA LEU A 60 7.49 -6.75 3.75
C LEU A 60 8.66 -7.74 3.97
N GLU A 61 9.87 -7.21 4.22
CA GLU A 61 11.10 -8.02 4.40
C GLU A 61 11.22 -8.49 5.87
N CYS A 62 10.82 -7.62 6.80
CA CYS A 62 10.92 -7.88 8.24
C CYS A 62 9.64 -7.40 8.96
N ASP A 63 9.42 -7.89 10.19
CA ASP A 63 8.26 -7.52 11.01
C ASP A 63 8.43 -6.09 11.53
N ALA A 64 7.97 -5.13 10.70
CA ALA A 64 8.03 -3.69 10.99
C ALA A 64 6.69 -3.21 11.55
N GLU A 65 6.66 -1.93 11.95
CA GLU A 65 5.41 -1.26 12.41
C GLU A 65 4.38 -1.19 11.27
N TRP A 66 4.88 -1.13 10.03
CA TRP A 66 4.06 -0.99 8.81
C TRP A 66 4.02 -2.29 8.00
N SER A 67 4.28 -3.43 8.67
CA SER A 67 4.35 -4.76 8.01
C SER A 67 2.99 -5.16 7.42
N GLU A 68 1.95 -5.09 8.28
CA GLU A 68 0.56 -5.46 7.92
C GLU A 68 -0.12 -4.33 7.10
N ALA A 69 0.39 -3.11 7.26
CA ALA A 69 -0.09 -1.92 6.52
C ALA A 69 0.31 -2.03 5.04
N ALA A 70 1.61 -2.26 4.81
CA ALA A 70 2.20 -2.38 3.47
C ALA A 70 1.76 -3.67 2.78
N ASP A 71 1.53 -4.72 3.59
CA ASP A 71 0.90 -5.97 3.13
C ASP A 71 -0.53 -5.67 2.66
N GLY A 72 -1.27 -4.93 3.50
CA GLY A 72 -2.68 -4.61 3.26
C GLY A 72 -2.92 -3.78 2.01
N LEU A 73 -1.94 -2.92 1.66
CA LEU A 73 -2.01 -2.11 0.44
C LEU A 73 -1.60 -2.96 -0.79
N ALA A 74 -0.56 -3.79 -0.64
CA ALA A 74 -0.03 -4.65 -1.74
C ALA A 74 -1.09 -5.66 -2.22
N VAL A 75 -1.81 -6.28 -1.27
CA VAL A 75 -2.85 -7.29 -1.55
C VAL A 75 -4.08 -6.68 -2.24
N LEU A 76 -4.30 -5.37 -2.06
CA LEU A 76 -5.39 -4.63 -2.73
C LEU A 76 -5.02 -4.32 -4.19
N LEU A 77 -3.82 -3.77 -4.38
CA LEU A 77 -3.35 -3.28 -5.68
C LEU A 77 -3.14 -4.43 -6.68
N GLN A 78 -2.43 -5.49 -6.23
CA GLN A 78 -2.02 -6.61 -7.10
C GLN A 78 -3.21 -7.53 -7.51
N GLN A 79 -4.38 -7.34 -6.89
CA GLN A 79 -5.61 -8.07 -7.27
C GLN A 79 -6.33 -7.34 -8.42
N GLY A 80 -6.53 -8.07 -9.53
CA GLY A 80 -7.21 -7.55 -10.72
C GLY A 80 -8.73 -7.54 -10.58
N GLU A 81 -9.24 -6.65 -9.71
CA GLU A 81 -10.69 -6.43 -9.53
C GLU A 81 -11.28 -5.77 -10.80
N ALA A 82 -12.35 -6.36 -11.34
CA ALA A 82 -13.00 -5.90 -12.59
C ALA A 82 -14.15 -4.90 -12.27
N MET A 4 -14.11 -8.19 6.41
CA MET A 4 -13.00 -7.34 5.94
C MET A 4 -13.42 -6.57 4.68
N ASP A 5 -12.76 -5.42 4.45
CA ASP A 5 -13.03 -4.52 3.32
C ASP A 5 -11.68 -4.02 2.80
N THR A 6 -11.69 -3.28 1.66
CA THR A 6 -10.47 -2.59 1.16
C THR A 6 -9.93 -1.67 2.25
N SER A 7 -10.76 -0.68 2.67
CA SER A 7 -10.39 0.32 3.66
C SER A 7 -10.25 -0.31 5.05
N ASN A 8 -9.04 -0.82 5.32
CA ASN A 8 -8.62 -1.35 6.64
C ASN A 8 -8.25 -0.15 7.53
N HIS A 9 -8.42 -0.28 8.85
CA HIS A 9 -8.07 0.77 9.83
C HIS A 9 -6.56 1.10 9.86
N LEU A 10 -5.76 0.15 9.33
CA LEU A 10 -4.30 0.27 9.22
C LEU A 10 -3.89 1.17 8.03
N LEU A 11 -4.76 1.26 7.01
CA LEU A 11 -4.47 2.01 5.76
C LEU A 11 -4.37 3.56 5.96
N PRO A 12 -5.34 4.27 6.68
CA PRO A 12 -5.19 5.72 6.98
C PRO A 12 -3.80 6.07 7.56
N GLY A 13 -3.37 5.27 8.56
CA GLY A 13 -2.07 5.43 9.22
C GLY A 13 -0.89 5.19 8.29
N LEU A 14 -1.01 4.21 7.38
CA LEU A 14 0.06 3.83 6.43
C LEU A 14 0.24 4.95 5.37
N PHE A 15 -0.90 5.40 4.80
CA PHE A 15 -0.95 6.51 3.82
C PHE A 15 -0.41 7.82 4.43
N ARG A 16 -0.64 8.03 5.74
CA ARG A 16 -0.07 9.20 6.48
C ARG A 16 1.47 9.16 6.48
N GLN A 17 2.05 7.94 6.62
CA GLN A 17 3.52 7.75 6.62
C GLN A 17 4.11 7.99 5.23
N LEU A 18 3.30 7.74 4.19
CA LEU A 18 3.66 8.00 2.79
C LEU A 18 3.36 9.47 2.39
N GLY A 19 2.60 10.17 3.26
CA GLY A 19 2.22 11.57 3.04
C GLY A 19 1.03 11.72 2.09
N LEU A 20 0.36 10.59 1.82
CA LEU A 20 -0.83 10.51 0.96
C LEU A 20 -2.11 10.78 1.77
N GLU A 21 -3.26 10.72 1.09
CA GLU A 21 -4.57 10.96 1.69
C GLU A 21 -4.97 9.79 2.62
N ASP A 22 -5.26 10.14 3.88
CA ASP A 22 -5.64 9.20 4.95
C ASP A 22 -7.16 8.93 4.96
N GLU A 23 -7.85 9.47 3.94
CA GLU A 23 -9.29 9.33 3.74
C GLU A 23 -9.55 7.94 3.15
N PRO A 24 -10.25 7.00 3.88
CA PRO A 24 -10.57 5.63 3.39
C PRO A 24 -11.28 5.59 2.01
N ALA A 25 -12.10 6.63 1.73
CA ALA A 25 -12.82 6.78 0.44
C ALA A 25 -11.84 7.11 -0.71
N ALA A 26 -10.80 7.91 -0.40
CA ALA A 26 -9.74 8.28 -1.35
C ALA A 26 -8.75 7.11 -1.53
N ILE A 27 -8.51 6.39 -0.43
CA ILE A 27 -7.60 5.23 -0.36
C ILE A 27 -8.06 4.12 -1.31
N ARG A 28 -9.36 3.75 -1.19
CA ARG A 28 -9.98 2.69 -2.02
C ARG A 28 -10.02 3.12 -3.50
N ALA A 29 -10.06 4.45 -3.72
CA ALA A 29 -10.08 5.05 -5.06
C ALA A 29 -8.68 4.99 -5.73
N PHE A 30 -7.60 5.18 -4.91
CA PHE A 30 -6.21 5.21 -5.42
C PHE A 30 -5.75 3.80 -5.83
N ILE A 31 -6.01 2.80 -4.98
CA ILE A 31 -5.65 1.39 -5.26
C ILE A 31 -6.44 0.87 -6.49
N ASP A 32 -7.66 1.43 -6.68
CA ASP A 32 -8.53 1.12 -7.84
C ASP A 32 -8.00 1.76 -9.14
N SER A 33 -7.47 3.00 -9.02
CA SER A 33 -6.96 3.77 -10.18
C SER A 33 -5.48 3.45 -10.47
N HIS A 34 -4.81 2.74 -9.54
CA HIS A 34 -3.41 2.30 -9.69
C HIS A 34 -3.29 0.79 -9.33
N PRO A 35 -3.91 -0.16 -10.13
CA PRO A 35 -3.78 -1.61 -9.87
C PRO A 35 -2.38 -2.12 -10.29
N LEU A 36 -1.83 -3.03 -9.48
CA LEU A 36 -0.59 -3.76 -9.79
C LEU A 36 -0.91 -5.20 -10.21
N PRO A 37 -0.01 -5.85 -11.00
CA PRO A 37 -0.07 -7.30 -11.25
C PRO A 37 0.64 -8.07 -10.10
N PRO A 38 0.37 -9.41 -9.94
CA PRO A 38 1.10 -10.28 -8.96
C PRO A 38 2.64 -10.22 -9.12
N ARG A 39 3.09 -9.81 -10.32
CA ARG A 39 4.50 -9.69 -10.68
C ARG A 39 5.18 -8.53 -9.89
N VAL A 40 4.42 -7.41 -9.71
CA VAL A 40 4.91 -6.20 -9.02
C VAL A 40 4.23 -6.06 -7.64
N PRO A 41 4.98 -6.24 -6.51
CA PRO A 41 4.45 -5.99 -5.15
C PRO A 41 4.42 -4.50 -4.78
N LEU A 42 3.99 -4.20 -3.53
CA LEU A 42 3.82 -2.81 -3.03
C LEU A 42 5.11 -1.94 -3.18
N PRO A 43 6.32 -2.34 -2.62
CA PRO A 43 7.53 -1.45 -2.62
C PRO A 43 8.05 -1.17 -4.05
N GLU A 44 7.80 -2.15 -4.94
CA GLU A 44 8.31 -2.15 -6.33
C GLU A 44 7.39 -1.35 -7.26
N ALA A 45 6.31 -0.77 -6.71
CA ALA A 45 5.42 0.13 -7.44
C ALA A 45 6.13 1.49 -7.66
N PRO A 46 6.27 1.97 -8.95
CA PRO A 46 6.92 3.27 -9.27
C PRO A 46 6.07 4.50 -8.84
N PHE A 47 4.87 4.22 -8.29
CA PHE A 47 3.93 5.24 -7.80
C PHE A 47 4.42 5.89 -6.49
N TRP A 48 5.40 5.24 -5.82
CA TRP A 48 5.98 5.73 -4.57
C TRP A 48 7.30 6.47 -4.86
N THR A 49 7.72 7.34 -3.93
CA THR A 49 9.04 8.00 -3.98
C THR A 49 10.11 6.98 -3.55
N PRO A 50 11.43 7.17 -3.92
CA PRO A 50 12.52 6.22 -3.55
C PRO A 50 12.65 6.02 -2.00
N ALA A 51 12.22 7.03 -1.23
CA ALA A 51 12.13 6.95 0.24
C ALA A 51 11.02 5.96 0.67
N GLN A 52 9.81 6.14 0.08
CA GLN A 52 8.63 5.30 0.36
C GLN A 52 8.85 3.86 -0.12
N ALA A 53 9.57 3.70 -1.24
CA ALA A 53 9.83 2.40 -1.88
C ALA A 53 10.70 1.51 -0.97
N ALA A 54 11.67 2.14 -0.30
CA ALA A 54 12.55 1.45 0.68
C ALA A 54 11.81 1.22 2.02
N PHE A 55 11.01 2.22 2.44
CA PHE A 55 10.20 2.16 3.68
C PHE A 55 9.23 0.95 3.65
N LEU A 56 8.56 0.81 2.51
CA LEU A 56 7.61 -0.28 2.25
C LEU A 56 8.35 -1.61 1.95
N ARG A 57 9.59 -1.52 1.44
CA ARG A 57 10.44 -2.70 1.16
C ARG A 57 10.74 -3.46 2.45
N GLN A 58 11.20 -2.74 3.48
CA GLN A 58 11.46 -3.32 4.83
C GLN A 58 10.15 -3.75 5.53
N ALA A 59 9.01 -3.19 5.10
CA ALA A 59 7.69 -3.56 5.64
C ALA A 59 7.18 -4.88 5.03
N LEU A 60 7.58 -5.20 3.78
CA LEU A 60 7.18 -6.45 3.10
C LEU A 60 8.20 -7.59 3.35
N GLU A 61 9.50 -7.31 3.21
CA GLU A 61 10.57 -8.32 3.32
C GLU A 61 10.70 -8.87 4.76
N CYS A 62 10.62 -7.96 5.75
CA CYS A 62 10.74 -8.31 7.18
C CYS A 62 9.58 -7.71 7.97
N ASP A 63 9.42 -8.14 9.23
CA ASP A 63 8.38 -7.64 10.14
C ASP A 63 8.78 -6.25 10.67
N ALA A 64 8.35 -5.22 9.94
CA ALA A 64 8.48 -3.81 10.37
C ALA A 64 7.28 -3.42 11.25
N GLU A 65 7.29 -2.15 11.71
CA GLU A 65 6.20 -1.57 12.52
C GLU A 65 4.90 -1.41 11.69
N TRP A 66 5.04 -1.49 10.36
CA TRP A 66 3.95 -1.25 9.39
C TRP A 66 3.76 -2.47 8.47
N SER A 67 4.36 -3.62 8.84
CA SER A 67 4.39 -4.83 7.99
C SER A 67 2.97 -5.33 7.64
N GLU A 68 2.07 -5.27 8.62
CA GLU A 68 0.67 -5.73 8.48
C GLU A 68 -0.15 -4.76 7.59
N ALA A 69 0.09 -3.46 7.79
CA ALA A 69 -0.60 -2.37 7.06
C ALA A 69 -0.18 -2.34 5.57
N ALA A 70 1.11 -2.62 5.35
CA ALA A 70 1.75 -2.57 4.02
C ALA A 70 1.44 -3.87 3.24
N ASP A 71 1.34 -4.99 3.96
CA ASP A 71 0.89 -6.28 3.40
C ASP A 71 -0.53 -6.16 2.83
N GLY A 72 -1.41 -5.54 3.64
CA GLY A 72 -2.80 -5.25 3.24
C GLY A 72 -2.88 -4.41 1.97
N LEU A 73 -2.06 -3.34 1.91
CA LEU A 73 -2.00 -2.41 0.76
C LEU A 73 -1.50 -3.17 -0.51
N ALA A 74 -0.50 -4.05 -0.31
CA ALA A 74 0.11 -4.85 -1.40
C ALA A 74 -0.92 -5.73 -2.10
N VAL A 75 -1.76 -6.40 -1.29
CA VAL A 75 -2.87 -7.24 -1.76
C VAL A 75 -3.87 -6.40 -2.58
N LEU A 76 -4.24 -5.25 -2.05
CA LEU A 76 -5.30 -4.37 -2.61
C LEU A 76 -4.90 -3.72 -3.95
N LEU A 77 -3.59 -3.59 -4.19
CA LEU A 77 -3.07 -3.19 -5.51
C LEU A 77 -3.14 -4.38 -6.48
N GLN A 78 -2.63 -5.54 -6.03
CA GLN A 78 -2.56 -6.78 -6.84
C GLN A 78 -3.95 -7.45 -7.02
N GLN A 79 -4.95 -6.95 -6.28
CA GLN A 79 -6.37 -7.33 -6.44
C GLN A 79 -7.15 -6.15 -7.03
N GLY A 80 -7.89 -6.39 -8.11
CA GLY A 80 -8.69 -5.35 -8.75
C GLY A 80 -9.74 -5.90 -9.71
N GLU A 81 -10.87 -5.20 -9.83
CA GLU A 81 -11.93 -5.48 -10.81
C GLU A 81 -12.22 -4.19 -11.60
N ALA A 82 -12.31 -4.31 -12.93
CA ALA A 82 -12.53 -3.17 -13.83
C ALA A 82 -13.04 -3.70 -15.20
#